data_8EE1
#
_entry.id   8EE1
#
_cell.length_a   249.370
_cell.length_b   252.440
_cell.length_c   63.920
_cell.angle_alpha   90.000
_cell.angle_beta   90.000
_cell.angle_gamma   90.000
#
_symmetry.space_group_name_H-M   'P 21 21 2'
#
loop_
_entity.id
_entity.type
_entity.pdbx_description
1 polymer '6-deoxyerythronolide B synthase'
2 polymer 'AA5 antibody heavy chain'
3 polymer 'AA5 antibody light chain'
4 water water
#
loop_
_entity_poly.entity_id
_entity_poly.type
_entity_poly.pdbx_seq_one_letter_code
_entity_poly.pdbx_strand_id
1 'polypeptide(L)'
;MASTDSEKVAEYLRRATLDLRAARQRIRELESEPIAIVGMACRLPGEVDSPERLWELITSGRDSAAEVPDDRGWVPDELM
ASDAAGTRRAHGNFMAGAGDFDAAFFGISPREALAMDPQQRQALETTWEALESAGIPPETLRGSDTGVFVGMSHQGYATG
RPRPEDGVDGYLLTGNTASVASGRIAYVLGLEGPALTVDTACSSSLVALHTACGSLRDGDCGLAVAGGVSVMAGPEVFTE
FSRQGALSPDGRCKPFSDEADGFGLGEGSAFVVLQRLSDARREGRRVLGVVAGSAVNQDGASNGLSAPSGVAQQRVIRRA
WARAGITGADVAVVEAHGTGTRLGDPVEASALLATYGKSRGSSGPVLLGSVKSNIGHAQAAAGVAGVIKVLLGLERGVVP
PMLCRGERSGLIDWSSGEIELADGVREWSPAADGVRRAGVSAFGVSGTNAHVIIAEPPEPEPVPQPRRMLPATGVVPVVL
SARTGAALRAQAGRLADHLAAHPGIAPADVSWTMARARQHFEERAAVLAADTAEAVHRLRAVADGAVVPGVVTGSASDGG
SVFVFPGQGAQWEGMARELLPVPVFAESIAECDAVLSEVAGFSVSEVLEPRPDAPSLERVDVVQPVLFAVMVSLARLWRA
CGAVPSAVIGHSQGEIAAAVVAGALSLEDGMRVVARRSRAVRAVAGRGSMLSVRGGRSDVEKLLADDSWTGRLEVAAVNG
PDAVVVAGDAQAAREFLEYCEGVGIRARAIPVDYASHTAHVEPVRDELVQALAGITPRRAEVPFFSTLTGDFLDGTELDA
GYWYRNLRHPVEFHSAVQALTDQGYATFIEVSPHPVLASSVQETLDDAESDAAVLGTLERDAGDADRFLTALADAHTRGV
AVDWEAVLGRAGLVDLPGYPFQGKRFWLLPDRTTPRDELDGAAALEHHHHHH
;
A,D
2 'polypeptide(L)'
;MAQVQLQQWGAGLLKPSETLSLTCAVYGGSFSGYYWSWIRQPPGKGLEWIGEINHSGSTNYNPSLKSRVTISVDTSKNQF
SLKLSSVTAADTAVYYCARGRGSSSSFDYWGQGTLVTVSSASTKGPSVFPLAPSSKSTSGGTAALGCLVKDYFPEPVTVS
WNSGALTSGVHTFPAVLQSSGLYSLSSVVTVPSSSLGTQTYICNVNHKPSNTKVDKKVEPKSCAAAHHHHHHGAAEQKLI
SEEDLNGAA
;
B,G
3 'polypeptide(L)'
;LFAIPLVVPFYSHSALETTLTQSPGTLSLSPGERATLSCRASQSVSSYYLAWYQQKPGQAPRLLMYGASNRATGIPDRFS
GSGSGTDFTLTIARLEPEDFAVYFCQQYGTSPQTFGQGTNVEIKRTVAAPSVFIFPPSDEQLKSGTASVVCLLNNFYPRE
AKVQWKVDNALQSGNSQESVTEQDSKDSTYSLSSTLTLSKADYEKHKLYACEVTHQGLSSPVTKSFNRGEC
;
C,H
#
# COMPACT_ATOMS: atom_id res chain seq x y z
N GLU A 33 -15.06 1.96 -29.91
CA GLU A 33 -15.29 3.36 -30.32
C GLU A 33 -14.58 3.63 -31.65
N PRO A 34 -14.96 4.68 -32.39
CA PRO A 34 -14.23 5.05 -33.61
C PRO A 34 -12.90 5.67 -33.18
N ILE A 35 -11.83 5.35 -33.90
CA ILE A 35 -10.50 5.96 -33.60
C ILE A 35 -10.40 7.23 -34.45
N ALA A 36 -9.98 8.33 -33.83
CA ALA A 36 -9.93 9.62 -34.55
C ALA A 36 -8.51 9.98 -34.96
N ILE A 37 -8.37 10.57 -36.14
CA ILE A 37 -7.03 11.07 -36.56
C ILE A 37 -7.01 12.52 -36.09
N VAL A 38 -6.16 12.83 -35.12
CA VAL A 38 -6.14 14.16 -34.54
C VAL A 38 -4.92 14.93 -34.93
N GLY A 39 -4.05 14.35 -35.75
CA GLY A 39 -2.87 15.09 -36.17
C GLY A 39 -2.25 14.37 -37.33
N MET A 40 -1.44 15.08 -38.09
CA MET A 40 -0.90 14.40 -39.25
C MET A 40 0.30 15.17 -39.74
N ALA A 41 1.24 14.47 -40.37
CA ALA A 41 2.49 15.06 -40.84
C ALA A 41 3.15 14.14 -41.86
N CYS A 42 3.92 14.72 -42.78
CA CYS A 42 4.56 13.93 -43.81
C CYS A 42 5.70 14.68 -44.47
N ARG A 43 6.76 13.95 -44.83
CA ARG A 43 7.81 14.46 -45.72
C ARG A 43 7.89 13.54 -46.93
N LEU A 44 7.69 14.11 -48.11
CA LEU A 44 7.50 13.25 -49.28
C LEU A 44 8.26 13.88 -50.44
N PRO A 45 8.47 13.13 -51.53
CA PRO A 45 9.19 13.70 -52.68
C PRO A 45 8.39 14.83 -53.32
N GLY A 46 9.07 15.57 -54.19
CA GLY A 46 8.44 16.72 -54.77
C GLY A 46 8.50 17.93 -53.89
N GLU A 47 9.53 18.02 -53.04
CA GLU A 47 9.65 19.11 -52.08
C GLU A 47 8.51 19.15 -51.07
N VAL A 48 7.84 18.04 -50.77
CA VAL A 48 6.68 18.08 -49.87
C VAL A 48 7.16 17.94 -48.43
N ASP A 49 7.00 18.99 -47.64
CA ASP A 49 7.46 18.96 -46.26
C ASP A 49 6.33 19.10 -45.25
N SER A 50 5.09 19.04 -45.69
CA SER A 50 3.92 19.18 -44.82
C SER A 50 2.69 18.78 -45.63
N PRO A 51 1.60 18.41 -44.94
CA PRO A 51 0.37 18.02 -45.68
C PRO A 51 -0.13 19.10 -46.61
N GLU A 52 0.04 20.38 -46.27
CA GLU A 52 -0.35 21.44 -47.20
C GLU A 52 0.46 21.38 -48.49
N ARG A 53 1.78 21.19 -48.41
CA ARG A 53 2.56 21.09 -49.64
C ARG A 53 2.14 19.90 -50.51
N LEU A 54 1.71 18.79 -49.88
CA LEU A 54 1.17 17.70 -50.67
C LEU A 54 -0.03 18.17 -51.47
N TRP A 55 -0.92 18.94 -50.81
CA TRP A 55 -2.11 19.45 -51.49
C TRP A 55 -1.72 20.32 -52.67
N GLU A 56 -0.72 21.18 -52.47
CA GLU A 56 -0.17 21.95 -53.57
C GLU A 56 0.26 21.04 -54.72
N LEU A 57 1.21 20.12 -54.45
CA LEU A 57 1.73 19.27 -55.51
C LEU A 57 0.61 18.53 -56.23
N ILE A 58 -0.44 18.15 -55.51
CA ILE A 58 -1.49 17.35 -56.10
C ILE A 58 -2.43 18.21 -56.94
N THR A 59 -2.72 19.43 -56.52
CA THR A 59 -3.71 20.19 -57.27
C THR A 59 -3.11 20.86 -58.48
N SER A 60 -1.79 20.89 -58.57
CA SER A 60 -1.08 21.53 -59.66
C SER A 60 -0.51 20.51 -60.63
N GLY A 61 -0.98 19.26 -60.54
CA GLY A 61 -0.60 18.17 -61.42
C GLY A 61 0.88 17.96 -61.71
N ARG A 62 1.77 18.19 -60.74
CA ARG A 62 3.19 17.92 -60.92
C ARG A 62 3.58 16.62 -60.24
N ASP A 63 4.72 16.08 -60.68
CA ASP A 63 5.25 14.85 -60.13
C ASP A 63 6.73 15.07 -59.86
N SER A 64 7.33 14.13 -59.13
CA SER A 64 8.65 14.31 -58.55
C SER A 64 9.72 13.43 -59.18
N ALA A 65 9.43 12.78 -60.29
CA ALA A 65 10.41 11.90 -60.91
C ALA A 65 11.65 12.70 -61.29
N ALA A 66 12.82 12.15 -60.95
CA ALA A 66 14.10 12.80 -61.19
C ALA A 66 15.17 11.72 -61.09
N GLU A 67 16.40 12.06 -61.45
CA GLU A 67 17.47 11.08 -61.31
C GLU A 67 17.84 10.86 -59.84
N VAL A 68 18.42 9.70 -59.57
CA VAL A 68 19.00 9.40 -58.25
C VAL A 68 19.96 10.50 -57.84
N PRO A 69 19.95 10.94 -56.60
CA PRO A 69 20.96 11.92 -56.16
C PRO A 69 22.36 11.35 -56.32
N ASP A 70 23.32 12.25 -56.46
CA ASP A 70 24.69 11.81 -56.55
C ASP A 70 25.25 11.50 -55.17
N ASP A 71 24.85 12.28 -54.18
CA ASP A 71 25.46 12.26 -52.87
C ASP A 71 25.11 11.01 -52.07
N ARG A 72 24.31 10.12 -52.66
CA ARG A 72 23.85 8.90 -51.93
C ARG A 72 24.82 7.75 -52.21
N GLY A 73 25.56 7.81 -53.31
CA GLY A 73 26.50 6.74 -53.68
C GLY A 73 26.08 6.11 -55.00
N TRP A 74 25.88 4.80 -55.04
CA TRP A 74 25.36 4.17 -56.28
C TRP A 74 26.34 4.42 -57.44
N HIS A 91 16.98 6.84 -61.86
CA HIS A 91 15.60 7.38 -61.96
C HIS A 91 14.59 6.99 -60.83
N GLY A 92 13.94 7.97 -60.19
CA GLY A 92 12.99 7.75 -59.10
C GLY A 92 12.41 8.97 -58.40
N ASN A 93 11.93 8.85 -57.15
CA ASN A 93 11.36 9.97 -56.40
C ASN A 93 11.95 10.01 -55.01
N PHE A 94 12.53 11.17 -54.64
CA PHE A 94 13.41 11.25 -53.50
C PHE A 94 13.04 12.45 -52.62
N MET A 95 13.13 12.25 -51.30
CA MET A 95 12.91 13.33 -50.34
C MET A 95 14.03 14.36 -50.43
N ALA A 96 13.63 15.64 -50.37
CA ALA A 96 14.63 16.70 -50.42
C ALA A 96 15.65 16.56 -49.30
N GLY A 97 15.20 16.32 -48.07
CA GLY A 97 16.15 16.47 -46.99
C GLY A 97 16.53 15.19 -46.29
N ALA A 98 16.50 14.09 -47.05
CA ALA A 98 16.54 12.75 -46.48
C ALA A 98 17.64 12.59 -45.44
N GLY A 99 18.76 13.23 -45.66
CA GLY A 99 19.84 13.10 -44.71
C GLY A 99 20.01 14.23 -43.72
N ASP A 100 19.20 15.28 -43.81
CA ASP A 100 19.22 16.36 -42.84
C ASP A 100 18.58 15.93 -41.52
N PHE A 101 19.13 16.41 -40.40
CA PHE A 101 18.66 16.01 -39.07
C PHE A 101 19.10 17.05 -38.05
N ASP A 102 18.16 17.49 -37.19
CA ASP A 102 18.47 18.39 -36.08
C ASP A 102 18.86 17.55 -34.87
N ALA A 103 20.12 17.09 -34.84
CA ALA A 103 20.51 16.20 -33.75
C ALA A 103 20.49 16.92 -32.42
N ALA A 104 20.91 18.19 -32.44
CA ALA A 104 21.00 18.95 -31.20
C ALA A 104 19.62 19.06 -30.54
N PHE A 105 18.56 19.16 -31.35
CA PHE A 105 17.21 19.29 -30.83
C PHE A 105 16.89 18.15 -29.88
N PHE A 106 17.02 16.91 -30.36
CA PHE A 106 16.73 15.70 -29.58
C PHE A 106 17.87 15.32 -28.65
N GLY A 107 18.88 16.18 -28.51
CA GLY A 107 19.98 15.88 -27.62
C GLY A 107 20.78 14.66 -28.04
N ILE A 108 21.05 14.53 -29.32
CA ILE A 108 21.72 13.36 -29.87
C ILE A 108 23.08 13.80 -30.40
N SER A 109 24.13 13.03 -30.08
CA SER A 109 25.48 13.37 -30.52
C SER A 109 25.61 13.36 -32.05
N PRO A 110 26.55 14.12 -32.60
CA PRO A 110 26.77 14.02 -34.06
C PRO A 110 27.33 12.68 -34.49
N ARG A 111 28.08 11.98 -33.66
CA ARG A 111 28.48 10.64 -34.05
C ARG A 111 27.26 9.72 -34.12
N GLU A 112 26.45 9.69 -33.06
CA GLU A 112 25.22 8.90 -33.08
C GLU A 112 24.32 9.30 -34.23
N ALA A 113 24.27 10.59 -34.58
CA ALA A 113 23.42 11.00 -35.70
C ALA A 113 23.94 10.45 -37.01
N LEU A 114 25.26 10.26 -37.13
CA LEU A 114 25.82 9.70 -38.36
C LEU A 114 25.49 8.22 -38.47
N ALA A 115 25.54 7.51 -37.33
CA ALA A 115 25.26 6.09 -37.33
C ALA A 115 23.79 5.80 -37.54
N MET A 116 22.92 6.76 -37.25
CA MET A 116 21.50 6.54 -37.35
C MET A 116 21.07 6.48 -38.79
N ASP A 117 20.35 5.41 -39.13
CA ASP A 117 19.53 5.22 -40.31
C ASP A 117 18.69 6.47 -40.54
N PRO A 118 18.80 7.15 -41.69
CA PRO A 118 17.94 8.31 -41.93
C PRO A 118 16.48 8.02 -41.70
N GLN A 119 16.08 6.75 -41.88
CA GLN A 119 14.71 6.35 -41.57
C GLN A 119 14.36 6.61 -40.11
N GLN A 120 15.32 6.40 -39.20
CA GLN A 120 15.08 6.68 -37.79
C GLN A 120 15.02 8.18 -37.53
N ARG A 121 15.86 8.95 -38.20
CA ARG A 121 15.84 10.37 -37.96
C ARG A 121 14.57 10.99 -38.49
N GLN A 122 14.16 10.60 -39.69
CA GLN A 122 12.93 11.14 -40.25
C GLN A 122 11.74 10.76 -39.39
N ALA A 123 11.71 9.53 -38.89
CA ALA A 123 10.55 9.10 -38.09
C ALA A 123 10.43 9.95 -36.85
N LEU A 124 11.58 10.30 -36.25
CA LEU A 124 11.62 11.13 -35.06
C LEU A 124 11.08 12.54 -35.32
N GLU A 125 11.63 13.23 -36.34
CA GLU A 125 11.18 14.59 -36.65
C GLU A 125 9.73 14.62 -37.18
N THR A 126 9.31 13.59 -37.89
CA THR A 126 7.94 13.61 -38.38
C THR A 126 6.93 13.31 -37.28
N THR A 127 7.30 12.44 -36.34
CA THR A 127 6.46 12.21 -35.17
C THR A 127 6.25 13.50 -34.40
N TRP A 128 7.32 14.32 -34.24
CA TRP A 128 7.17 15.62 -33.62
C TRP A 128 6.13 16.44 -34.36
N GLU A 129 6.35 16.64 -35.67
CA GLU A 129 5.45 17.40 -36.53
C GLU A 129 4.01 16.92 -36.38
N ALA A 130 3.79 15.60 -36.40
CA ALA A 130 2.42 15.11 -36.25
C ALA A 130 1.84 15.48 -34.90
N LEU A 131 2.63 15.33 -33.82
CA LEU A 131 2.20 15.81 -32.52
C LEU A 131 1.86 17.31 -32.54
N GLU A 132 2.67 18.13 -33.24
CA GLU A 132 2.32 19.56 -33.34
C GLU A 132 1.03 19.75 -34.12
N SER A 133 0.80 18.94 -35.15
CA SER A 133 -0.44 19.05 -35.88
C SER A 133 -1.60 18.67 -34.97
N ALA A 134 -1.37 17.76 -34.03
CA ALA A 134 -2.43 17.45 -33.10
C ALA A 134 -2.66 18.58 -32.11
N GLY A 135 -1.77 19.57 -32.07
CA GLY A 135 -1.83 20.61 -31.05
C GLY A 135 -1.39 20.16 -29.67
N ILE A 136 -0.54 19.14 -29.59
CA ILE A 136 -0.15 18.51 -28.34
C ILE A 136 1.30 18.93 -28.06
N PRO A 137 1.54 19.79 -27.06
CA PRO A 137 2.91 20.05 -26.59
C PRO A 137 3.56 18.77 -26.11
N PRO A 138 4.56 18.27 -26.84
CA PRO A 138 5.05 16.93 -26.59
C PRO A 138 5.53 16.70 -25.16
N GLU A 139 6.02 17.71 -24.46
CA GLU A 139 6.48 17.48 -23.10
C GLU A 139 5.35 17.02 -22.20
N THR A 140 4.11 17.46 -22.47
CA THR A 140 2.98 17.00 -21.69
C THR A 140 2.67 15.52 -21.86
N LEU A 141 3.35 14.82 -22.77
CA LEU A 141 3.14 13.39 -23.01
C LEU A 141 4.18 12.53 -22.30
N ARG A 142 5.17 13.14 -21.68
CA ARG A 142 6.18 12.35 -20.94
C ARG A 142 5.47 11.58 -19.82
N GLY A 143 5.67 10.27 -19.76
CA GLY A 143 4.98 9.42 -18.76
C GLY A 143 3.59 9.02 -19.20
N SER A 144 3.27 9.15 -20.49
CA SER A 144 1.90 8.88 -20.97
C SER A 144 1.81 7.50 -21.62
N ASP A 145 0.60 6.92 -21.60
CA ASP A 145 0.40 5.60 -22.27
C ASP A 145 0.30 5.85 -23.79
N THR A 146 1.28 6.57 -24.34
CA THR A 146 1.24 6.85 -25.80
C THR A 146 2.01 5.75 -26.53
N GLY A 147 1.37 5.14 -27.53
CA GLY A 147 2.00 4.05 -28.28
C GLY A 147 2.65 4.54 -29.55
N VAL A 148 3.74 3.88 -29.94
CA VAL A 148 4.44 4.24 -31.21
C VAL A 148 4.38 3.03 -32.12
N PHE A 149 3.78 3.19 -33.29
CA PHE A 149 3.68 2.07 -34.27
C PHE A 149 4.37 2.54 -35.55
N VAL A 150 5.52 1.97 -35.88
CA VAL A 150 6.32 2.43 -37.00
C VAL A 150 6.43 1.32 -38.03
N GLY A 151 6.02 1.61 -39.27
CA GLY A 151 6.19 0.70 -40.38
C GLY A 151 7.50 0.97 -41.08
N MET A 152 8.23 -0.09 -41.37
CA MET A 152 9.56 0.18 -41.87
C MET A 152 10.18 -1.14 -42.34
N SER A 153 11.18 -1.02 -43.20
CA SER A 153 11.99 -2.16 -43.61
C SER A 153 13.39 -1.67 -43.93
N HIS A 154 14.29 -2.60 -44.18
CA HIS A 154 15.69 -2.26 -44.36
C HIS A 154 15.93 -1.66 -45.75
N GLN A 155 16.81 -0.67 -45.85
CA GLN A 155 16.96 0.03 -47.13
C GLN A 155 18.41 0.36 -47.45
N GLY A 156 19.37 -0.40 -46.95
CA GLY A 156 20.73 -0.29 -47.43
C GLY A 156 21.64 0.71 -46.73
N TYR A 157 21.17 1.40 -45.69
CA TYR A 157 22.04 2.30 -44.95
C TYR A 157 23.08 1.50 -44.16
N ALA A 158 24.29 2.08 -44.03
CA ALA A 158 25.34 1.58 -43.14
C ALA A 158 25.80 0.17 -43.50
N THR A 159 25.80 -0.14 -44.79
CA THR A 159 26.06 -1.54 -45.19
C THR A 159 27.56 -1.84 -45.33
N GLY A 160 28.41 -0.82 -45.33
CA GLY A 160 29.84 -1.09 -45.57
C GLY A 160 30.69 -0.95 -44.33
N ARG A 161 31.87 -1.56 -44.33
CA ARG A 161 32.80 -1.38 -43.19
C ARG A 161 32.93 0.12 -42.95
N PRO A 162 32.52 0.64 -41.77
CA PRO A 162 32.53 2.09 -41.53
C PRO A 162 33.94 2.67 -41.47
N ARG A 163 34.14 3.85 -42.06
CA ARG A 163 35.44 4.53 -41.96
C ARG A 163 35.71 4.87 -40.49
N PRO A 164 36.68 4.22 -39.83
CA PRO A 164 36.93 4.45 -38.41
C PRO A 164 36.91 5.94 -38.05
N GLU A 165 37.33 6.79 -38.99
CA GLU A 165 37.38 8.25 -38.73
C GLU A 165 35.98 8.77 -38.42
N ASP A 166 34.94 8.05 -38.86
CA ASP A 166 33.54 8.52 -38.67
C ASP A 166 33.21 8.50 -37.17
N GLY A 167 33.62 7.46 -36.46
CA GLY A 167 33.38 7.41 -34.99
C GLY A 167 32.03 6.80 -34.68
N VAL A 168 31.53 5.94 -35.56
CA VAL A 168 30.17 5.37 -35.40
C VAL A 168 30.26 4.11 -34.52
N ASP A 169 31.47 3.70 -34.17
CA ASP A 169 31.65 2.48 -33.37
C ASP A 169 30.79 2.56 -32.12
N GLY A 170 29.74 1.76 -32.04
CA GLY A 170 28.91 1.74 -30.82
C GLY A 170 27.53 2.33 -31.05
N TYR A 171 27.30 2.88 -32.23
CA TYR A 171 25.99 3.52 -32.54
C TYR A 171 25.38 2.87 -33.79
N LEU A 172 26.22 2.28 -34.64
CA LEU A 172 25.74 1.71 -35.93
C LEU A 172 24.56 0.76 -35.69
N LEU A 173 24.76 -0.25 -34.84
CA LEU A 173 23.68 -1.24 -34.58
C LEU A 173 22.44 -0.50 -34.09
N THR A 174 22.53 0.15 -32.93
CA THR A 174 21.34 0.80 -32.41
C THR A 174 20.70 1.67 -33.47
N GLY A 175 21.50 2.33 -34.29
CA GLY A 175 20.94 3.27 -35.23
C GLY A 175 20.38 2.62 -36.44
N ASN A 176 20.44 1.28 -36.50
CA ASN A 176 19.96 0.57 -37.68
C ASN A 176 19.16 -0.68 -37.39
N THR A 177 18.88 -1.02 -36.14
CA THR A 177 18.02 -2.17 -35.88
C THR A 177 16.56 -1.71 -35.83
N ALA A 178 15.67 -2.53 -36.38
CA ALA A 178 14.34 -2.01 -36.69
C ALA A 178 13.61 -1.59 -35.43
N SER A 179 13.74 -2.36 -34.35
CA SER A 179 13.05 -2.04 -33.10
C SER A 179 13.35 -0.62 -32.62
N VAL A 180 14.57 -0.11 -32.88
CA VAL A 180 14.94 1.17 -32.30
C VAL A 180 14.24 2.32 -33.01
N ALA A 181 13.78 2.12 -34.25
CA ALA A 181 13.08 3.19 -34.93
C ALA A 181 11.84 3.60 -34.15
N SER A 182 11.16 2.62 -33.56
CA SER A 182 10.02 2.97 -32.72
C SER A 182 10.41 3.10 -31.25
N GLY A 183 11.34 2.26 -30.78
CA GLY A 183 11.78 2.35 -29.40
C GLY A 183 12.39 3.71 -29.07
N ARG A 184 13.16 4.28 -30.00
CA ARG A 184 13.82 5.55 -29.76
C ARG A 184 12.83 6.73 -29.68
N ILE A 185 11.71 6.68 -30.43
CA ILE A 185 10.71 7.75 -30.27
C ILE A 185 10.11 7.68 -28.87
N ALA A 186 9.76 6.48 -28.43
CA ALA A 186 9.32 6.28 -27.04
C ALA A 186 10.37 6.79 -26.04
N TYR A 187 11.65 6.58 -26.33
CA TYR A 187 12.72 7.01 -25.42
C TYR A 187 12.86 8.53 -25.39
N VAL A 188 13.09 9.13 -26.56
CA VAL A 188 13.29 10.58 -26.67
C VAL A 188 12.14 11.35 -26.04
N LEU A 189 10.92 10.90 -26.24
CA LEU A 189 9.71 11.63 -25.87
C LEU A 189 9.11 11.12 -24.57
N GLY A 190 9.72 10.11 -23.94
CA GLY A 190 9.23 9.55 -22.70
C GLY A 190 7.92 8.78 -22.77
N LEU A 191 7.58 8.20 -23.93
CA LEU A 191 6.28 7.55 -24.10
C LEU A 191 6.35 6.12 -23.57
N GLU A 192 5.21 5.59 -23.15
CA GLU A 192 5.22 4.38 -22.34
C GLU A 192 4.14 3.39 -22.76
N GLY A 193 3.37 3.69 -23.81
CA GLY A 193 2.60 2.68 -24.46
C GLY A 193 3.49 1.77 -25.27
N PRO A 194 2.90 0.79 -25.94
CA PRO A 194 3.70 -0.11 -26.80
C PRO A 194 4.45 0.64 -27.88
N ALA A 195 5.68 0.20 -28.15
CA ALA A 195 6.44 0.71 -29.29
C ALA A 195 6.91 -0.47 -30.16
N LEU A 196 6.37 -0.60 -31.37
CA LEU A 196 6.77 -1.67 -32.29
C LEU A 196 7.19 -1.08 -33.63
N THR A 197 8.12 -1.76 -34.26
CA THR A 197 8.34 -1.59 -35.69
C THR A 197 7.75 -2.80 -36.40
N VAL A 198 7.11 -2.57 -37.53
CA VAL A 198 6.49 -3.65 -38.27
C VAL A 198 6.85 -3.53 -39.75
N ASP A 199 7.00 -4.68 -40.40
CA ASP A 199 7.38 -4.76 -41.81
C ASP A 199 6.36 -5.66 -42.51
N THR A 200 5.50 -5.07 -43.33
CA THR A 200 4.71 -5.83 -44.29
C THR A 200 4.85 -5.19 -45.66
N ALA A 201 6.05 -4.68 -45.93
CA ALA A 201 6.44 -4.02 -47.18
C ALA A 201 5.44 -2.89 -47.49
N CYS A 202 4.83 -2.87 -48.67
CA CYS A 202 4.10 -1.69 -49.14
C CYS A 202 2.89 -1.35 -48.27
N SER A 203 2.43 -2.28 -47.45
CA SER A 203 1.29 -2.03 -46.60
C SER A 203 1.72 -1.66 -45.18
N SER A 204 3.03 -1.59 -44.91
CA SER A 204 3.51 -1.49 -43.54
C SER A 204 2.75 -0.43 -42.77
N SER A 205 2.66 0.80 -43.30
CA SER A 205 2.11 1.88 -42.49
C SER A 205 0.60 1.73 -42.28
N LEU A 206 -0.10 1.05 -43.18
CA LEU A 206 -1.53 0.84 -42.94
C LEU A 206 -1.72 -0.29 -41.94
N VAL A 207 -0.83 -1.29 -41.97
CA VAL A 207 -0.87 -2.30 -40.94
C VAL A 207 -0.49 -1.69 -39.59
N ALA A 208 0.54 -0.85 -39.57
CA ALA A 208 0.85 -0.06 -38.40
C ALA A 208 -0.39 0.69 -37.88
N LEU A 209 -1.06 1.44 -38.77
CA LEU A 209 -2.32 2.10 -38.41
C LEU A 209 -3.37 1.11 -37.92
N HIS A 210 -3.46 -0.08 -38.54
CA HIS A 210 -4.44 -1.07 -38.09
C HIS A 210 -4.13 -1.56 -36.68
N THR A 211 -2.85 -1.76 -36.38
CA THR A 211 -2.48 -2.29 -35.07
C THR A 211 -2.71 -1.26 -33.97
N ALA A 212 -2.31 0.01 -34.22
CA ALA A 212 -2.56 1.12 -33.28
C ALA A 212 -4.03 1.23 -32.89
N CYS A 213 -4.91 1.22 -33.89
CA CYS A 213 -6.33 1.29 -33.62
C CYS A 213 -6.78 0.16 -32.71
N GLY A 214 -6.25 -1.05 -32.92
CA GLY A 214 -6.66 -2.15 -32.08
C GLY A 214 -6.11 -1.98 -30.67
N SER A 215 -4.85 -1.53 -30.59
CA SER A 215 -4.26 -1.10 -29.33
C SER A 215 -5.10 -0.03 -28.64
N LEU A 216 -5.57 0.98 -29.36
CA LEU A 216 -6.43 1.97 -28.72
C LEU A 216 -7.76 1.37 -28.29
N ARG A 217 -8.36 0.50 -29.12
CA ARG A 217 -9.67 -0.03 -28.76
C ARG A 217 -9.57 -0.91 -27.53
N ASP A 218 -8.42 -1.54 -27.33
CA ASP A 218 -8.15 -2.50 -26.30
C ASP A 218 -7.77 -1.86 -24.96
N GLY A 219 -7.61 -0.54 -24.91
CA GLY A 219 -7.07 0.08 -23.72
C GLY A 219 -5.58 -0.11 -23.52
N ASP A 220 -4.87 -0.66 -24.50
CA ASP A 220 -3.41 -0.78 -24.36
C ASP A 220 -2.72 0.56 -24.39
N CYS A 221 -3.34 1.59 -24.95
CA CYS A 221 -2.79 2.94 -24.90
C CYS A 221 -3.94 3.92 -25.07
N GLY A 222 -3.62 5.20 -24.92
CA GLY A 222 -4.62 6.24 -24.94
C GLY A 222 -4.38 7.26 -26.02
N LEU A 223 -3.18 7.24 -26.59
CA LEU A 223 -2.84 8.03 -27.75
C LEU A 223 -1.88 7.17 -28.55
N ALA A 224 -1.95 7.18 -29.88
CA ALA A 224 -0.97 6.42 -30.64
C ALA A 224 -0.41 7.26 -31.78
N VAL A 225 0.88 7.06 -32.05
CA VAL A 225 1.55 7.53 -33.26
C VAL A 225 1.71 6.33 -34.18
N ALA A 226 1.29 6.47 -35.42
CA ALA A 226 1.35 5.37 -36.38
C ALA A 226 1.68 5.89 -37.76
N GLY A 227 2.55 5.17 -38.44
CA GLY A 227 2.86 5.50 -39.82
C GLY A 227 4.02 4.66 -40.31
N GLY A 228 4.65 5.13 -41.36
CA GLY A 228 5.76 4.41 -41.95
C GLY A 228 6.76 5.39 -42.50
N VAL A 229 8.02 4.96 -42.56
CA VAL A 229 9.09 5.77 -43.09
C VAL A 229 9.95 4.89 -43.98
N SER A 230 10.32 5.40 -45.15
CA SER A 230 11.36 4.73 -45.90
C SER A 230 12.28 5.77 -46.53
N VAL A 231 13.57 5.42 -46.58
CA VAL A 231 14.61 6.26 -47.16
C VAL A 231 15.55 5.31 -47.88
N MET A 232 15.62 5.44 -49.20
CA MET A 232 16.38 4.52 -50.05
C MET A 232 17.87 4.87 -49.93
N ALA A 233 18.49 4.45 -48.84
CA ALA A 233 19.87 4.85 -48.61
C ALA A 233 20.75 4.24 -49.70
N GLY A 234 20.83 2.91 -49.73
CA GLY A 234 21.53 2.20 -50.76
C GLY A 234 20.61 1.81 -51.90
N PRO A 235 21.15 1.18 -52.93
CA PRO A 235 20.38 0.94 -54.16
C PRO A 235 19.82 -0.48 -54.30
N GLU A 236 19.99 -1.35 -53.30
CA GLU A 236 19.56 -2.73 -53.40
C GLU A 236 18.13 -2.85 -53.88
N VAL A 237 17.19 -2.22 -53.17
CA VAL A 237 15.79 -2.34 -53.53
C VAL A 237 15.60 -1.93 -54.98
N PHE A 238 16.24 -0.82 -55.37
CA PHE A 238 16.12 -0.36 -56.76
C PHE A 238 16.61 -1.44 -57.73
N THR A 239 17.78 -2.00 -57.44
CA THR A 239 18.38 -3.01 -58.36
C THR A 239 17.44 -4.20 -58.52
N GLU A 240 16.90 -4.69 -57.41
CA GLU A 240 16.06 -5.91 -57.48
C GLU A 240 14.88 -5.68 -58.41
N PHE A 241 14.10 -4.63 -58.15
CA PHE A 241 12.87 -4.39 -58.94
C PHE A 241 13.25 -4.13 -60.40
N SER A 242 14.41 -3.51 -60.63
CA SER A 242 14.86 -3.32 -62.03
C SER A 242 15.03 -4.71 -62.66
N ARG A 243 15.85 -5.55 -62.04
CA ARG A 243 16.07 -6.93 -62.56
C ARG A 243 14.72 -7.57 -62.89
N GLN A 244 13.76 -7.47 -61.97
CA GLN A 244 12.44 -8.12 -62.17
C GLN A 244 11.71 -7.42 -63.32
N GLY A 245 12.08 -6.17 -63.61
CA GLY A 245 11.46 -5.43 -64.72
C GLY A 245 10.14 -4.81 -64.32
N ALA A 246 10.00 -4.42 -63.06
CA ALA A 246 8.71 -3.88 -62.56
C ALA A 246 8.82 -2.37 -62.44
N LEU A 247 9.97 -1.81 -62.80
CA LEU A 247 10.17 -0.35 -62.59
C LEU A 247 10.05 0.40 -63.91
N SER A 248 9.13 1.35 -64.00
CA SER A 248 9.08 2.22 -65.17
C SER A 248 10.39 2.99 -65.31
N PRO A 249 10.87 3.22 -66.55
CA PRO A 249 12.15 3.95 -66.75
C PRO A 249 11.98 5.45 -66.54
N ASP A 250 10.75 5.90 -66.77
CA ASP A 250 10.23 7.19 -66.37
C ASP A 250 10.60 7.58 -64.94
N GLY A 251 10.64 6.59 -64.05
CA GLY A 251 10.53 6.81 -62.64
C GLY A 251 9.13 7.13 -62.19
N ARG A 252 8.13 7.05 -63.08
CA ARG A 252 6.81 7.59 -62.83
C ARG A 252 5.77 6.48 -62.70
N CYS A 253 4.95 6.55 -61.65
CA CYS A 253 3.78 5.66 -61.53
C CYS A 253 2.62 6.25 -62.33
N LYS A 254 2.02 5.46 -63.22
CA LYS A 254 0.91 5.90 -64.06
C LYS A 254 -0.33 5.06 -63.77
N PRO A 255 -1.00 5.32 -62.64
CA PRO A 255 -2.01 4.38 -62.14
C PRO A 255 -3.23 4.31 -63.04
N PHE A 256 -3.57 3.09 -63.47
CA PHE A 256 -4.76 2.81 -64.28
C PHE A 256 -4.71 3.46 -65.68
N SER A 257 -3.52 3.83 -66.15
CA SER A 257 -3.32 4.39 -67.46
C SER A 257 -2.90 3.33 -68.45
N ASP A 258 -3.38 3.48 -69.70
CA ASP A 258 -2.87 2.70 -70.82
C ASP A 258 -1.36 2.80 -70.96
N GLU A 259 -0.77 3.87 -70.44
CA GLU A 259 0.66 4.07 -70.54
C GLU A 259 1.41 3.43 -69.40
N ALA A 260 0.71 2.71 -68.52
CA ALA A 260 1.36 2.06 -67.39
C ALA A 260 2.46 1.14 -67.89
N ASP A 261 3.63 1.23 -67.28
CA ASP A 261 4.80 0.42 -67.73
C ASP A 261 5.74 0.25 -66.53
N GLY A 262 5.20 -0.15 -65.38
CA GLY A 262 5.97 -0.25 -64.17
C GLY A 262 5.70 0.91 -63.23
N PHE A 263 6.23 0.79 -62.01
CA PHE A 263 6.11 1.84 -61.01
C PHE A 263 7.45 2.52 -60.80
N GLY A 264 7.41 3.71 -60.22
CA GLY A 264 8.60 4.47 -59.89
C GLY A 264 8.83 4.40 -58.39
N LEU A 265 10.08 4.16 -58.00
CA LEU A 265 10.37 4.01 -56.57
C LEU A 265 10.34 5.35 -55.89
N GLY A 266 9.96 5.35 -54.61
CA GLY A 266 9.97 6.58 -53.85
C GLY A 266 10.19 6.30 -52.37
N GLU A 267 10.12 7.38 -51.59
CA GLU A 267 10.45 7.31 -50.18
C GLU A 267 9.61 8.35 -49.45
N GLY A 268 9.60 8.29 -48.12
CA GLY A 268 8.77 9.23 -47.40
C GLY A 268 8.58 8.95 -45.93
N SER A 269 8.19 9.98 -45.19
CA SER A 269 7.62 9.88 -43.85
C SER A 269 6.15 10.20 -43.92
N ALA A 270 5.32 9.36 -43.32
CA ALA A 270 3.93 9.71 -43.17
C ALA A 270 3.43 9.20 -41.82
N PHE A 271 3.03 10.12 -40.93
CA PHE A 271 2.54 9.72 -39.61
C PHE A 271 1.25 10.47 -39.25
N VAL A 272 0.41 9.80 -38.45
CA VAL A 272 -0.83 10.38 -37.93
C VAL A 272 -0.88 10.11 -36.45
N VAL A 273 -1.61 10.94 -35.72
CA VAL A 273 -1.84 10.72 -34.29
C VAL A 273 -3.28 10.26 -34.11
N LEU A 274 -3.43 9.12 -33.43
CA LEU A 274 -4.70 8.42 -33.28
C LEU A 274 -5.17 8.54 -31.83
N GLN A 275 -6.48 8.53 -31.65
CA GLN A 275 -7.07 8.66 -30.32
C GLN A 275 -8.51 8.21 -30.40
N ARG A 276 -9.00 7.59 -29.33
CA ARG A 276 -10.40 7.19 -29.29
C ARG A 276 -11.29 8.42 -29.42
N LEU A 277 -12.36 8.33 -30.21
CA LEU A 277 -13.17 9.52 -30.49
C LEU A 277 -13.67 10.20 -29.21
N SER A 278 -14.11 9.37 -28.26
CA SER A 278 -14.56 9.89 -26.95
C SER A 278 -13.48 10.77 -26.35
N ASP A 279 -12.27 10.23 -26.22
CA ASP A 279 -11.21 10.98 -25.58
C ASP A 279 -10.81 12.20 -26.40
N ALA A 280 -10.85 12.10 -27.73
CA ALA A 280 -10.51 13.27 -28.53
C ALA A 280 -11.51 14.39 -28.29
N ARG A 281 -12.79 14.02 -28.24
CA ARG A 281 -13.86 15.03 -28.04
C ARG A 281 -13.73 15.66 -26.66
N ARG A 282 -13.52 14.84 -25.63
CA ARG A 282 -13.33 15.38 -24.25
C ARG A 282 -12.19 16.39 -24.25
N GLU A 283 -10.98 15.95 -24.59
CA GLU A 283 -9.81 16.86 -24.59
C GLU A 283 -10.03 18.01 -25.57
N GLY A 284 -11.15 18.00 -26.30
CA GLY A 284 -11.46 19.08 -27.25
C GLY A 284 -10.44 19.17 -28.37
N ARG A 285 -10.03 18.03 -28.92
CA ARG A 285 -9.00 18.03 -29.99
C ARG A 285 -9.69 18.25 -31.34
N ARG A 286 -8.92 18.66 -32.35
CA ARG A 286 -9.48 18.83 -33.72
C ARG A 286 -9.36 17.50 -34.45
N VAL A 287 -10.49 16.88 -34.76
CA VAL A 287 -10.48 15.59 -35.49
C VAL A 287 -10.46 15.87 -36.98
N LEU A 288 -9.41 15.43 -37.67
CA LEU A 288 -9.30 15.64 -39.13
C LEU A 288 -10.18 14.60 -39.81
N GLY A 289 -10.32 13.44 -39.18
CA GLY A 289 -11.17 12.37 -39.73
C GLY A 289 -11.14 11.17 -38.80
N VAL A 290 -11.94 10.14 -39.10
CA VAL A 290 -12.00 8.98 -38.18
C VAL A 290 -11.70 7.69 -38.94
N VAL A 291 -10.94 6.78 -38.32
CA VAL A 291 -10.71 5.45 -38.93
C VAL A 291 -11.95 4.62 -38.59
N ALA A 292 -12.93 4.60 -39.49
CA ALA A 292 -14.20 3.91 -39.22
C ALA A 292 -14.00 2.41 -39.28
N GLY A 293 -13.10 1.97 -40.15
CA GLY A 293 -12.87 0.53 -40.30
C GLY A 293 -11.55 0.25 -40.99
N SER A 294 -10.89 -0.83 -40.58
CA SER A 294 -9.59 -1.22 -41.17
C SER A 294 -9.58 -2.74 -41.25
N ALA A 295 -8.88 -3.27 -42.24
CA ALA A 295 -8.76 -4.74 -42.34
C ALA A 295 -7.39 -5.10 -42.90
N VAL A 296 -6.95 -6.31 -42.60
CA VAL A 296 -5.67 -6.82 -43.07
C VAL A 296 -5.86 -8.29 -43.40
N ASN A 297 -5.41 -8.72 -44.58
CA ASN A 297 -5.37 -10.16 -44.89
C ASN A 297 -4.13 -10.45 -45.71
N GLN A 298 -4.06 -11.65 -46.28
CA GLN A 298 -2.90 -11.99 -47.08
C GLN A 298 -3.32 -12.61 -48.43
N ASP A 299 -2.47 -12.45 -49.45
CA ASP A 299 -2.72 -13.11 -50.73
C ASP A 299 -2.68 -14.63 -50.57
N GLY A 300 -1.95 -15.15 -49.58
CA GLY A 300 -1.71 -16.58 -49.51
C GLY A 300 -0.90 -17.08 -50.71
N ALA A 301 -1.46 -18.06 -51.42
CA ALA A 301 -0.79 -18.66 -52.58
C ALA A 301 -1.27 -17.96 -53.84
N SER A 302 -0.68 -16.81 -54.13
CA SER A 302 -0.79 -16.14 -55.42
C SER A 302 0.23 -16.77 -56.38
N ASN A 303 0.32 -16.25 -57.61
CA ASN A 303 1.26 -16.90 -58.57
C ASN A 303 2.67 -16.38 -58.29
N GLY A 304 3.10 -16.45 -57.03
CA GLY A 304 4.42 -15.91 -56.64
C GLY A 304 4.28 -14.96 -55.46
N LEU A 305 5.28 -14.92 -54.57
CA LEU A 305 5.19 -14.08 -53.36
C LEU A 305 4.77 -12.66 -53.75
N SER A 306 5.24 -12.17 -54.89
CA SER A 306 4.92 -10.80 -55.35
C SER A 306 3.58 -10.75 -56.08
N ALA A 307 3.09 -11.89 -56.58
CA ALA A 307 1.85 -11.89 -57.39
C ALA A 307 0.68 -11.31 -56.62
N PRO A 308 -0.20 -10.51 -57.25
CA PRO A 308 -1.39 -9.97 -56.60
C PRO A 308 -2.63 -10.88 -56.76
N SER A 309 -3.53 -10.90 -55.78
CA SER A 309 -4.78 -11.68 -55.93
C SER A 309 -6.01 -10.80 -55.67
N GLY A 310 -6.93 -10.77 -56.62
CA GLY A 310 -8.12 -9.93 -56.50
C GLY A 310 -9.08 -10.47 -55.46
N VAL A 311 -9.25 -11.78 -55.38
CA VAL A 311 -10.12 -12.23 -54.29
C VAL A 311 -9.60 -11.74 -52.96
N ALA A 312 -8.29 -11.89 -52.72
CA ALA A 312 -7.70 -11.41 -51.47
C ALA A 312 -8.03 -9.93 -51.24
N GLN A 313 -7.88 -9.09 -52.28
CA GLN A 313 -8.21 -7.67 -52.22
C GLN A 313 -9.71 -7.45 -52.00
N GLN A 314 -10.55 -8.23 -52.65
CA GLN A 314 -11.98 -8.10 -52.43
C GLN A 314 -12.35 -8.40 -50.99
N ARG A 315 -11.72 -9.44 -50.41
CA ARG A 315 -12.11 -9.90 -49.08
C ARG A 315 -11.73 -8.89 -48.01
N VAL A 316 -10.54 -8.29 -48.15
CA VAL A 316 -10.08 -7.30 -47.20
C VAL A 316 -10.91 -6.02 -47.29
N ILE A 317 -11.33 -5.64 -48.51
CA ILE A 317 -12.20 -4.48 -48.66
C ILE A 317 -13.50 -4.73 -47.93
N ARG A 318 -14.05 -5.94 -48.06
CA ARG A 318 -15.36 -6.22 -47.50
C ARG A 318 -15.30 -6.45 -46.01
N ARG A 319 -14.17 -6.91 -45.48
CA ARG A 319 -14.02 -6.94 -44.02
C ARG A 319 -13.96 -5.52 -43.46
N ALA A 320 -13.28 -4.61 -44.14
CA ALA A 320 -13.26 -3.23 -43.64
C ALA A 320 -14.65 -2.60 -43.65
N TRP A 321 -15.47 -2.85 -44.67
CA TRP A 321 -16.85 -2.32 -44.61
C TRP A 321 -17.62 -2.93 -43.45
N ALA A 322 -17.37 -4.20 -43.13
CA ALA A 322 -18.09 -4.82 -42.03
C ALA A 322 -17.69 -4.19 -40.69
N ARG A 323 -16.38 -4.02 -40.44
CA ARG A 323 -15.95 -3.36 -39.23
C ARG A 323 -16.55 -1.96 -39.14
N ALA A 324 -16.59 -1.23 -40.25
CA ALA A 324 -17.18 0.10 -40.27
C ALA A 324 -18.70 0.11 -40.36
N GLY A 325 -19.34 -1.04 -40.56
CA GLY A 325 -20.78 -1.05 -40.69
C GLY A 325 -21.32 -0.25 -41.87
N ILE A 326 -20.63 -0.30 -43.00
CA ILE A 326 -21.03 0.39 -44.21
C ILE A 326 -21.11 -0.62 -45.36
N THR A 327 -21.47 -0.11 -46.53
CA THR A 327 -21.40 -0.82 -47.79
C THR A 327 -20.76 0.12 -48.80
N GLY A 328 -20.28 -0.46 -49.90
CA GLY A 328 -19.48 0.29 -50.88
C GLY A 328 -20.18 1.53 -51.41
N ALA A 329 -21.51 1.53 -51.43
CA ALA A 329 -22.27 2.69 -51.87
C ALA A 329 -21.98 3.91 -51.01
N ASP A 330 -21.57 3.73 -49.76
CA ASP A 330 -21.40 4.86 -48.85
C ASP A 330 -20.04 5.52 -48.98
N VAL A 331 -19.22 5.07 -49.90
CA VAL A 331 -17.87 5.57 -50.05
C VAL A 331 -17.82 6.24 -51.43
N ALA A 332 -17.29 7.45 -51.48
CA ALA A 332 -17.26 8.23 -52.70
C ALA A 332 -15.91 8.21 -53.39
N VAL A 333 -14.85 7.95 -52.61
CA VAL A 333 -13.46 8.05 -53.04
C VAL A 333 -12.77 6.74 -52.68
N VAL A 334 -11.96 6.22 -53.59
CA VAL A 334 -11.02 5.18 -53.23
C VAL A 334 -9.63 5.69 -53.58
N GLU A 335 -8.74 5.70 -52.58
CA GLU A 335 -7.32 6.01 -52.81
C GLU A 335 -6.67 4.65 -52.92
N ALA A 336 -5.99 4.36 -54.03
CA ALA A 336 -5.54 2.98 -54.23
C ALA A 336 -4.03 2.78 -54.09
N HIS A 337 -3.58 1.53 -54.18
CA HIS A 337 -2.12 1.26 -54.16
C HIS A 337 -1.50 1.79 -55.46
N GLY A 338 -2.31 1.97 -56.51
CA GLY A 338 -1.82 2.53 -57.78
C GLY A 338 -0.55 1.84 -58.29
N THR A 339 0.61 2.50 -58.16
CA THR A 339 1.92 1.95 -58.64
C THR A 339 2.03 2.07 -60.17
N GLY A 340 1.03 1.59 -60.91
CA GLY A 340 1.04 1.72 -62.37
C GLY A 340 1.67 0.53 -63.04
N THR A 341 1.44 -0.66 -62.48
CA THR A 341 2.00 -1.91 -63.05
C THR A 341 1.01 -2.41 -64.10
N ARG A 342 1.51 -2.76 -65.28
CA ARG A 342 0.61 -3.17 -66.39
C ARG A 342 -0.27 -4.33 -65.93
N LEU A 343 0.30 -5.24 -65.15
CA LEU A 343 -0.48 -6.44 -64.77
C LEU A 343 -1.08 -6.23 -63.37
N GLY A 344 -0.46 -5.40 -62.55
CA GLY A 344 -0.99 -5.13 -61.21
C GLY A 344 -2.21 -4.25 -61.26
N ASP A 345 -2.14 -3.14 -62.00
CA ASP A 345 -3.28 -2.22 -61.99
C ASP A 345 -4.60 -2.88 -62.35
N PRO A 346 -4.70 -3.79 -63.32
CA PRO A 346 -6.02 -4.39 -63.59
C PRO A 346 -6.52 -5.33 -62.50
N VAL A 347 -5.65 -6.09 -61.84
CA VAL A 347 -6.12 -6.86 -60.68
C VAL A 347 -6.75 -5.93 -59.64
N GLU A 348 -6.11 -4.81 -59.35
CA GLU A 348 -6.71 -3.88 -58.39
C GLU A 348 -8.06 -3.34 -58.91
N ALA A 349 -8.11 -2.91 -60.18
CA ALA A 349 -9.36 -2.41 -60.76
C ALA A 349 -10.46 -3.47 -60.77
N SER A 350 -10.13 -4.72 -61.13
CA SER A 350 -11.17 -5.75 -61.09
C SER A 350 -11.75 -5.95 -59.70
N ALA A 351 -10.89 -5.94 -58.66
CA ALA A 351 -11.42 -6.14 -57.30
C ALA A 351 -12.25 -4.95 -56.85
N LEU A 352 -11.80 -3.73 -57.18
CA LEU A 352 -12.61 -2.55 -56.92
C LEU A 352 -13.97 -2.59 -57.66
N LEU A 353 -13.96 -3.06 -58.92
CA LEU A 353 -15.21 -3.15 -59.68
C LEU A 353 -16.19 -4.13 -59.03
N ALA A 354 -15.66 -5.24 -58.49
CA ALA A 354 -16.48 -6.28 -57.88
C ALA A 354 -16.96 -5.94 -56.48
N THR A 355 -16.50 -4.81 -55.92
CA THR A 355 -16.93 -4.34 -54.59
C THR A 355 -17.50 -2.94 -54.69
N TYR A 356 -16.66 -1.91 -54.95
CA TYR A 356 -17.17 -0.54 -54.99
C TYR A 356 -17.99 -0.27 -56.25
N GLY A 357 -17.85 -1.11 -57.29
CA GLY A 357 -18.61 -0.93 -58.52
C GLY A 357 -19.99 -1.56 -58.52
N LYS A 358 -20.17 -2.68 -57.82
CA LYS A 358 -21.49 -3.28 -57.71
C LYS A 358 -22.38 -2.44 -56.80
N SER A 359 -23.69 -2.63 -56.97
CA SER A 359 -24.74 -2.06 -56.13
C SER A 359 -24.47 -0.63 -55.63
N ARG A 360 -24.16 0.28 -56.56
CA ARG A 360 -24.04 1.68 -56.12
C ARG A 360 -25.40 2.33 -55.97
N GLY A 361 -26.32 2.03 -56.90
CA GLY A 361 -27.71 2.47 -56.86
C GLY A 361 -27.96 3.96 -56.74
N SER A 362 -27.69 4.71 -57.80
CA SER A 362 -27.86 6.18 -57.80
C SER A 362 -27.10 6.84 -56.64
N SER A 363 -25.81 6.51 -56.53
CA SER A 363 -24.88 7.32 -55.75
C SER A 363 -23.75 7.82 -56.62
N GLY A 364 -23.77 7.50 -57.92
CA GLY A 364 -22.76 7.93 -58.84
C GLY A 364 -21.54 7.04 -58.79
N PRO A 365 -20.75 7.02 -59.85
CA PRO A 365 -19.51 6.24 -59.85
C PRO A 365 -18.62 6.63 -58.69
N VAL A 366 -17.99 5.65 -58.06
CA VAL A 366 -16.95 5.98 -57.10
C VAL A 366 -15.80 6.63 -57.85
N LEU A 367 -15.23 7.69 -57.25
CA LEU A 367 -14.01 8.29 -57.79
C LEU A 367 -12.81 7.42 -57.41
N LEU A 368 -11.79 7.40 -58.28
CA LEU A 368 -10.62 6.53 -58.13
C LEU A 368 -9.32 7.29 -58.37
N GLY A 369 -8.31 7.07 -57.51
CA GLY A 369 -7.05 7.77 -57.71
C GLY A 369 -5.93 7.19 -56.87
N SER A 370 -4.71 7.64 -57.16
CA SER A 370 -3.58 7.16 -56.38
C SER A 370 -2.54 8.26 -56.28
N VAL A 371 -2.17 8.59 -55.04
CA VAL A 371 -1.18 9.64 -54.84
C VAL A 371 0.18 9.26 -55.41
N LYS A 372 0.42 7.97 -55.64
CA LYS A 372 1.69 7.59 -56.27
C LYS A 372 1.87 8.25 -57.64
N SER A 373 0.79 8.72 -58.27
CA SER A 373 0.92 9.43 -59.53
C SER A 373 1.66 10.75 -59.37
N ASN A 374 1.61 11.35 -58.18
CA ASN A 374 2.32 12.60 -57.93
C ASN A 374 3.64 12.40 -57.18
N ILE A 375 3.74 11.37 -56.34
CA ILE A 375 4.95 11.25 -55.47
C ILE A 375 5.65 9.90 -55.63
N GLY A 376 5.03 8.96 -56.33
CA GLY A 376 5.62 7.63 -56.52
C GLY A 376 5.28 6.65 -55.40
N HIS A 377 6.05 5.56 -55.30
CA HIS A 377 5.80 4.53 -54.26
C HIS A 377 6.67 4.81 -53.03
N ALA A 378 6.08 5.39 -52.00
CA ALA A 378 6.83 5.73 -50.76
C ALA A 378 7.13 4.45 -50.00
N GLN A 379 6.74 3.32 -50.56
CA GLN A 379 7.04 2.00 -49.93
C GLN A 379 6.32 1.89 -48.58
N ALA A 380 7.03 2.10 -47.48
CA ALA A 380 6.43 1.87 -46.15
C ALA A 380 5.44 2.98 -45.75
N ALA A 381 5.60 4.18 -46.31
CA ALA A 381 4.71 5.31 -45.95
C ALA A 381 3.62 5.45 -47.00
N ALA A 382 3.66 4.61 -48.02
CA ALA A 382 2.70 4.72 -49.13
C ALA A 382 1.27 4.80 -48.59
N GLY A 383 0.96 4.08 -47.52
CA GLY A 383 -0.43 4.04 -47.04
C GLY A 383 -0.84 5.33 -46.35
N VAL A 384 -0.11 5.71 -45.31
CA VAL A 384 -0.48 6.94 -44.56
C VAL A 384 -0.42 8.09 -45.56
N ALA A 385 0.62 8.15 -46.39
CA ALA A 385 0.56 9.14 -47.48
C ALA A 385 -0.85 9.21 -48.10
N GLY A 386 -1.37 8.08 -48.57
CA GLY A 386 -2.69 8.09 -49.15
C GLY A 386 -3.75 8.56 -48.17
N VAL A 387 -3.61 8.17 -46.89
CA VAL A 387 -4.56 8.60 -45.87
C VAL A 387 -4.52 10.11 -45.70
N ILE A 388 -3.30 10.68 -45.66
CA ILE A 388 -3.17 12.11 -45.52
C ILE A 388 -3.79 12.78 -46.74
N LYS A 389 -3.65 12.15 -47.92
CA LYS A 389 -4.23 12.72 -49.11
C LYS A 389 -5.75 12.78 -48.99
N VAL A 390 -6.39 11.72 -48.51
CA VAL A 390 -7.84 11.81 -48.42
C VAL A 390 -8.24 12.72 -47.26
N LEU A 391 -7.34 12.94 -46.28
CA LEU A 391 -7.64 13.87 -45.19
C LEU A 391 -7.57 15.31 -45.68
N LEU A 392 -6.53 15.62 -46.45
CA LEU A 392 -6.48 16.90 -47.17
C LEU A 392 -7.80 17.18 -47.87
N GLY A 393 -8.29 16.19 -48.61
CA GLY A 393 -9.55 16.39 -49.31
C GLY A 393 -10.71 16.64 -48.36
N LEU A 394 -10.84 15.82 -47.31
CA LEU A 394 -11.96 15.96 -46.39
C LEU A 394 -12.06 17.36 -45.82
N GLU A 395 -10.90 17.95 -45.48
CA GLU A 395 -10.84 19.34 -45.02
C GLU A 395 -11.63 20.25 -45.94
N ARG A 396 -11.20 20.35 -47.20
CA ARG A 396 -11.74 21.23 -48.22
C ARG A 396 -13.06 20.76 -48.80
N GLY A 397 -13.57 19.60 -48.43
CA GLY A 397 -14.83 19.15 -49.01
C GLY A 397 -14.78 18.79 -50.48
N VAL A 398 -13.61 18.49 -51.02
CA VAL A 398 -13.51 18.06 -52.40
C VAL A 398 -12.68 16.77 -52.47
N VAL A 399 -12.92 15.98 -53.52
CA VAL A 399 -12.15 14.77 -53.79
C VAL A 399 -10.79 15.21 -54.33
N PRO A 400 -9.67 14.81 -53.67
CA PRO A 400 -8.35 15.23 -54.11
C PRO A 400 -8.05 14.62 -55.48
N PRO A 401 -7.42 15.36 -56.42
CA PRO A 401 -7.20 14.84 -57.76
C PRO A 401 -5.96 13.96 -57.96
N MET A 402 -5.89 13.27 -59.09
CA MET A 402 -4.72 12.42 -59.43
C MET A 402 -4.15 12.86 -60.78
N LEU A 403 -2.83 12.85 -60.94
CA LEU A 403 -2.21 13.18 -62.24
C LEU A 403 -2.51 12.02 -63.19
N CYS A 404 -3.69 12.02 -63.80
CA CYS A 404 -4.02 10.97 -64.80
C CYS A 404 -3.26 11.29 -66.08
N ARG A 405 -2.61 10.29 -66.67
CA ARG A 405 -1.81 10.50 -67.90
C ARG A 405 -2.35 9.63 -69.02
N GLY A 406 -2.39 10.15 -70.24
CA GLY A 406 -2.81 9.34 -71.39
C GLY A 406 -4.25 8.91 -71.32
N GLU A 407 -4.53 7.69 -71.76
CA GLU A 407 -5.93 7.18 -71.76
C GLU A 407 -6.05 6.07 -70.72
N ARG A 408 -7.28 5.73 -70.34
CA ARG A 408 -7.52 4.68 -69.36
C ARG A 408 -7.06 3.33 -69.89
N SER A 409 -6.41 2.54 -69.04
CA SER A 409 -5.92 1.23 -69.45
C SER A 409 -7.00 0.45 -70.18
N GLY A 410 -6.64 -0.07 -71.37
CA GLY A 410 -7.50 -0.98 -72.09
C GLY A 410 -7.64 -2.34 -71.44
N LEU A 411 -6.75 -2.69 -70.50
CA LEU A 411 -6.83 -3.93 -69.73
C LEU A 411 -7.99 -3.97 -68.73
N ILE A 412 -8.77 -2.90 -68.58
CA ILE A 412 -9.73 -2.75 -67.49
C ILE A 412 -11.13 -2.60 -68.05
N ASP A 413 -12.10 -3.29 -67.46
CA ASP A 413 -13.51 -3.22 -67.87
C ASP A 413 -14.16 -1.96 -67.30
N TRP A 414 -14.05 -0.86 -68.03
CA TRP A 414 -14.75 0.38 -67.65
C TRP A 414 -16.23 0.39 -68.06
N SER A 415 -16.77 -0.75 -68.50
CA SER A 415 -18.01 -0.70 -69.29
C SER A 415 -19.23 -0.41 -68.42
N SER A 416 -19.18 -0.70 -67.11
CA SER A 416 -20.34 -0.38 -66.26
C SER A 416 -20.43 1.12 -65.98
N GLY A 417 -19.35 1.87 -66.25
CA GLY A 417 -19.27 3.28 -65.91
C GLY A 417 -19.38 3.59 -64.43
N GLU A 418 -19.14 2.61 -63.55
CA GLU A 418 -19.31 2.76 -62.11
C GLU A 418 -18.03 3.22 -61.38
N ILE A 419 -16.88 3.22 -62.05
CA ILE A 419 -15.62 3.69 -61.51
C ILE A 419 -15.05 4.74 -62.45
N GLU A 420 -14.71 5.90 -61.91
CA GLU A 420 -14.26 7.04 -62.70
C GLU A 420 -12.94 7.55 -62.11
N LEU A 421 -11.97 7.87 -62.97
CA LEU A 421 -10.70 8.38 -62.49
C LEU A 421 -10.85 9.79 -61.94
N ALA A 422 -10.26 10.04 -60.78
CA ALA A 422 -10.33 11.36 -60.19
C ALA A 422 -9.45 12.33 -60.98
N ASP A 423 -10.04 12.91 -62.04
CA ASP A 423 -9.40 13.72 -63.09
C ASP A 423 -8.77 15.02 -62.61
N GLY A 424 -9.61 15.96 -62.19
CA GLY A 424 -9.22 17.07 -61.36
C GLY A 424 -10.14 17.06 -60.14
N VAL A 425 -10.24 18.20 -59.47
CA VAL A 425 -11.01 18.30 -58.23
C VAL A 425 -12.48 17.97 -58.50
N ARG A 426 -13.11 17.20 -57.61
CA ARG A 426 -14.52 16.88 -57.76
C ARG A 426 -15.27 17.10 -56.45
N GLU A 427 -16.59 17.20 -56.57
CA GLU A 427 -17.45 17.16 -55.39
C GLU A 427 -17.32 15.81 -54.69
N TRP A 428 -17.18 15.86 -53.36
CA TRP A 428 -17.18 14.66 -52.53
C TRP A 428 -18.61 14.40 -52.08
N SER A 429 -19.35 13.62 -52.84
CA SER A 429 -20.71 13.35 -52.42
C SER A 429 -20.69 12.66 -51.05
N PRO A 430 -21.49 13.14 -50.08
CA PRO A 430 -21.63 12.44 -48.82
C PRO A 430 -22.57 11.28 -49.12
N ALA A 431 -22.63 10.31 -48.21
CA ALA A 431 -23.53 9.17 -48.39
C ALA A 431 -24.93 9.53 -47.87
N ALA A 432 -25.88 8.62 -48.03
CA ALA A 432 -27.23 8.85 -47.48
C ALA A 432 -27.06 9.21 -46.00
N ASP A 433 -26.27 8.42 -45.28
CA ASP A 433 -25.95 8.74 -43.87
C ASP A 433 -25.73 10.25 -43.75
N GLY A 434 -25.07 10.84 -44.74
CA GLY A 434 -24.71 12.27 -44.64
C GLY A 434 -23.25 12.37 -44.28
N VAL A 435 -22.58 11.22 -44.17
CA VAL A 435 -21.15 11.19 -43.78
C VAL A 435 -20.28 10.96 -45.01
N ARG A 436 -19.28 11.80 -45.22
CA ARG A 436 -18.34 11.61 -46.33
C ARG A 436 -17.32 10.54 -45.97
N ARG A 437 -17.10 9.58 -46.88
CA ARG A 437 -16.16 8.50 -46.61
C ARG A 437 -15.20 8.32 -47.76
N ALA A 438 -14.11 7.59 -47.49
CA ALA A 438 -13.12 7.20 -48.49
C ALA A 438 -12.50 5.88 -48.06
N GLY A 439 -12.01 5.12 -49.04
CA GLY A 439 -11.32 3.85 -48.82
C GLY A 439 -9.88 4.01 -49.26
N VAL A 440 -8.96 3.42 -48.52
CA VAL A 440 -7.52 3.52 -48.83
C VAL A 440 -6.95 2.12 -48.84
N SER A 441 -6.17 1.80 -49.87
CA SER A 441 -5.60 0.47 -50.04
C SER A 441 -4.08 0.54 -50.01
N ALA A 442 -3.47 -0.49 -49.45
CA ALA A 442 -2.03 -0.68 -49.60
C ALA A 442 -1.80 -2.18 -49.66
N PHE A 443 -1.16 -2.64 -50.72
CA PHE A 443 -1.03 -4.08 -50.96
C PHE A 443 0.45 -4.44 -50.98
N GLY A 444 0.86 -5.29 -50.08
CA GLY A 444 2.26 -5.53 -49.92
C GLY A 444 2.78 -6.59 -50.85
N VAL A 445 4.04 -6.42 -51.21
CA VAL A 445 4.74 -7.37 -52.06
C VAL A 445 5.12 -8.65 -51.34
N SER A 446 5.00 -8.69 -50.02
CA SER A 446 5.06 -9.93 -49.26
C SER A 446 3.70 -10.60 -49.21
N GLY A 447 2.73 -10.01 -49.92
CA GLY A 447 1.38 -10.51 -49.94
C GLY A 447 0.45 -10.01 -48.86
N THR A 448 0.83 -9.06 -48.01
CA THR A 448 -0.07 -8.61 -46.96
C THR A 448 -0.82 -7.36 -47.43
N ASN A 449 -2.13 -7.36 -47.25
CA ASN A 449 -3.02 -6.32 -47.72
C ASN A 449 -3.72 -5.60 -46.58
N ALA A 450 -3.91 -4.29 -46.78
CA ALA A 450 -4.69 -3.51 -45.85
C ALA A 450 -5.65 -2.62 -46.65
N HIS A 451 -6.87 -2.50 -46.16
CA HIS A 451 -7.84 -1.51 -46.62
C HIS A 451 -8.43 -0.81 -45.40
N VAL A 452 -8.51 0.52 -45.46
CA VAL A 452 -8.94 1.39 -44.35
C VAL A 452 -10.06 2.32 -44.83
N ILE A 453 -11.18 2.34 -44.12
CA ILE A 453 -12.20 3.33 -44.41
C ILE A 453 -11.90 4.56 -43.55
N ILE A 454 -11.60 5.70 -44.21
CA ILE A 454 -11.48 6.98 -43.52
C ILE A 454 -12.81 7.68 -43.65
N ALA A 455 -13.33 8.20 -42.54
CA ALA A 455 -14.59 8.94 -42.60
C ALA A 455 -14.42 10.36 -42.09
N GLU A 456 -15.42 11.17 -42.43
CA GLU A 456 -15.42 12.58 -41.96
C GLU A 456 -15.67 12.57 -40.46
N PRO A 457 -15.09 13.53 -39.72
CA PRO A 457 -15.22 13.54 -38.24
C PRO A 457 -16.63 13.90 -37.85
N PRO A 458 -17.20 13.27 -36.82
CA PRO A 458 -18.59 13.57 -36.47
C PRO A 458 -18.68 14.93 -35.79
N GLU A 459 -19.88 15.52 -35.82
CA GLU A 459 -20.08 16.90 -35.36
C GLU A 459 -19.80 17.03 -33.86
N PRO A 460 -18.97 17.98 -33.44
CA PRO A 460 -18.64 18.07 -32.01
C PRO A 460 -19.87 18.50 -31.22
N GLU A 461 -20.14 17.79 -30.11
CA GLU A 461 -21.17 18.18 -29.15
C GLU A 461 -20.77 19.52 -28.53
N PRO A 462 -21.57 20.57 -28.70
CA PRO A 462 -21.09 21.91 -28.32
C PRO A 462 -21.08 22.05 -26.81
N VAL A 463 -20.17 22.89 -26.31
CA VAL A 463 -19.93 22.96 -24.87
C VAL A 463 -19.68 24.43 -24.49
N PRO A 464 -20.20 24.90 -23.35
CA PRO A 464 -20.00 26.32 -23.00
C PRO A 464 -18.52 26.64 -22.84
N GLN A 465 -18.10 27.74 -23.45
CA GLN A 465 -16.65 28.05 -23.52
C GLN A 465 -16.14 28.77 -22.28
N PRO A 466 -14.95 28.39 -21.78
CA PRO A 466 -14.36 29.05 -20.64
C PRO A 466 -14.24 30.55 -20.93
N ARG A 467 -14.28 31.36 -19.87
CA ARG A 467 -14.22 32.83 -20.05
C ARG A 467 -12.76 33.29 -20.10
N ARG A 468 -12.49 34.34 -20.87
CA ARG A 468 -11.14 34.93 -20.88
C ARG A 468 -10.94 35.63 -19.55
N MET A 469 -9.69 35.81 -19.14
CA MET A 469 -9.42 36.51 -17.87
C MET A 469 -9.49 38.00 -18.12
N LEU A 470 -8.84 38.47 -19.19
CA LEU A 470 -8.78 39.93 -19.40
C LEU A 470 -9.87 40.34 -20.39
N PRO A 471 -10.41 41.57 -20.31
CA PRO A 471 -11.38 42.05 -21.29
C PRO A 471 -10.77 42.02 -22.68
N ALA A 472 -11.54 41.62 -23.68
CA ALA A 472 -11.01 41.50 -25.06
C ALA A 472 -10.77 42.89 -25.65
N THR A 473 -9.71 43.04 -26.43
CA THR A 473 -9.38 44.36 -27.02
C THR A 473 -8.84 44.18 -28.44
N GLY A 474 -9.12 43.04 -29.05
CA GLY A 474 -8.62 42.80 -30.39
C GLY A 474 -7.10 42.75 -30.47
N VAL A 475 -6.42 42.96 -29.33
CA VAL A 475 -4.98 42.77 -29.25
C VAL A 475 -4.69 41.38 -28.71
N VAL A 476 -3.84 40.65 -29.44
CA VAL A 476 -3.51 39.27 -29.12
C VAL A 476 -1.99 39.21 -28.98
N PRO A 477 -1.46 38.42 -28.04
CA PRO A 477 -0.03 38.08 -28.07
C PRO A 477 0.19 36.80 -28.87
N VAL A 478 1.20 36.79 -29.71
CA VAL A 478 1.66 35.54 -30.31
C VAL A 478 3.09 35.32 -29.86
N VAL A 479 3.32 34.19 -29.15
CA VAL A 479 4.59 33.88 -28.50
C VAL A 479 5.35 32.87 -29.34
N LEU A 480 6.68 32.97 -29.34
CA LEU A 480 7.52 32.11 -30.15
C LEU A 480 8.63 31.49 -29.30
N SER A 481 9.07 30.28 -29.66
CA SER A 481 10.14 29.63 -28.92
C SER A 481 10.90 28.67 -29.82
N ALA A 482 12.17 28.46 -29.49
CA ALA A 482 12.93 27.37 -30.08
C ALA A 482 14.18 27.16 -29.24
N ARG A 483 14.94 26.12 -29.61
CA ARG A 483 16.09 25.70 -28.81
C ARG A 483 17.28 26.65 -28.97
N THR A 484 17.39 27.36 -30.09
CA THR A 484 18.48 28.32 -30.31
C THR A 484 17.94 29.60 -30.91
N GLY A 485 18.70 30.69 -30.75
CA GLY A 485 18.31 31.96 -31.33
C GLY A 485 18.05 31.86 -32.83
N ALA A 486 18.99 31.26 -33.56
CA ALA A 486 18.81 31.01 -34.99
C ALA A 486 17.45 30.37 -35.26
N ALA A 487 17.13 29.31 -34.50
CA ALA A 487 15.86 28.63 -34.71
C ALA A 487 14.68 29.55 -34.41
N LEU A 488 14.80 30.40 -33.38
CA LEU A 488 13.73 31.35 -33.04
C LEU A 488 13.44 32.28 -34.21
N ARG A 489 14.47 32.95 -34.76
CA ARG A 489 14.24 33.80 -35.91
C ARG A 489 13.61 33.01 -37.05
N ALA A 490 14.13 31.79 -37.30
CA ALA A 490 13.55 30.95 -38.33
C ALA A 490 12.06 30.72 -38.10
N GLN A 491 11.67 30.35 -36.87
CA GLN A 491 10.25 30.17 -36.60
C GLN A 491 9.47 31.45 -36.87
N ALA A 492 10.05 32.61 -36.54
CA ALA A 492 9.39 33.90 -36.79
C ALA A 492 9.14 34.12 -38.29
N GLY A 493 10.19 34.03 -39.10
CA GLY A 493 10.02 34.16 -40.54
C GLY A 493 8.99 33.22 -41.14
N ARG A 494 8.97 31.95 -40.70
CA ARG A 494 8.00 31.04 -41.29
C ARG A 494 6.59 31.36 -40.85
N LEU A 495 6.44 31.96 -39.68
CA LEU A 495 5.10 32.33 -39.26
C LEU A 495 4.63 33.56 -40.05
N ALA A 496 5.55 34.48 -40.33
CA ALA A 496 5.22 35.64 -41.15
C ALA A 496 4.92 35.20 -42.57
N ASP A 497 5.77 34.35 -43.13
CA ASP A 497 5.48 33.84 -44.46
C ASP A 497 4.11 33.16 -44.47
N HIS A 498 3.84 32.35 -43.45
CA HIS A 498 2.56 31.66 -43.42
C HIS A 498 1.40 32.64 -43.34
N LEU A 499 1.50 33.62 -42.43
CA LEU A 499 0.37 34.52 -42.25
C LEU A 499 0.17 35.36 -43.50
N ALA A 500 1.26 35.79 -44.14
CA ALA A 500 1.16 36.53 -45.38
C ALA A 500 0.37 35.76 -46.42
N ALA A 501 0.60 34.45 -46.50
CA ALA A 501 0.01 33.57 -47.51
C ALA A 501 -1.37 33.03 -47.16
N HIS A 502 -1.87 33.28 -45.94
CA HIS A 502 -3.24 32.91 -45.55
C HIS A 502 -3.81 34.03 -44.70
N PRO A 503 -4.15 35.15 -45.30
CA PRO A 503 -4.72 36.25 -44.52
C PRO A 503 -6.13 35.90 -44.10
N GLY A 504 -6.72 36.73 -43.26
CA GLY A 504 -8.06 36.40 -42.81
C GLY A 504 -8.16 35.14 -41.99
N ILE A 505 -7.04 34.51 -41.64
CA ILE A 505 -7.05 33.61 -40.50
C ILE A 505 -7.01 34.48 -39.25
N ALA A 506 -7.82 34.11 -38.25
CA ALA A 506 -8.07 34.97 -37.11
C ALA A 506 -6.83 35.12 -36.23
N PRO A 507 -6.46 36.33 -35.80
CA PRO A 507 -5.35 36.47 -34.85
C PRO A 507 -5.54 35.70 -33.56
N ALA A 508 -6.79 35.63 -33.07
CA ALA A 508 -7.02 34.90 -31.83
C ALA A 508 -6.78 33.41 -31.98
N ASP A 509 -6.99 32.84 -33.18
CA ASP A 509 -6.55 31.48 -33.42
C ASP A 509 -5.04 31.39 -33.45
N VAL A 510 -4.36 32.38 -34.06
CA VAL A 510 -2.90 32.30 -34.10
C VAL A 510 -2.35 32.39 -32.69
N SER A 511 -2.86 33.35 -31.92
CA SER A 511 -2.48 33.53 -30.52
C SER A 511 -2.67 32.24 -29.73
N TRP A 512 -3.87 31.66 -29.82
CA TRP A 512 -4.19 30.49 -28.99
C TRP A 512 -3.35 29.29 -29.40
N THR A 513 -3.24 29.04 -30.71
CA THR A 513 -2.42 27.93 -31.20
C THR A 513 -0.96 28.06 -30.75
N MET A 514 -0.37 29.25 -30.92
CA MET A 514 1.05 29.40 -30.61
C MET A 514 1.30 29.32 -29.10
N ALA A 515 0.30 29.68 -28.30
CA ALA A 515 0.48 29.73 -26.86
C ALA A 515 0.14 28.41 -26.19
N ARG A 516 -0.90 27.73 -26.66
CA ARG A 516 -1.37 26.52 -26.01
C ARG A 516 -1.08 25.24 -26.77
N ALA A 517 -0.69 25.30 -28.03
CA ALA A 517 -0.54 24.09 -28.82
C ALA A 517 0.89 23.89 -29.29
N ARG A 518 1.84 24.61 -28.71
CA ARG A 518 3.25 24.34 -28.93
C ARG A 518 3.97 24.32 -27.59
N GLN A 519 5.06 23.57 -27.55
CA GLN A 519 5.94 23.54 -26.41
C GLN A 519 6.76 24.83 -26.39
N HIS A 520 7.14 25.27 -25.18
CA HIS A 520 7.86 26.53 -25.05
C HIS A 520 9.30 26.23 -24.72
N PHE A 521 10.23 26.72 -25.55
CA PHE A 521 11.62 26.33 -25.41
C PHE A 521 12.43 27.46 -24.80
N GLU A 522 13.76 27.38 -24.94
CA GLU A 522 14.69 28.20 -24.15
C GLU A 522 14.70 29.66 -24.63
N GLU A 523 14.83 29.89 -25.93
CA GLU A 523 14.85 31.23 -26.51
C GLU A 523 13.45 31.65 -26.97
N ARG A 524 13.00 32.82 -26.52
CA ARG A 524 11.61 33.21 -26.75
C ARG A 524 11.55 34.61 -27.37
N ALA A 525 10.35 34.95 -27.81
CA ALA A 525 10.03 36.26 -28.35
C ALA A 525 8.52 36.37 -28.35
N ALA A 526 8.01 37.55 -28.09
CA ALA A 526 6.57 37.73 -28.19
C ALA A 526 6.28 38.97 -29.01
N VAL A 527 5.13 38.96 -29.65
CA VAL A 527 4.66 39.97 -30.58
C VAL A 527 3.23 40.35 -30.19
N LEU A 528 2.98 41.63 -30.02
CA LEU A 528 1.60 42.03 -29.77
C LEU A 528 1.02 42.50 -31.09
N ALA A 529 -0.28 42.25 -31.31
CA ALA A 529 -0.82 42.56 -32.63
C ALA A 529 -2.33 42.71 -32.56
N ALA A 530 -2.88 43.60 -33.40
CA ALA A 530 -4.31 43.81 -33.47
C ALA A 530 -4.92 43.35 -34.78
N ASP A 531 -4.09 43.07 -35.77
CA ASP A 531 -4.54 42.47 -37.02
C ASP A 531 -3.41 41.63 -37.56
N THR A 532 -3.71 40.85 -38.61
CA THR A 532 -2.72 39.97 -39.21
C THR A 532 -1.56 40.73 -39.84
N ALA A 533 -1.87 41.81 -40.57
CA ALA A 533 -0.79 42.59 -41.19
C ALA A 533 0.27 42.95 -40.17
N GLU A 534 -0.18 43.38 -38.99
CA GLU A 534 0.73 43.87 -37.96
C GLU A 534 1.59 42.75 -37.41
N ALA A 535 0.96 41.61 -37.08
CA ALA A 535 1.70 40.40 -36.74
C ALA A 535 2.81 40.10 -37.75
N VAL A 536 2.47 40.06 -39.04
CA VAL A 536 3.47 39.79 -40.08
C VAL A 536 4.62 40.76 -39.97
N HIS A 537 4.30 42.05 -39.79
CA HIS A 537 5.32 43.09 -39.78
C HIS A 537 6.28 42.92 -38.60
N ARG A 538 5.74 42.65 -37.40
CA ARG A 538 6.58 42.47 -36.21
C ARG A 538 7.29 41.12 -36.20
N LEU A 539 6.62 40.07 -36.71
CA LEU A 539 7.29 38.77 -36.86
C LEU A 539 8.55 38.87 -37.73
N ARG A 540 8.49 39.68 -38.82
CA ARG A 540 9.71 39.95 -39.58
C ARG A 540 10.79 40.58 -38.72
N ALA A 541 10.42 41.49 -37.81
CA ALA A 541 11.44 42.10 -36.97
C ALA A 541 12.17 41.03 -36.18
N VAL A 542 11.42 40.12 -35.56
CA VAL A 542 12.03 39.03 -34.79
C VAL A 542 12.96 38.24 -35.69
N ALA A 543 12.45 37.84 -36.86
CA ALA A 543 13.24 37.12 -37.87
C ALA A 543 14.50 37.87 -38.28
N ASP A 544 14.39 39.18 -38.47
CA ASP A 544 15.50 40.01 -38.89
C ASP A 544 16.34 40.50 -37.72
N GLY A 545 15.97 40.15 -36.48
CA GLY A 545 16.74 40.58 -35.34
C GLY A 545 16.60 42.04 -35.01
N ALA A 546 15.58 42.71 -35.53
CA ALA A 546 15.41 44.15 -35.35
C ALA A 546 14.56 44.43 -34.13
N VAL A 547 14.74 45.63 -33.59
CA VAL A 547 13.96 46.12 -32.45
C VAL A 547 12.85 47.02 -32.96
N VAL A 548 11.65 46.81 -32.45
CA VAL A 548 10.45 47.47 -32.95
C VAL A 548 9.46 47.51 -31.78
N PRO A 549 8.58 48.50 -31.70
CA PRO A 549 7.51 48.40 -30.71
C PRO A 549 6.63 47.19 -30.97
N GLY A 550 6.20 46.56 -29.87
CA GLY A 550 5.29 45.44 -29.89
C GLY A 550 5.97 44.10 -29.77
N VAL A 551 7.29 44.09 -29.65
CA VAL A 551 8.10 42.90 -29.79
C VAL A 551 9.05 42.84 -28.60
N VAL A 552 9.05 41.72 -27.89
CA VAL A 552 9.96 41.47 -26.78
C VAL A 552 10.71 40.17 -27.05
N THR A 553 11.92 40.10 -26.52
CA THR A 553 12.81 38.99 -26.76
C THR A 553 13.52 38.60 -25.45
N GLY A 554 13.77 37.31 -25.26
CA GLY A 554 14.33 36.89 -23.98
C GLY A 554 14.56 35.38 -23.90
N SER A 555 15.14 34.97 -22.78
CA SER A 555 15.51 33.58 -22.50
C SER A 555 14.87 33.11 -21.21
N ALA A 556 14.17 31.98 -21.28
CA ALA A 556 13.54 31.40 -20.10
C ALA A 556 14.60 30.89 -19.13
N SER A 557 14.26 30.87 -17.84
CA SER A 557 15.27 30.62 -16.82
C SER A 557 14.71 29.80 -15.66
N ASP A 558 15.66 29.25 -14.90
CA ASP A 558 15.41 28.26 -13.86
C ASP A 558 15.02 28.90 -12.53
N GLY A 559 15.67 30.02 -12.21
CA GLY A 559 15.40 30.69 -10.95
C GLY A 559 13.96 31.08 -10.83
N GLY A 560 13.56 31.40 -9.61
CA GLY A 560 12.18 31.75 -9.36
C GLY A 560 11.94 33.22 -9.59
N SER A 561 10.67 33.58 -9.49
CA SER A 561 10.28 34.98 -9.57
C SER A 561 9.99 35.56 -8.20
N VAL A 562 10.46 36.80 -7.99
CA VAL A 562 10.22 37.59 -6.79
C VAL A 562 9.19 38.66 -7.13
N PHE A 563 8.08 38.68 -6.40
CA PHE A 563 7.15 39.82 -6.49
C PHE A 563 7.67 41.01 -5.67
N VAL A 564 7.94 42.11 -6.35
CA VAL A 564 8.47 43.31 -5.73
C VAL A 564 7.33 44.31 -5.54
N PHE A 565 7.08 44.70 -4.28
CA PHE A 565 6.01 45.62 -3.92
C PHE A 565 6.58 46.97 -3.50
N PRO A 566 6.41 48.02 -4.30
CA PRO A 566 6.91 49.34 -3.92
C PRO A 566 5.87 50.07 -3.08
N GLY A 567 6.27 51.24 -2.60
CA GLY A 567 5.34 52.18 -1.99
C GLY A 567 5.30 53.46 -2.80
N GLN A 568 6.13 54.44 -2.43
CA GLN A 568 6.50 55.58 -3.26
C GLN A 568 5.37 56.23 -4.02
N GLY A 569 5.66 56.60 -5.27
CA GLY A 569 4.69 57.23 -6.13
C GLY A 569 4.39 56.35 -7.31
N ALA A 570 3.85 55.17 -7.03
CA ALA A 570 3.32 54.31 -8.07
C ALA A 570 1.91 54.72 -8.47
N GLN A 571 1.27 55.59 -7.71
CA GLN A 571 -0.13 55.91 -7.90
C GLN A 571 -0.32 56.89 -9.05
N TRP A 572 -1.50 56.79 -9.66
CA TRP A 572 -1.97 57.76 -10.64
C TRP A 572 -3.50 57.76 -10.60
N GLU A 573 -4.10 58.88 -11.02
CA GLU A 573 -5.54 59.08 -10.90
C GLU A 573 -6.28 58.12 -11.81
N GLY A 574 -7.12 57.28 -11.22
CA GLY A 574 -7.89 56.32 -11.97
C GLY A 574 -7.15 55.06 -12.33
N MET A 575 -5.98 54.81 -11.74
CA MET A 575 -5.19 53.62 -12.02
C MET A 575 -6.07 52.39 -11.99
N ALA A 576 -5.83 51.50 -12.93
CA ALA A 576 -6.40 50.16 -12.91
C ALA A 576 -7.91 50.14 -12.94
N ARG A 577 -8.60 51.29 -13.08
CA ARG A 577 -10.07 51.25 -13.13
C ARG A 577 -10.56 50.39 -14.30
N GLU A 578 -9.71 50.22 -15.31
CA GLU A 578 -10.10 49.42 -16.50
C GLU A 578 -10.02 47.92 -16.22
N LEU A 579 -9.50 47.51 -15.06
CA LEU A 579 -9.33 46.07 -14.74
C LEU A 579 -10.48 45.61 -13.85
N LEU A 580 -11.36 46.54 -13.45
CA LEU A 580 -12.51 46.21 -12.58
C LEU A 580 -13.47 45.26 -13.30
N PRO A 581 -13.60 45.25 -14.64
CA PRO A 581 -14.43 44.25 -15.29
C PRO A 581 -13.95 42.82 -14.95
N VAL A 582 -12.66 42.66 -14.64
CA VAL A 582 -12.10 41.31 -14.37
C VAL A 582 -12.50 40.85 -12.98
N PRO A 583 -13.31 39.79 -12.85
CA PRO A 583 -13.76 39.31 -11.53
C PRO A 583 -12.66 39.14 -10.49
N VAL A 584 -11.61 38.39 -10.83
CA VAL A 584 -10.51 38.12 -9.87
C VAL A 584 -10.00 39.45 -9.32
N PHE A 585 -9.92 40.47 -10.16
CA PHE A 585 -9.49 41.79 -9.68
C PHE A 585 -10.59 42.48 -8.88
N ALA A 586 -11.78 42.62 -9.50
CA ALA A 586 -12.92 43.25 -8.85
C ALA A 586 -13.18 42.65 -7.48
N GLU A 587 -13.23 41.31 -7.38
CA GLU A 587 -13.52 40.66 -6.10
C GLU A 587 -12.56 41.08 -4.99
N SER A 588 -11.31 41.37 -5.36
CA SER A 588 -10.31 41.73 -4.36
C SER A 588 -10.40 43.20 -3.97
N ILE A 589 -10.66 44.09 -4.93
CA ILE A 589 -10.94 45.49 -4.60
C ILE A 589 -12.14 45.56 -3.66
N ALA A 590 -13.24 44.89 -4.03
CA ALA A 590 -14.47 44.89 -3.23
C ALA A 590 -14.23 44.44 -1.78
N GLU A 591 -13.40 43.40 -1.59
CA GLU A 591 -13.13 42.89 -0.25
C GLU A 591 -12.22 43.84 0.54
N CYS A 592 -11.30 44.51 -0.14
CA CYS A 592 -10.58 45.62 0.46
C CYS A 592 -11.54 46.75 0.90
N ASP A 593 -12.43 47.16 0.00
CA ASP A 593 -13.36 48.25 0.35
C ASP A 593 -13.98 47.95 1.71
N ALA A 594 -14.46 46.72 1.89
CA ALA A 594 -15.16 46.36 3.14
C ALA A 594 -14.23 46.58 4.35
N VAL A 595 -13.04 46.01 4.33
CA VAL A 595 -12.15 46.12 5.51
C VAL A 595 -11.80 47.59 5.76
N LEU A 596 -11.69 48.39 4.71
CA LEU A 596 -11.28 49.81 4.88
C LEU A 596 -12.44 50.60 5.45
N SER A 597 -13.66 50.30 5.01
CA SER A 597 -14.86 50.97 5.57
C SER A 597 -14.85 50.85 7.09
N GLU A 598 -14.45 49.69 7.62
CA GLU A 598 -14.50 49.46 9.09
C GLU A 598 -13.19 49.94 9.75
N VAL A 599 -12.40 50.75 9.06
CA VAL A 599 -11.16 51.31 9.66
C VAL A 599 -11.08 52.77 9.21
N ALA A 600 -12.05 53.22 8.43
CA ALA A 600 -12.06 54.60 7.91
C ALA A 600 -13.38 54.85 7.18
N GLY A 601 -13.32 55.48 6.01
CA GLY A 601 -14.55 55.75 5.23
C GLY A 601 -14.35 55.58 3.75
N PHE A 602 -13.11 55.75 3.27
CA PHE A 602 -12.86 55.69 1.80
C PHE A 602 -13.02 54.26 1.29
N SER A 603 -12.81 54.04 -0.02
CA SER A 603 -13.04 52.70 -0.62
C SER A 603 -12.52 52.65 -2.06
N VAL A 604 -13.42 52.62 -3.04
CA VAL A 604 -13.04 52.65 -4.49
C VAL A 604 -13.01 54.11 -4.93
N SER A 605 -12.04 54.89 -4.46
CA SER A 605 -11.90 56.33 -4.82
C SER A 605 -11.08 56.46 -6.10
N GLU A 606 -11.22 55.50 -7.00
CA GLU A 606 -10.45 55.52 -8.27
C GLU A 606 -11.34 56.09 -9.38
N VAL A 607 -12.38 56.85 -8.99
CA VAL A 607 -13.25 57.51 -10.01
C VAL A 607 -13.30 59.01 -9.68
N LEU A 608 -13.34 59.86 -10.70
CA LEU A 608 -13.48 61.33 -10.48
C LEU A 608 -12.81 61.75 -9.18
N GLU A 618 -3.01 61.13 -3.78
CA GLU A 618 -4.14 61.92 -3.31
C GLU A 618 -3.72 62.71 -2.04
N ARG A 619 -3.95 62.12 -0.86
CA ARG A 619 -3.31 62.48 0.41
C ARG A 619 -2.95 61.19 1.14
N VAL A 620 -2.04 61.28 2.12
CA VAL A 620 -1.23 60.11 2.51
C VAL A 620 -2.04 59.02 3.19
N ASP A 621 -2.97 59.37 4.06
CA ASP A 621 -3.77 58.35 4.72
C ASP A 621 -4.93 57.88 3.85
N VAL A 622 -4.92 58.22 2.56
CA VAL A 622 -5.77 57.56 1.58
C VAL A 622 -4.96 56.89 0.48
N VAL A 623 -3.84 57.48 0.05
CA VAL A 623 -3.10 56.88 -1.04
C VAL A 623 -2.44 55.57 -0.58
N GLN A 624 -1.90 55.52 0.63
CA GLN A 624 -1.19 54.30 1.00
C GLN A 624 -2.16 53.12 1.15
N PRO A 625 -3.34 53.30 1.77
CA PRO A 625 -4.36 52.24 1.68
C PRO A 625 -4.74 51.85 0.27
N VAL A 626 -4.86 52.81 -0.65
CA VAL A 626 -5.41 52.46 -1.96
C VAL A 626 -4.36 51.77 -2.82
N LEU A 627 -3.11 52.26 -2.79
CA LEU A 627 -2.00 51.53 -3.40
C LEU A 627 -1.92 50.11 -2.88
N PHE A 628 -2.18 49.92 -1.59
CA PHE A 628 -2.13 48.57 -1.01
C PHE A 628 -3.20 47.68 -1.65
N ALA A 629 -4.43 48.17 -1.74
CA ALA A 629 -5.49 47.35 -2.33
C ALA A 629 -5.24 47.11 -3.82
N VAL A 630 -4.58 48.04 -4.51
CA VAL A 630 -4.33 47.83 -5.92
C VAL A 630 -3.21 46.82 -6.10
N MET A 631 -2.19 46.89 -5.24
CA MET A 631 -1.09 45.94 -5.38
C MET A 631 -1.50 44.51 -5.02
N VAL A 632 -2.27 44.32 -3.93
CA VAL A 632 -2.60 42.94 -3.55
C VAL A 632 -3.55 42.37 -4.59
N SER A 633 -4.37 43.21 -5.21
CA SER A 633 -5.29 42.76 -6.25
C SER A 633 -4.55 42.44 -7.53
N LEU A 634 -3.61 43.29 -7.92
CA LEU A 634 -2.73 42.97 -9.03
C LEU A 634 -1.98 41.66 -8.79
N ALA A 635 -1.60 41.41 -7.52
CA ALA A 635 -0.94 40.15 -7.18
C ALA A 635 -1.88 38.97 -7.42
N ARG A 636 -3.12 39.08 -6.98
CA ARG A 636 -4.07 38.00 -7.22
C ARG A 636 -4.31 37.80 -8.72
N LEU A 637 -4.25 38.89 -9.52
CA LEU A 637 -4.48 38.74 -10.97
C LEU A 637 -3.31 38.00 -11.63
N TRP A 638 -2.09 38.32 -11.24
CA TRP A 638 -0.93 37.58 -11.73
C TRP A 638 -1.06 36.09 -11.41
N ARG A 639 -1.57 35.76 -10.22
CA ARG A 639 -1.57 34.37 -9.80
C ARG A 639 -2.63 33.59 -10.53
N ALA A 640 -3.81 34.18 -10.68
CA ALA A 640 -4.86 33.51 -11.44
C ALA A 640 -4.44 33.35 -12.91
N CYS A 641 -3.39 34.02 -13.32
CA CYS A 641 -2.87 33.96 -14.66
C CYS A 641 -1.63 33.08 -14.77
N GLY A 642 -1.25 32.40 -13.67
CA GLY A 642 -0.19 31.40 -13.68
C GLY A 642 1.10 31.80 -12.98
N ALA A 643 1.27 33.05 -12.55
CA ALA A 643 2.56 33.50 -12.03
C ALA A 643 2.66 33.19 -10.53
N VAL A 644 3.56 32.27 -10.18
CA VAL A 644 3.73 31.87 -8.79
C VAL A 644 4.87 32.73 -8.25
N PRO A 645 4.68 33.35 -7.09
CA PRO A 645 5.79 34.09 -6.47
C PRO A 645 6.65 33.10 -5.71
N SER A 646 7.94 33.08 -6.05
CA SER A 646 8.88 32.33 -5.24
C SER A 646 9.21 33.06 -3.94
N ALA A 647 9.14 34.38 -3.95
CA ALA A 647 9.44 35.20 -2.79
C ALA A 647 8.75 36.53 -2.98
N VAL A 648 8.43 37.20 -1.87
CA VAL A 648 7.93 38.57 -1.93
C VAL A 648 8.93 39.47 -1.25
N ILE A 649 9.01 40.70 -1.75
CA ILE A 649 9.89 41.73 -1.15
C ILE A 649 9.13 43.05 -1.20
N GLY A 650 9.38 43.94 -0.24
CA GLY A 650 8.60 45.19 -0.18
C GLY A 650 9.44 46.40 0.13
N HIS A 651 8.93 47.59 -0.23
CA HIS A 651 9.63 48.86 0.07
C HIS A 651 8.71 49.68 0.96
N SER A 652 9.04 49.77 2.25
CA SER A 652 8.22 50.55 3.21
C SER A 652 6.79 50.02 3.25
N GLN A 653 5.83 50.85 2.90
CA GLN A 653 4.40 50.45 3.00
C GLN A 653 4.14 49.23 2.10
N GLY A 654 5.03 48.97 1.17
CA GLY A 654 4.82 47.85 0.22
C GLY A 654 4.92 46.52 0.92
N GLU A 655 5.71 46.46 2.00
CA GLU A 655 5.90 45.19 2.74
C GLU A 655 4.54 44.72 3.27
N ILE A 656 3.65 45.65 3.59
CA ILE A 656 2.30 45.29 4.06
C ILE A 656 1.62 44.55 2.91
N ALA A 657 1.63 45.14 1.72
CA ALA A 657 1.14 44.39 0.56
C ALA A 657 1.84 43.03 0.46
N ALA A 658 3.17 43.02 0.50
CA ALA A 658 3.88 41.75 0.41
C ALA A 658 3.46 40.77 1.51
N ALA A 659 3.30 41.23 2.74
CA ALA A 659 2.93 40.28 3.78
C ALA A 659 1.52 39.72 3.55
N VAL A 660 0.62 40.50 2.95
CA VAL A 660 -0.73 39.98 2.73
C VAL A 660 -0.71 39.00 1.57
N VAL A 661 0.03 39.33 0.52
CA VAL A 661 0.17 38.43 -0.61
C VAL A 661 0.83 37.14 -0.17
N ALA A 662 1.78 37.22 0.76
CA ALA A 662 2.43 36.00 1.24
C ALA A 662 1.62 35.23 2.27
N GLY A 663 0.53 35.77 2.78
CA GLY A 663 -0.25 35.08 3.79
C GLY A 663 0.17 35.35 5.22
N ALA A 664 1.22 36.16 5.45
CA ALA A 664 1.66 36.45 6.80
C ALA A 664 0.68 37.34 7.54
N LEU A 665 -0.14 38.11 6.82
CA LEU A 665 -1.22 38.88 7.41
C LEU A 665 -2.48 38.61 6.62
N SER A 666 -3.62 38.58 7.30
CA SER A 666 -4.88 38.55 6.59
C SER A 666 -5.09 39.88 5.87
N LEU A 667 -6.07 39.87 4.95
CA LEU A 667 -6.43 41.10 4.26
C LEU A 667 -6.84 42.18 5.25
N GLU A 668 -7.54 41.81 6.32
CA GLU A 668 -7.95 42.80 7.29
C GLU A 668 -6.75 43.34 8.06
N ASP A 669 -6.01 42.46 8.74
CA ASP A 669 -4.85 42.91 9.49
C ASP A 669 -3.90 43.74 8.62
N GLY A 670 -3.83 43.45 7.32
CA GLY A 670 -2.97 44.22 6.45
C GLY A 670 -3.52 45.61 6.17
N MET A 671 -4.79 45.68 5.73
CA MET A 671 -5.49 46.96 5.64
C MET A 671 -5.31 47.77 6.93
N ARG A 672 -5.59 47.13 8.07
CA ARG A 672 -5.46 47.80 9.35
C ARG A 672 -4.07 48.38 9.53
N VAL A 673 -3.02 47.59 9.22
CA VAL A 673 -1.68 48.10 9.44
C VAL A 673 -1.42 49.31 8.55
N VAL A 674 -1.87 49.30 7.29
CA VAL A 674 -1.54 50.40 6.39
C VAL A 674 -2.40 51.63 6.68
N ALA A 675 -3.65 51.42 7.04
CA ALA A 675 -4.52 52.55 7.40
C ALA A 675 -3.91 53.34 8.56
N ARG A 676 -3.68 52.69 9.69
CA ARG A 676 -3.14 53.39 10.88
C ARG A 676 -1.78 53.98 10.53
N ARG A 677 -0.84 53.13 10.10
CA ARG A 677 0.52 53.60 9.71
C ARG A 677 0.38 54.90 8.91
N SER A 678 -0.60 54.97 8.01
CA SER A 678 -0.75 56.16 7.15
C SER A 678 -1.23 57.34 8.00
N ARG A 679 -2.33 57.13 8.73
CA ARG A 679 -2.87 58.21 9.58
C ARG A 679 -1.75 58.72 10.48
N ALA A 680 -0.94 57.80 11.00
CA ALA A 680 0.19 58.19 11.86
C ALA A 680 1.03 59.24 11.15
N VAL A 681 1.43 58.94 9.92
CA VAL A 681 2.23 59.92 9.12
C VAL A 681 1.46 61.23 9.09
N ARG A 682 0.23 61.21 8.59
CA ARG A 682 -0.57 62.45 8.49
C ARG A 682 -0.34 63.27 9.76
N ALA A 683 -0.56 62.64 10.92
CA ALA A 683 -0.44 63.37 12.20
C ALA A 683 0.88 64.14 12.25
N VAL A 684 2.01 63.44 12.10
CA VAL A 684 3.31 64.13 12.24
C VAL A 684 3.73 64.66 10.86
N ALA A 685 2.94 65.58 10.30
CA ALA A 685 3.26 66.15 8.97
C ALA A 685 3.47 67.67 9.06
N GLY A 686 3.31 68.36 7.94
CA GLY A 686 3.49 69.83 7.91
C GLY A 686 4.95 70.20 7.76
N ARG A 687 5.74 69.94 8.79
CA ARG A 687 7.20 70.20 8.71
C ARG A 687 7.89 68.89 8.37
N GLY A 688 9.03 68.95 7.66
CA GLY A 688 9.68 67.71 7.20
C GLY A 688 9.47 67.52 5.71
N SER A 689 10.47 66.99 5.02
CA SER A 689 10.33 66.69 3.57
C SER A 689 11.34 65.64 3.14
N MET A 690 11.12 65.01 1.99
CA MET A 690 12.09 64.04 1.50
C MET A 690 12.25 64.23 -0.01
N LEU A 691 13.46 63.96 -0.50
CA LEU A 691 13.79 64.24 -1.88
C LEU A 691 14.63 63.11 -2.46
N SER A 692 14.56 62.99 -3.78
CA SER A 692 15.36 62.01 -4.51
C SER A 692 16.65 62.65 -4.94
N VAL A 693 17.74 61.89 -4.86
CA VAL A 693 19.06 62.42 -5.17
C VAL A 693 19.79 61.39 -6.01
N ARG A 694 20.07 61.71 -7.27
CA ARG A 694 20.86 60.76 -8.09
C ARG A 694 22.28 60.70 -7.52
N GLY A 695 22.68 59.55 -7.00
CA GLY A 695 24.04 59.39 -6.44
C GLY A 695 24.09 58.27 -5.44
N GLY A 696 25.27 57.69 -5.23
CA GLY A 696 25.43 56.61 -4.24
C GLY A 696 25.42 57.14 -2.82
N ARG A 697 25.48 56.24 -1.84
CA ARG A 697 25.53 56.66 -0.42
C ARG A 697 26.99 56.70 0.05
N TRP A 709 24.28 71.77 9.07
CA TRP A 709 23.17 70.83 8.86
C TRP A 709 23.66 69.39 8.65
N THR A 710 23.93 68.71 9.77
CA THR A 710 24.24 67.28 9.84
C THR A 710 23.56 66.80 11.13
N GLY A 711 22.32 66.35 11.00
CA GLY A 711 21.49 66.14 12.15
C GLY A 711 20.18 66.80 11.82
N ARG A 712 20.02 67.12 10.55
CA ARG A 712 18.76 67.64 10.08
C ARG A 712 18.29 66.98 8.78
N LEU A 713 19.16 66.24 8.07
CA LEU A 713 18.76 65.32 7.01
C LEU A 713 19.60 64.04 7.04
N GLU A 714 18.95 62.91 6.79
CA GLU A 714 19.63 61.62 6.63
C GLU A 714 19.12 60.94 5.37
N VAL A 715 19.83 59.87 4.97
CA VAL A 715 19.32 58.98 3.93
C VAL A 715 18.19 58.13 4.50
N ALA A 716 17.03 58.16 3.82
CA ALA A 716 15.86 57.43 4.26
C ALA A 716 15.63 56.13 3.49
N ALA A 717 16.17 56.03 2.26
CA ALA A 717 16.10 54.80 1.48
C ALA A 717 17.25 54.80 0.48
N VAL A 718 17.87 53.65 0.33
CA VAL A 718 18.81 53.40 -0.74
C VAL A 718 18.05 52.51 -1.73
N ASN A 719 17.77 53.03 -2.94
CA ASN A 719 16.93 52.30 -3.91
C ASN A 719 17.74 51.60 -4.99
N GLY A 720 19.01 51.91 -5.16
CA GLY A 720 19.81 51.33 -6.21
C GLY A 720 21.20 51.90 -6.14
N PRO A 721 22.10 51.49 -7.02
CA PRO A 721 23.48 51.99 -6.92
C PRO A 721 23.63 53.48 -7.21
N ASP A 722 22.62 54.12 -7.80
CA ASP A 722 22.68 55.53 -8.17
C ASP A 722 21.44 56.30 -7.73
N ALA A 723 20.63 55.73 -6.85
CA ALA A 723 19.39 56.36 -6.43
C ALA A 723 19.27 56.31 -4.92
N VAL A 724 18.95 57.45 -4.32
CA VAL A 724 18.88 57.59 -2.89
C VAL A 724 17.72 58.53 -2.58
N VAL A 725 17.03 58.29 -1.48
CA VAL A 725 16.02 59.22 -0.99
C VAL A 725 16.53 59.82 0.32
N VAL A 726 16.61 61.16 0.36
CA VAL A 726 17.12 61.91 1.49
C VAL A 726 15.93 62.57 2.17
N ALA A 727 15.83 62.43 3.49
CA ALA A 727 14.70 62.96 4.25
C ALA A 727 15.17 63.71 5.50
N GLY A 728 14.34 64.63 5.96
CA GLY A 728 14.72 65.47 7.09
C GLY A 728 13.74 66.62 7.26
N ASP A 729 14.23 67.68 7.92
CA ASP A 729 13.38 68.83 8.22
C ASP A 729 13.20 69.72 7.00
N ALA A 730 11.96 70.22 6.83
CA ALA A 730 11.55 70.80 5.56
C ALA A 730 12.52 71.87 5.09
N GLN A 731 13.01 72.70 6.00
CA GLN A 731 13.85 73.81 5.57
C GLN A 731 15.23 73.33 5.15
N ALA A 732 15.85 72.48 5.96
CA ALA A 732 17.16 71.93 5.61
C ALA A 732 17.14 71.15 4.30
N ALA A 733 15.95 70.74 3.84
CA ALA A 733 15.82 70.08 2.54
C ALA A 733 15.89 71.10 1.40
N ARG A 734 15.06 72.14 1.49
CA ARG A 734 15.16 73.28 0.59
C ARG A 734 16.60 73.73 0.42
N GLU A 735 17.38 73.68 1.52
CA GLU A 735 18.80 74.04 1.45
C GLU A 735 19.60 73.03 0.64
N PHE A 736 19.36 71.72 0.85
CA PHE A 736 20.06 70.69 0.10
C PHE A 736 19.71 70.74 -1.38
N LEU A 737 18.50 71.19 -1.71
CA LEU A 737 18.10 71.24 -3.11
C LEU A 737 18.78 72.39 -3.85
N GLU A 738 18.78 73.59 -3.27
CA GLU A 738 19.45 74.73 -3.90
C GLU A 738 20.92 74.44 -4.18
N TYR A 739 21.62 73.85 -3.20
CA TYR A 739 23.01 73.46 -3.43
C TYR A 739 23.13 72.58 -4.66
N CYS A 740 22.21 71.60 -4.79
CA CYS A 740 22.26 70.68 -5.92
C CYS A 740 22.01 71.38 -7.25
N GLU A 741 21.09 72.37 -7.27
CA GLU A 741 20.85 73.13 -8.50
C GLU A 741 22.05 73.96 -8.91
N GLY A 742 22.83 74.44 -7.93
CA GLY A 742 24.06 75.16 -8.19
C GLY A 742 25.18 74.24 -8.62
N VAL A 743 25.53 73.25 -7.78
CA VAL A 743 26.60 72.31 -8.07
C VAL A 743 26.25 71.35 -9.20
N GLY A 744 25.00 71.34 -9.64
CA GLY A 744 24.59 70.49 -10.74
C GLY A 744 24.27 69.05 -10.39
N ILE A 745 24.03 68.74 -9.13
CA ILE A 745 23.70 67.38 -8.72
C ILE A 745 22.21 67.18 -8.90
N ARG A 746 21.83 66.11 -9.61
CA ARG A 746 20.44 65.91 -9.99
C ARG A 746 19.61 65.52 -8.76
N ALA A 747 18.59 66.31 -8.47
CA ALA A 747 17.76 66.13 -7.29
C ALA A 747 16.42 66.83 -7.48
N ARG A 748 15.40 66.25 -6.87
CA ARG A 748 14.02 66.79 -7.02
C ARG A 748 13.25 66.36 -5.78
N ALA A 749 12.27 67.16 -5.36
CA ALA A 749 11.55 66.86 -4.10
C ALA A 749 10.45 65.84 -4.36
N ILE A 750 10.07 65.09 -3.33
CA ILE A 750 8.93 64.15 -3.48
C ILE A 750 7.71 64.89 -2.90
N PRO A 751 6.63 65.06 -3.67
CA PRO A 751 5.48 65.83 -3.21
C PRO A 751 4.92 65.31 -1.87
N VAL A 752 5.66 65.51 -0.78
CA VAL A 752 5.20 65.07 0.56
C VAL A 752 5.57 66.15 1.59
N ASP A 753 4.77 66.29 2.65
CA ASP A 753 5.07 67.28 3.72
C ASP A 753 5.63 66.55 4.94
N TYR A 754 5.94 65.26 4.78
CA TYR A 754 6.45 64.46 5.92
C TYR A 754 7.86 63.95 5.62
N ALA A 755 8.54 63.45 6.64
CA ALA A 755 9.88 62.87 6.44
C ALA A 755 9.91 61.50 7.12
N SER A 756 9.45 60.47 6.40
CA SER A 756 9.39 59.11 6.98
C SER A 756 10.80 58.52 7.08
N HIS A 757 10.97 57.50 7.91
CA HIS A 757 12.26 56.81 7.98
C HIS A 757 13.34 57.76 8.50
N THR A 758 12.90 58.65 9.39
CA THR A 758 13.74 59.53 10.21
C THR A 758 13.17 59.52 11.62
N ALA A 759 13.84 60.21 12.53
CA ALA A 759 13.31 60.33 13.90
C ALA A 759 12.09 61.26 13.93
N HIS A 760 11.64 61.72 12.78
CA HIS A 760 10.50 62.68 12.76
C HIS A 760 9.20 61.97 13.11
N VAL A 761 9.21 60.64 13.06
CA VAL A 761 7.94 59.88 13.26
C VAL A 761 7.90 59.30 14.67
N GLU A 762 9.06 59.26 15.35
CA GLU A 762 9.13 58.70 16.72
C GLU A 762 7.91 59.18 17.53
N PRO A 763 7.55 60.47 17.51
CA PRO A 763 6.36 60.93 18.22
C PRO A 763 5.16 59.99 18.12
N VAL A 764 4.71 59.69 16.90
CA VAL A 764 3.46 58.89 16.72
C VAL A 764 3.72 57.40 17.01
N ARG A 765 4.92 57.04 17.43
CA ARG A 765 5.16 55.62 17.83
C ARG A 765 4.34 55.36 19.08
N ASP A 766 4.65 54.28 19.79
CA ASP A 766 3.95 54.01 21.07
C ASP A 766 2.50 54.46 20.92
N GLU A 767 1.90 54.23 19.75
CA GLU A 767 0.50 54.61 19.49
C GLU A 767 0.02 53.69 18.38
N LEU A 768 0.73 53.66 17.24
CA LEU A 768 0.39 52.67 16.20
C LEU A 768 0.70 51.32 16.79
N VAL A 769 1.83 51.22 17.51
CA VAL A 769 2.24 49.94 18.13
C VAL A 769 1.14 49.46 19.08
N GLN A 770 0.20 50.34 19.40
CA GLN A 770 -0.93 49.95 20.28
C GLN A 770 -2.16 49.74 19.39
N ALA A 771 -2.28 50.54 18.35
CA ALA A 771 -3.41 50.40 17.42
C ALA A 771 -3.28 49.06 16.69
N LEU A 772 -2.05 48.68 16.36
CA LEU A 772 -1.82 47.44 15.60
C LEU A 772 -1.40 46.34 16.57
N ALA A 773 -2.05 46.26 17.73
CA ALA A 773 -1.63 45.28 18.75
C ALA A 773 -2.54 44.06 18.70
N GLY A 774 -3.62 44.16 17.92
CA GLY A 774 -4.53 43.00 17.76
C GLY A 774 -4.33 42.34 16.41
N ILE A 775 -3.24 42.69 15.72
CA ILE A 775 -2.94 42.04 14.42
C ILE A 775 -2.49 40.60 14.73
N THR A 776 -2.74 39.68 13.79
CA THR A 776 -2.39 38.26 14.02
C THR A 776 -1.36 37.80 12.99
N PRO A 777 -0.06 38.13 13.15
CA PRO A 777 0.97 37.58 12.28
C PRO A 777 0.89 36.07 12.15
N ARG A 778 0.69 35.57 10.94
CA ARG A 778 0.67 34.14 10.71
C ARG A 778 1.94 33.72 9.98
N ARG A 779 2.15 32.41 9.93
CA ARG A 779 3.20 31.89 9.07
C ARG A 779 2.86 32.12 7.61
N ALA A 780 3.88 32.47 6.83
CA ALA A 780 3.67 32.79 5.41
C ALA A 780 3.77 31.53 4.54
N GLU A 781 2.79 31.34 3.67
CA GLU A 781 2.88 30.34 2.60
C GLU A 781 3.82 30.73 1.46
N VAL A 782 4.25 31.99 1.38
CA VAL A 782 5.26 32.37 0.40
C VAL A 782 6.42 33.01 1.15
N PRO A 783 7.67 32.54 0.94
CA PRO A 783 8.82 33.17 1.61
C PRO A 783 8.75 34.66 1.59
N PHE A 784 8.80 35.28 2.80
CA PHE A 784 8.81 36.73 2.96
C PHE A 784 10.25 37.17 3.19
N PHE A 785 10.80 37.93 2.25
CA PHE A 785 12.16 38.44 2.40
C PHE A 785 12.09 39.86 2.96
N SER A 786 12.55 40.00 4.20
CA SER A 786 12.47 41.26 4.92
C SER A 786 13.51 42.25 4.40
N THR A 787 13.05 43.37 3.83
CA THR A 787 14.00 44.41 3.47
C THR A 787 14.73 44.91 4.71
N LEU A 788 13.99 45.05 5.80
CA LEU A 788 14.47 45.39 7.15
C LEU A 788 15.64 44.54 7.64
N THR A 789 15.41 43.25 7.86
CA THR A 789 16.47 42.38 8.35
C THR A 789 17.40 41.89 7.25
N GLY A 790 17.03 42.09 5.98
CA GLY A 790 17.84 41.60 4.86
C GLY A 790 17.99 40.10 4.87
N ASP A 791 16.97 39.38 5.29
CA ASP A 791 16.94 37.93 5.16
C ASP A 791 15.49 37.47 5.33
N PHE A 792 15.29 36.15 5.26
CA PHE A 792 13.94 35.59 5.25
C PHE A 792 13.38 35.60 6.66
N LEU A 793 12.15 36.10 6.82
CA LEU A 793 11.50 36.22 8.11
C LEU A 793 10.29 35.29 8.16
N ASP A 794 10.13 34.55 9.27
CA ASP A 794 8.86 33.87 9.52
C ASP A 794 7.77 34.93 9.68
N GLY A 795 6.61 34.68 9.08
CA GLY A 795 5.58 35.71 9.08
C GLY A 795 5.06 36.05 10.46
N THR A 796 5.37 35.22 11.44
CA THR A 796 4.97 35.54 12.80
C THR A 796 5.83 36.64 13.41
N GLU A 797 6.95 37.00 12.77
CA GLU A 797 7.72 38.16 13.21
C GLU A 797 7.09 39.49 12.83
N LEU A 798 6.12 39.48 11.93
CA LEU A 798 5.57 40.76 11.41
C LEU A 798 4.60 41.37 12.41
N ASP A 799 5.10 41.85 13.55
CA ASP A 799 4.24 42.41 14.62
C ASP A 799 4.15 43.93 14.46
N ALA A 800 3.43 44.59 15.36
CA ALA A 800 3.29 46.06 15.29
C ALA A 800 4.68 46.69 15.30
N GLY A 801 5.52 46.25 16.23
CA GLY A 801 6.90 46.73 16.27
C GLY A 801 7.50 46.75 14.88
N TYR A 802 7.48 45.61 14.20
CA TYR A 802 8.06 45.52 12.83
C TYR A 802 7.46 46.64 11.99
N TRP A 803 6.14 46.73 11.99
CA TRP A 803 5.45 47.72 11.14
C TRP A 803 5.88 49.14 11.55
N TYR A 804 6.31 49.31 12.80
CA TYR A 804 6.82 50.65 13.21
C TYR A 804 8.26 50.78 12.74
N ARG A 805 9.11 49.85 13.17
CA ARG A 805 10.48 49.91 12.68
C ARG A 805 10.51 49.99 11.16
N ASN A 806 9.47 49.49 10.50
CA ASN A 806 9.31 49.66 9.06
C ASN A 806 9.17 51.13 8.68
N LEU A 807 8.44 51.91 9.49
CA LEU A 807 8.25 53.34 9.21
C LEU A 807 9.43 54.20 9.65
N ARG A 808 10.23 53.74 10.62
CA ARG A 808 11.28 54.57 11.22
C ARG A 808 12.68 54.23 10.71
N HIS A 809 13.04 52.94 10.59
CA HIS A 809 14.35 52.61 10.07
C HIS A 809 14.39 52.92 8.56
N PRO A 810 15.56 53.26 8.04
CA PRO A 810 15.69 53.50 6.60
C PRO A 810 15.58 52.23 5.76
N VAL A 811 15.01 52.38 4.57
CA VAL A 811 14.68 51.29 3.63
C VAL A 811 15.94 50.85 2.88
N GLU A 812 16.52 49.70 3.27
CA GLU A 812 17.72 49.17 2.61
C GLU A 812 17.39 48.35 1.38
N PHE A 813 16.58 48.92 0.49
CA PHE A 813 16.06 48.16 -0.65
C PHE A 813 17.20 47.68 -1.55
N HIS A 814 18.15 48.56 -1.87
CA HIS A 814 19.23 48.21 -2.77
C HIS A 814 19.96 46.97 -2.27
N SER A 815 20.25 46.92 -0.97
CA SER A 815 20.92 45.75 -0.39
C SER A 815 20.08 44.49 -0.58
N ALA A 816 18.76 44.60 -0.42
CA ALA A 816 17.93 43.40 -0.57
C ALA A 816 17.95 42.91 -2.01
N VAL A 817 17.86 43.81 -2.99
CA VAL A 817 17.87 43.36 -4.38
C VAL A 817 19.20 42.69 -4.71
N GLN A 818 20.31 43.23 -4.19
CA GLN A 818 21.58 42.55 -4.33
C GLN A 818 21.51 41.13 -3.77
N ALA A 819 20.91 41.00 -2.58
CA ALA A 819 20.90 39.71 -1.91
C ALA A 819 20.14 38.68 -2.74
N LEU A 820 18.88 38.99 -3.06
CA LEU A 820 18.08 38.13 -3.92
C LEU A 820 18.81 37.81 -5.21
N THR A 821 19.45 38.81 -5.83
CA THR A 821 20.24 38.51 -7.03
C THR A 821 21.27 37.42 -6.77
N ASP A 822 21.96 37.48 -5.64
CA ASP A 822 23.01 36.50 -5.38
C ASP A 822 22.48 35.12 -5.03
N GLN A 823 21.20 35.01 -4.67
CA GLN A 823 20.57 33.71 -4.44
C GLN A 823 20.09 33.05 -5.73
N GLY A 824 20.13 33.77 -6.85
CA GLY A 824 19.81 33.17 -8.13
C GLY A 824 18.39 33.36 -8.58
N TYR A 825 17.63 34.24 -7.96
CA TYR A 825 16.33 34.56 -8.51
C TYR A 825 16.51 35.05 -9.95
N ALA A 826 15.55 34.71 -10.80
CA ALA A 826 15.67 35.04 -12.21
C ALA A 826 14.75 36.18 -12.65
N THR A 827 13.60 36.34 -12.05
CA THR A 827 12.68 37.33 -12.59
C THR A 827 12.06 38.16 -11.47
N PHE A 828 12.18 39.48 -11.61
CA PHE A 828 11.61 40.42 -10.66
C PHE A 828 10.39 41.06 -11.31
N ILE A 829 9.24 40.96 -10.65
CA ILE A 829 8.00 41.54 -11.17
C ILE A 829 7.59 42.64 -10.20
N GLU A 830 7.50 43.88 -10.71
CA GLU A 830 6.99 44.98 -9.88
C GLU A 830 5.47 44.97 -9.96
N VAL A 831 4.83 44.62 -8.84
CA VAL A 831 3.37 44.40 -8.81
C VAL A 831 2.76 45.72 -8.42
N SER A 832 2.71 46.64 -9.37
CA SER A 832 2.41 48.01 -9.01
C SER A 832 1.72 48.67 -10.18
N PRO A 833 0.95 49.74 -9.93
CA PRO A 833 0.24 50.41 -11.03
C PRO A 833 1.17 51.22 -11.91
N HIS A 834 2.43 51.40 -11.52
CA HIS A 834 3.40 52.13 -12.32
C HIS A 834 4.78 51.74 -11.85
N PRO A 835 5.73 51.49 -12.74
CA PRO A 835 7.00 50.90 -12.29
C PRO A 835 7.95 51.92 -11.65
N VAL A 836 7.85 52.04 -10.34
CA VAL A 836 8.68 52.99 -9.59
C VAL A 836 10.12 52.49 -9.44
N LEU A 837 10.31 51.27 -8.93
CA LEU A 837 11.64 50.76 -8.59
C LEU A 837 12.31 49.95 -9.71
N ALA A 838 11.62 49.72 -10.82
CA ALA A 838 12.10 48.77 -11.82
C ALA A 838 13.42 49.22 -12.45
N SER A 839 13.58 50.53 -12.68
CA SER A 839 14.84 50.98 -13.29
C SER A 839 16.00 50.87 -12.32
N SER A 840 15.74 51.09 -11.03
CA SER A 840 16.76 50.91 -10.01
C SER A 840 17.18 49.45 -9.91
N VAL A 841 16.20 48.56 -9.90
CA VAL A 841 16.50 47.12 -9.83
C VAL A 841 17.42 46.75 -10.99
N GLN A 842 17.10 47.23 -12.19
CA GLN A 842 17.90 46.92 -13.37
C GLN A 842 19.32 47.39 -13.20
N GLU A 843 19.47 48.62 -12.72
CA GLU A 843 20.78 49.17 -12.40
C GLU A 843 21.51 48.23 -11.43
N THR A 844 20.79 47.75 -10.41
CA THR A 844 21.39 46.79 -9.48
C THR A 844 21.79 45.50 -10.19
N LEU A 845 20.96 45.00 -11.11
CA LEU A 845 21.31 43.75 -11.78
C LEU A 845 22.46 43.96 -12.75
N ASP A 846 22.47 45.10 -13.46
CA ASP A 846 23.60 45.43 -14.34
C ASP A 846 24.95 45.29 -13.65
N ASP A 847 25.05 45.76 -12.40
CA ASP A 847 26.33 45.74 -11.70
C ASP A 847 26.69 44.36 -11.17
N ALA A 848 25.71 43.55 -10.81
CA ALA A 848 26.01 42.17 -10.47
C ALA A 848 26.32 41.33 -11.69
N GLU A 849 26.28 41.94 -12.88
CA GLU A 849 26.44 41.24 -14.15
C GLU A 849 25.45 40.08 -14.25
N SER A 850 24.22 40.34 -13.86
CA SER A 850 23.21 39.29 -13.77
C SER A 850 22.30 39.33 -14.98
N ASP A 851 21.99 38.16 -15.51
CA ASP A 851 21.12 38.00 -16.67
C ASP A 851 19.64 38.06 -16.31
N ALA A 852 19.29 38.21 -15.03
CA ALA A 852 17.91 38.24 -14.58
C ALA A 852 17.18 39.44 -15.17
N ALA A 853 15.87 39.34 -15.19
CA ALA A 853 15.07 40.32 -15.90
C ALA A 853 14.15 41.05 -14.93
N VAL A 854 13.71 42.25 -15.34
CA VAL A 854 12.82 43.08 -14.54
C VAL A 854 11.58 43.39 -15.37
N LEU A 855 10.41 43.21 -14.77
CA LEU A 855 9.13 43.34 -15.46
C LEU A 855 8.20 44.22 -14.66
N GLY A 856 7.35 44.94 -15.37
CA GLY A 856 6.29 45.68 -14.72
C GLY A 856 4.95 45.01 -14.90
N THR A 857 3.94 45.68 -14.35
CA THR A 857 2.57 45.22 -14.42
C THR A 857 1.79 46.34 -15.11
N LEU A 858 1.12 47.23 -14.37
CA LEU A 858 0.40 48.34 -14.98
C LEU A 858 1.33 49.53 -15.21
N GLU A 859 0.82 50.58 -15.82
CA GLU A 859 1.65 51.75 -16.14
C GLU A 859 0.80 53.01 -16.13
N ARG A 860 1.38 54.12 -15.66
CA ARG A 860 0.66 55.40 -15.64
C ARG A 860 0.16 55.77 -17.02
N ASP A 861 -1.16 55.97 -17.15
CA ASP A 861 -1.88 56.28 -18.40
C ASP A 861 -2.06 55.07 -19.32
N ALA A 862 -1.82 53.86 -18.81
CA ALA A 862 -2.16 52.64 -19.55
C ALA A 862 -3.17 51.85 -18.73
N GLY A 863 -2.68 51.07 -17.73
CA GLY A 863 -3.48 50.49 -16.66
C GLY A 863 -4.75 49.72 -17.01
N ASP A 864 -4.81 49.18 -18.22
CA ASP A 864 -5.97 48.46 -18.73
C ASP A 864 -5.59 47.02 -19.09
N ALA A 865 -6.52 46.32 -19.76
CA ALA A 865 -6.24 44.95 -20.15
C ALA A 865 -5.03 44.90 -21.07
N ASP A 866 -4.89 45.89 -21.96
CA ASP A 866 -3.81 45.82 -22.93
C ASP A 866 -2.46 45.88 -22.25
N ARG A 867 -2.32 46.76 -21.27
CA ARG A 867 -1.04 46.87 -20.60
C ARG A 867 -0.74 45.61 -19.79
N PHE A 868 -1.80 44.97 -19.25
CA PHE A 868 -1.60 43.76 -18.47
C PHE A 868 -1.29 42.58 -19.38
N LEU A 869 -2.04 42.43 -20.47
CA LEU A 869 -1.68 41.43 -21.49
C LEU A 869 -0.23 41.60 -21.92
N THR A 870 0.20 42.84 -22.11
CA THR A 870 1.59 43.09 -22.46
C THR A 870 2.52 42.56 -21.37
N ALA A 871 2.20 42.85 -20.11
CA ALA A 871 3.04 42.36 -19.01
C ALA A 871 3.07 40.85 -18.99
N LEU A 872 1.92 40.19 -19.20
CA LEU A 872 1.88 38.73 -19.26
C LEU A 872 2.83 38.21 -20.32
N ALA A 873 2.79 38.82 -21.51
CA ALA A 873 3.65 38.36 -22.59
C ALA A 873 5.12 38.49 -22.23
N ASP A 874 5.52 39.64 -21.62
CA ASP A 874 6.93 39.82 -21.27
C ASP A 874 7.37 38.83 -20.21
N ALA A 875 6.51 38.60 -19.21
CA ALA A 875 6.81 37.60 -18.22
C ALA A 875 6.94 36.21 -18.85
N HIS A 876 6.07 35.89 -19.83
CA HIS A 876 6.23 34.61 -20.51
C HIS A 876 7.55 34.54 -21.27
N THR A 877 7.94 35.63 -21.92
CA THR A 877 9.19 35.56 -22.68
C THR A 877 10.38 35.33 -21.75
N ARG A 878 10.31 35.82 -20.52
CA ARG A 878 11.47 35.71 -19.64
C ARG A 878 11.48 34.42 -18.83
N GLY A 879 10.34 33.75 -18.72
CA GLY A 879 10.32 32.45 -18.09
C GLY A 879 9.17 32.28 -17.15
N VAL A 880 8.51 33.37 -16.79
CA VAL A 880 7.36 33.28 -15.85
C VAL A 880 6.31 32.38 -16.48
N ALA A 881 5.65 31.55 -15.67
CA ALA A 881 4.67 30.60 -16.19
C ALA A 881 3.31 31.25 -16.34
N VAL A 882 2.87 31.50 -17.56
CA VAL A 882 1.52 32.07 -17.78
C VAL A 882 0.59 30.91 -18.14
N ASP A 883 -0.62 30.87 -17.56
CA ASP A 883 -1.54 29.73 -17.79
C ASP A 883 -1.96 29.69 -19.26
N TRP A 884 -2.29 30.85 -19.84
CA TRP A 884 -2.65 30.89 -21.28
C TRP A 884 -4.04 30.31 -21.46
N GLU A 885 -4.30 29.13 -20.89
CA GLU A 885 -5.70 28.63 -20.94
C GLU A 885 -6.58 29.53 -20.08
N ALA A 886 -6.00 30.09 -19.03
CA ALA A 886 -6.78 30.95 -18.11
C ALA A 886 -6.86 32.35 -18.68
N VAL A 887 -5.83 32.77 -19.42
CA VAL A 887 -5.80 34.17 -19.92
C VAL A 887 -6.50 34.24 -21.27
N LEU A 888 -6.42 33.18 -22.07
CA LEU A 888 -6.99 33.25 -23.44
C LEU A 888 -8.28 32.43 -23.51
N GLY A 889 -8.39 31.37 -22.72
CA GLY A 889 -9.56 30.47 -22.77
C GLY A 889 -9.42 29.50 -23.91
N ARG A 890 -10.53 29.05 -24.49
CA ARG A 890 -10.40 28.22 -25.67
C ARG A 890 -10.59 29.13 -26.89
N ALA A 891 -9.84 28.80 -27.93
CA ALA A 891 -10.02 29.39 -29.25
C ALA A 891 -9.74 28.27 -30.24
N GLY A 892 -9.44 28.65 -31.47
CA GLY A 892 -9.37 27.70 -32.56
C GLY A 892 -7.94 27.24 -32.79
N LEU A 893 -7.80 25.93 -32.95
CA LEU A 893 -6.56 25.35 -33.42
C LEU A 893 -6.49 25.57 -34.93
N VAL A 894 -5.44 26.25 -35.38
CA VAL A 894 -5.20 26.42 -36.81
C VAL A 894 -3.83 25.87 -37.15
N ASP A 895 -3.69 25.43 -38.38
CA ASP A 895 -2.46 24.85 -38.85
C ASP A 895 -1.45 25.96 -39.11
N LEU A 896 -0.27 25.84 -38.52
CA LEU A 896 0.79 26.81 -38.69
C LEU A 896 2.09 26.03 -38.78
N PRO A 897 3.16 26.65 -39.30
CA PRO A 897 4.43 25.90 -39.47
C PRO A 897 4.82 25.16 -38.20
N GLY A 898 5.47 24.02 -38.39
CA GLY A 898 5.97 23.24 -37.28
C GLY A 898 7.24 23.84 -36.74
N TYR A 899 7.86 23.12 -35.82
CA TYR A 899 9.15 23.54 -35.29
C TYR A 899 10.15 23.75 -36.43
N PRO A 900 10.89 24.84 -36.43
CA PRO A 900 11.86 25.09 -37.51
C PRO A 900 13.16 24.28 -37.37
N PHE A 901 13.12 23.01 -37.77
CA PHE A 901 14.27 22.14 -37.53
C PHE A 901 15.51 22.67 -38.23
N GLN A 902 16.64 22.58 -37.52
CA GLN A 902 17.94 23.11 -37.97
C GLN A 902 18.89 21.94 -38.21
N GLY A 903 18.65 21.23 -39.30
CA GLY A 903 19.37 20.01 -39.56
C GLY A 903 20.65 20.25 -40.35
N LYS A 904 21.71 19.58 -39.91
CA LYS A 904 22.89 19.31 -40.73
C LYS A 904 22.71 17.96 -41.41
N ARG A 905 23.27 17.83 -42.62
CA ARG A 905 23.25 16.54 -43.31
C ARG A 905 24.20 15.55 -42.64
N PHE A 906 23.74 14.30 -42.50
CA PHE A 906 24.54 13.16 -42.05
C PHE A 906 24.29 11.99 -42.99
N TRP A 907 25.37 11.33 -43.44
CA TRP A 907 25.28 10.26 -44.42
C TRP A 907 26.58 9.48 -44.56
N LEU A 908 26.58 8.19 -44.22
CA LEU A 908 27.82 7.41 -44.20
C LEU A 908 28.46 7.01 -45.55
N GLN B 3 -21.97 51.90 4.87
CA GLN B 3 -22.62 50.63 4.55
C GLN B 3 -23.36 50.72 3.21
N VAL B 4 -23.09 49.78 2.31
CA VAL B 4 -23.81 49.71 1.04
C VAL B 4 -25.14 49.01 1.28
N GLN B 5 -26.22 49.50 0.66
CA GLN B 5 -27.52 48.85 0.81
C GLN B 5 -28.32 49.00 -0.48
N LEU B 6 -29.16 48.01 -0.77
CA LEU B 6 -29.92 47.94 -2.02
C LEU B 6 -31.39 47.73 -1.73
N GLN B 7 -32.24 48.62 -2.25
CA GLN B 7 -33.69 48.48 -2.15
C GLN B 7 -34.33 48.51 -3.53
N GLN B 8 -35.28 47.61 -3.74
CA GLN B 8 -35.90 47.49 -5.09
C GLN B 8 -37.40 47.80 -5.00
N TRP B 9 -37.91 48.56 -5.95
CA TRP B 9 -39.37 48.80 -6.00
C TRP B 9 -39.95 47.98 -7.15
N GLY B 10 -41.26 48.02 -7.36
CA GLY B 10 -41.84 47.32 -8.51
C GLY B 10 -43.06 46.51 -8.13
N ALA B 11 -43.90 46.19 -9.11
CA ALA B 11 -45.11 45.38 -8.85
C ALA B 11 -44.81 43.93 -9.26
N GLY B 12 -45.33 42.98 -8.50
CA GLY B 12 -45.02 41.56 -8.79
C GLY B 12 -46.25 40.79 -9.21
N LEU B 13 -47.42 41.26 -8.78
CA LEU B 13 -48.67 40.60 -9.25
C LEU B 13 -48.82 40.97 -10.72
N LEU B 14 -48.86 39.99 -11.61
CA LEU B 14 -48.90 40.35 -13.05
C LEU B 14 -49.78 39.36 -13.79
N LYS B 15 -50.45 39.84 -14.84
CA LYS B 15 -51.28 38.94 -15.67
C LYS B 15 -50.46 38.51 -16.88
N PRO B 16 -50.68 37.31 -17.43
CA PRO B 16 -49.92 36.84 -18.58
C PRO B 16 -49.81 37.91 -19.68
N SER B 17 -48.76 37.83 -20.51
CA SER B 17 -48.59 38.77 -21.63
C SER B 17 -48.51 40.21 -21.13
N GLU B 18 -47.76 40.46 -20.06
CA GLU B 18 -47.55 41.84 -19.57
C GLU B 18 -46.07 42.16 -19.60
N THR B 19 -45.62 43.09 -18.77
CA THR B 19 -44.20 43.50 -18.79
C THR B 19 -43.74 43.87 -17.37
N LEU B 20 -42.96 42.99 -16.73
CA LEU B 20 -42.43 43.28 -15.37
C LEU B 20 -41.53 44.50 -15.44
N SER B 21 -41.62 45.38 -14.45
CA SER B 21 -40.76 46.59 -14.43
C SER B 21 -40.32 46.91 -12.99
N LEU B 22 -39.23 46.32 -12.55
CA LEU B 22 -38.68 46.65 -11.23
C LEU B 22 -37.49 47.57 -11.44
N THR B 23 -37.12 48.28 -10.37
CA THR B 23 -35.91 49.10 -10.40
C THR B 23 -35.27 49.06 -9.00
N CYS B 24 -33.97 49.36 -8.91
CA CYS B 24 -33.19 49.11 -7.69
C CYS B 24 -32.29 50.30 -7.39
N ALA B 25 -32.16 50.62 -6.12
CA ALA B 25 -31.35 51.80 -5.73
C ALA B 25 -30.18 51.39 -4.84
N VAL B 26 -29.05 52.04 -5.01
CA VAL B 26 -27.84 51.69 -4.22
C VAL B 26 -27.53 52.84 -3.26
N TYR B 27 -27.55 52.55 -1.96
CA TYR B 27 -27.31 53.59 -0.93
C TYR B 27 -25.86 53.45 -0.42
N GLY B 28 -25.01 54.40 -0.80
CA GLY B 28 -23.58 54.32 -0.41
C GLY B 28 -22.78 53.68 -1.52
N GLY B 29 -21.67 53.04 -1.18
CA GLY B 29 -20.88 52.28 -2.19
C GLY B 29 -20.57 53.09 -3.44
N SER B 30 -20.21 52.41 -4.51
CA SER B 30 -19.83 53.12 -5.76
C SER B 30 -20.60 52.54 -6.93
N PHE B 31 -21.71 53.17 -7.31
CA PHE B 31 -22.44 52.70 -8.51
C PHE B 31 -21.40 52.45 -9.60
N SER B 32 -20.32 53.23 -9.57
CA SER B 32 -19.25 53.09 -10.60
C SER B 32 -18.30 51.97 -10.21
N GLY B 33 -18.00 51.06 -11.12
CA GLY B 33 -16.99 50.02 -10.85
C GLY B 33 -17.58 48.70 -10.38
N TYR B 34 -18.90 48.55 -10.44
CA TYR B 34 -19.52 47.27 -10.06
C TYR B 34 -20.59 46.92 -11.09
N TYR B 35 -20.85 45.63 -11.28
CA TYR B 35 -21.80 45.22 -12.34
C TYR B 35 -23.18 44.98 -11.72
N TRP B 36 -24.02 46.00 -11.77
CA TRP B 36 -25.40 45.89 -11.23
C TRP B 36 -26.13 44.79 -12.00
N SER B 37 -26.65 43.81 -11.28
CA SER B 37 -27.20 42.61 -11.91
C SER B 37 -28.60 42.32 -11.39
N TRP B 38 -29.31 41.41 -12.10
CA TRP B 38 -30.63 40.92 -11.70
C TRP B 38 -30.58 39.39 -11.67
N ILE B 39 -31.11 38.81 -10.60
CA ILE B 39 -31.17 37.36 -10.41
C ILE B 39 -32.56 37.03 -9.89
N ARG B 40 -33.12 35.93 -10.38
CA ARG B 40 -34.48 35.57 -10.04
C ARG B 40 -34.49 34.14 -9.50
N GLN B 41 -35.46 33.82 -8.65
CA GLN B 41 -35.46 32.52 -7.95
C GLN B 41 -36.85 31.90 -7.97
N PRO B 42 -37.06 30.90 -8.83
CA PRO B 42 -38.30 30.13 -8.80
C PRO B 42 -38.62 29.63 -7.40
N PRO B 43 -39.90 29.46 -7.07
CA PRO B 43 -40.25 28.99 -5.71
C PRO B 43 -39.57 27.65 -5.46
N GLY B 44 -38.75 27.61 -4.42
CA GLY B 44 -38.06 26.40 -3.96
C GLY B 44 -37.11 25.78 -4.96
N LYS B 45 -36.39 26.60 -5.72
CA LYS B 45 -35.48 26.11 -6.75
C LYS B 45 -34.18 26.91 -6.66
N GLY B 46 -33.21 26.55 -7.48
CA GLY B 46 -32.00 27.35 -7.55
C GLY B 46 -32.24 28.68 -8.23
N LEU B 47 -31.23 29.54 -8.15
CA LEU B 47 -31.34 30.83 -8.79
C LEU B 47 -30.91 30.76 -10.26
N GLU B 48 -31.15 31.86 -10.97
CA GLU B 48 -30.90 31.94 -12.40
C GLU B 48 -30.53 33.37 -12.72
N TRP B 49 -29.38 33.55 -13.36
CA TRP B 49 -28.87 34.89 -13.66
C TRP B 49 -29.64 35.45 -14.85
N ILE B 50 -29.90 36.76 -14.81
CA ILE B 50 -30.70 37.43 -15.84
C ILE B 50 -29.84 38.37 -16.69
N GLY B 51 -29.07 39.22 -16.04
CA GLY B 51 -28.24 40.15 -16.77
C GLY B 51 -27.60 41.15 -15.85
N GLU B 52 -26.85 42.05 -16.46
CA GLU B 52 -26.08 43.02 -15.70
C GLU B 52 -25.85 44.25 -16.56
N ILE B 53 -25.34 45.31 -15.92
CA ILE B 53 -25.02 46.55 -16.62
C ILE B 53 -24.27 47.45 -15.65
N ASN B 54 -23.31 48.24 -16.15
CA ASN B 54 -22.48 49.10 -15.32
C ASN B 54 -22.81 50.57 -15.58
N HIS B 55 -22.07 51.47 -14.91
CA HIS B 55 -22.37 52.89 -14.95
C HIS B 55 -22.31 53.45 -16.36
N SER B 56 -21.65 52.76 -17.28
CA SER B 56 -21.51 53.21 -18.66
C SER B 56 -22.65 52.73 -19.55
N GLY B 57 -23.66 52.09 -18.99
CA GLY B 57 -24.75 51.62 -19.80
C GLY B 57 -24.50 50.36 -20.58
N SER B 58 -23.28 49.80 -20.54
CA SER B 58 -22.98 48.59 -21.27
C SER B 58 -23.66 47.39 -20.62
N THR B 59 -24.50 46.70 -21.36
CA THR B 59 -25.27 45.61 -20.80
C THR B 59 -24.69 44.27 -21.22
N ASN B 60 -25.19 43.22 -20.55
CA ASN B 60 -24.77 41.83 -20.85
C ASN B 60 -25.91 40.97 -20.31
N TYR B 61 -26.64 40.27 -21.17
CA TYR B 61 -27.84 39.54 -20.71
C TYR B 61 -27.66 38.04 -20.83
N ASN B 62 -28.60 37.29 -20.25
CA ASN B 62 -28.54 35.81 -20.32
C ASN B 62 -28.87 35.40 -21.75
N PRO B 63 -28.15 34.43 -22.33
CA PRO B 63 -28.50 33.93 -23.65
C PRO B 63 -29.99 33.63 -23.57
N SER B 64 -30.39 32.73 -22.66
CA SER B 64 -31.84 32.48 -22.46
C SER B 64 -32.47 33.83 -22.08
N LEU B 65 -33.74 34.03 -22.41
CA LEU B 65 -34.35 35.36 -22.16
C LEU B 65 -33.46 36.42 -22.80
N VAL B 69 -35.83 40.65 -22.32
CA VAL B 69 -35.20 41.30 -21.13
C VAL B 69 -34.56 42.63 -21.52
N THR B 70 -34.59 43.61 -20.62
CA THR B 70 -33.96 44.92 -20.87
C THR B 70 -33.66 45.59 -19.53
N ILE B 71 -32.41 45.95 -19.29
CA ILE B 71 -32.03 46.64 -18.06
C ILE B 71 -31.26 47.87 -18.46
N SER B 72 -31.17 48.82 -17.53
CA SER B 72 -30.68 50.16 -17.84
C SER B 72 -30.28 50.84 -16.55
N VAL B 73 -29.50 51.91 -16.66
CA VAL B 73 -29.11 52.65 -15.45
C VAL B 73 -29.52 54.11 -15.55
N ASP B 74 -29.69 54.69 -14.38
CA ASP B 74 -29.85 56.13 -14.18
C ASP B 74 -28.71 56.50 -13.25
N THR B 75 -27.56 56.81 -13.84
CA THR B 75 -26.37 57.10 -13.05
C THR B 75 -26.54 58.33 -12.16
N SER B 76 -27.45 59.24 -12.55
CA SER B 76 -27.67 60.45 -11.76
C SER B 76 -28.20 60.10 -10.37
N LYS B 77 -29.18 59.21 -10.32
CA LYS B 77 -29.84 58.81 -9.08
C LYS B 77 -29.26 57.53 -8.49
N ASN B 78 -28.20 56.98 -9.09
CA ASN B 78 -27.59 55.71 -8.63
C ASN B 78 -28.63 54.60 -8.54
N GLN B 79 -29.37 54.43 -9.64
CA GLN B 79 -30.39 53.40 -9.70
C GLN B 79 -30.22 52.63 -10.99
N PHE B 80 -30.97 51.54 -11.11
CA PHE B 80 -30.96 50.74 -12.31
C PHE B 80 -32.15 49.81 -12.21
N SER B 81 -32.54 49.25 -13.34
CA SER B 81 -33.89 48.79 -13.54
C SER B 81 -33.88 47.55 -14.41
N LEU B 82 -34.94 46.75 -14.31
CA LEU B 82 -35.12 45.59 -15.17
C LEU B 82 -36.48 45.69 -15.82
N LYS B 83 -36.58 45.09 -17.01
CA LYS B 83 -37.81 45.05 -17.80
C LYS B 83 -37.90 43.66 -18.41
N LEU B 84 -38.92 42.91 -18.03
CA LEU B 84 -39.18 41.60 -18.62
C LEU B 84 -40.56 41.63 -19.27
N SER B 85 -40.61 41.37 -20.58
CA SER B 85 -41.85 41.44 -21.34
C SER B 85 -42.34 40.03 -21.68
N SER B 86 -43.59 39.98 -22.16
CA SER B 86 -44.28 38.73 -22.50
C SER B 86 -44.19 37.74 -21.33
N VAL B 87 -44.56 38.22 -20.15
CA VAL B 87 -44.40 37.46 -18.91
C VAL B 87 -45.33 36.26 -18.96
N THR B 88 -44.76 35.07 -19.07
CA THR B 88 -45.52 33.85 -18.85
C THR B 88 -45.53 33.51 -17.36
N ALA B 89 -46.24 32.44 -17.01
CA ALA B 89 -46.24 31.97 -15.64
C ALA B 89 -44.95 31.26 -15.27
N ALA B 90 -44.10 30.89 -16.24
CA ALA B 90 -42.79 30.35 -15.93
C ALA B 90 -41.86 31.38 -15.31
N ASP B 91 -42.29 32.63 -15.17
CA ASP B 91 -41.51 33.71 -14.57
C ASP B 91 -41.93 34.03 -13.15
N THR B 92 -42.81 33.23 -12.56
CA THR B 92 -43.19 33.35 -11.16
C THR B 92 -41.98 33.02 -10.29
N ALA B 93 -41.44 34.02 -9.58
CA ALA B 93 -40.16 33.89 -8.92
C ALA B 93 -39.89 35.12 -8.08
N VAL B 94 -38.96 34.98 -7.15
CA VAL B 94 -38.44 36.15 -6.43
C VAL B 94 -37.35 36.77 -7.29
N TYR B 95 -37.41 38.09 -7.45
CA TYR B 95 -36.51 38.83 -8.32
C TYR B 95 -35.58 39.66 -7.43
N TYR B 96 -34.30 39.33 -7.48
CA TYR B 96 -33.31 40.00 -6.59
C TYR B 96 -32.38 40.89 -7.39
N CYS B 97 -32.06 42.06 -6.86
CA CYS B 97 -31.03 42.90 -7.51
C CYS B 97 -29.75 42.73 -6.68
N ALA B 98 -28.57 42.73 -7.32
CA ALA B 98 -27.34 42.45 -6.54
C ALA B 98 -26.11 43.13 -7.14
N ARG B 99 -25.09 43.34 -6.31
CA ARG B 99 -23.83 43.97 -6.77
C ARG B 99 -22.87 42.89 -7.24
N GLY B 100 -22.35 43.02 -8.45
CA GLY B 100 -21.42 42.02 -9.00
C GLY B 100 -20.01 42.53 -8.99
N ARG B 101 -19.08 41.73 -8.45
CA ARG B 101 -17.63 42.12 -8.44
C ARG B 101 -17.03 41.73 -9.78
N GLY B 102 -17.27 42.53 -10.82
CA GLY B 102 -16.85 42.18 -12.15
C GLY B 102 -17.98 41.58 -12.96
N SER B 103 -17.77 41.56 -14.27
CA SER B 103 -18.76 41.02 -15.18
C SER B 103 -19.02 39.53 -14.88
N SER B 104 -20.30 39.16 -14.80
CA SER B 104 -20.78 37.81 -14.50
C SER B 104 -19.96 37.17 -13.38
N SER B 105 -20.03 37.73 -12.18
CA SER B 105 -19.12 37.37 -11.10
C SER B 105 -19.90 36.92 -9.85
N SER B 106 -19.20 36.80 -8.72
CA SER B 106 -19.88 36.62 -7.44
C SER B 106 -20.67 37.88 -7.06
N PHE B 107 -21.58 37.75 -6.09
CA PHE B 107 -22.40 38.88 -5.67
C PHE B 107 -22.28 39.06 -4.15
N ASP B 108 -21.85 40.26 -3.71
CA ASP B 108 -21.70 40.49 -2.27
C ASP B 108 -22.96 41.12 -1.64
N TYR B 109 -23.39 42.28 -2.12
CA TYR B 109 -24.60 42.90 -1.62
C TYR B 109 -25.80 42.55 -2.52
N TRP B 110 -26.92 42.24 -1.89
CA TRP B 110 -28.15 41.91 -2.59
C TRP B 110 -29.28 42.86 -2.20
N GLY B 111 -30.36 42.79 -2.97
CA GLY B 111 -31.58 43.47 -2.60
C GLY B 111 -32.51 42.56 -1.84
N GLN B 112 -33.46 43.17 -1.12
CA GLN B 112 -34.29 42.38 -0.22
C GLN B 112 -35.25 41.48 -0.97
N GLY B 113 -35.51 41.76 -2.23
CA GLY B 113 -36.25 40.89 -3.14
C GLY B 113 -37.69 41.31 -3.43
N THR B 114 -38.08 41.18 -4.69
CA THR B 114 -39.46 41.41 -5.10
C THR B 114 -40.03 40.07 -5.54
N LEU B 115 -41.11 39.64 -4.88
CA LEU B 115 -41.85 38.48 -5.35
C LEU B 115 -42.66 38.88 -6.57
N VAL B 116 -42.72 37.99 -7.56
CA VAL B 116 -43.36 38.30 -8.83
C VAL B 116 -44.24 37.11 -9.15
N THR B 117 -45.56 37.30 -9.07
CA THR B 117 -46.52 36.27 -9.41
C THR B 117 -47.22 36.64 -10.71
N VAL B 118 -47.34 35.67 -11.60
CA VAL B 118 -48.00 35.85 -12.88
C VAL B 118 -49.12 34.82 -12.94
N SER B 119 -50.36 35.31 -13.04
CA SER B 119 -51.53 34.44 -13.01
C SER B 119 -52.72 35.14 -13.62
N SER B 120 -53.64 34.32 -14.13
CA SER B 120 -54.91 34.77 -14.68
C SER B 120 -56.01 34.55 -13.64
N ALA B 121 -55.96 35.37 -12.60
CA ALA B 121 -56.93 35.33 -11.52
C ALA B 121 -57.12 36.73 -10.95
N SER B 122 -58.35 37.05 -10.58
CA SER B 122 -58.70 38.35 -10.05
C SER B 122 -58.69 38.33 -8.53
N THR B 123 -58.52 39.51 -7.94
CA THR B 123 -58.33 39.65 -6.50
C THR B 123 -59.62 39.22 -5.77
N LYS B 124 -59.54 38.10 -5.04
CA LYS B 124 -60.69 37.42 -4.42
C LYS B 124 -60.38 37.16 -2.94
N GLY B 125 -61.21 37.72 -2.05
CA GLY B 125 -61.10 37.50 -0.62
C GLY B 125 -61.42 36.08 -0.18
N PRO B 126 -60.91 35.68 0.99
CA PRO B 126 -61.01 34.27 1.35
C PRO B 126 -62.33 33.88 2.01
N SER B 127 -62.42 32.63 2.37
CA SER B 127 -63.50 32.12 3.19
C SER B 127 -62.85 31.36 4.33
N VAL B 128 -63.33 31.57 5.54
CA VAL B 128 -62.75 30.91 6.70
C VAL B 128 -63.79 29.95 7.25
N PHE B 129 -63.44 28.66 7.28
CA PHE B 129 -64.26 27.60 7.79
C PHE B 129 -63.57 27.01 9.01
N PRO B 130 -64.31 26.68 10.07
CA PRO B 130 -63.66 26.17 11.28
C PRO B 130 -63.18 24.73 11.12
N LEU B 131 -62.22 24.37 11.97
CA LEU B 131 -61.75 22.99 12.14
C LEU B 131 -61.80 22.70 13.64
N ALA B 132 -62.88 22.04 14.08
CA ALA B 132 -63.02 21.65 15.50
C ALA B 132 -62.92 20.14 15.60
N PRO B 133 -62.25 19.60 16.64
CA PRO B 133 -62.06 18.16 16.72
C PRO B 133 -63.34 17.46 17.19
N SER B 134 -63.50 16.18 16.84
CA SER B 134 -64.69 15.42 17.32
C SER B 134 -64.39 14.83 18.70
N GLY B 141 -54.35 14.61 26.67
CA GLY B 141 -54.97 15.66 27.51
C GLY B 141 -54.90 17.03 26.83
N THR B 142 -54.37 17.07 25.61
CA THR B 142 -54.27 18.35 24.87
C THR B 142 -55.17 18.25 23.63
N ALA B 143 -55.75 19.38 23.20
CA ALA B 143 -56.67 19.35 22.05
C ALA B 143 -56.18 20.30 20.97
N ALA B 144 -56.58 20.04 19.72
CA ALA B 144 -56.21 20.92 18.63
C ALA B 144 -57.43 21.23 17.77
N LEU B 145 -57.62 22.52 17.49
CA LEU B 145 -58.58 23.05 16.53
C LEU B 145 -57.86 24.05 15.64
N GLY B 146 -58.58 24.65 14.70
CA GLY B 146 -57.96 25.61 13.80
C GLY B 146 -58.95 26.19 12.82
N CYS B 147 -58.43 26.94 11.85
CA CYS B 147 -59.22 27.53 10.77
C CYS B 147 -58.71 27.05 9.42
N LEU B 148 -59.57 27.18 8.41
CA LEU B 148 -59.19 26.80 7.03
C LEU B 148 -59.50 27.95 6.08
N VAL B 149 -58.50 28.73 5.68
CA VAL B 149 -58.71 29.79 4.65
C VAL B 149 -58.74 29.05 3.32
N LYS B 150 -59.86 29.10 2.58
CA LYS B 150 -59.97 28.22 1.38
C LYS B 150 -59.66 28.88 0.04
N ASP B 151 -60.38 29.93 -0.35
CA ASP B 151 -60.13 30.43 -1.73
C ASP B 151 -59.81 31.92 -1.73
N TYR B 152 -58.54 32.26 -1.99
CA TYR B 152 -58.13 33.69 -1.95
C TYR B 152 -57.02 33.97 -2.97
N PHE B 153 -56.88 35.24 -3.34
CA PHE B 153 -55.82 35.65 -4.30
C PHE B 153 -55.79 37.18 -4.31
N PRO B 154 -54.62 37.83 -4.40
CA PRO B 154 -53.35 37.12 -4.35
C PRO B 154 -52.83 37.01 -2.90
N GLU B 155 -51.78 36.21 -2.70
CA GLU B 155 -51.17 36.10 -1.35
C GLU B 155 -50.61 37.46 -0.98
N PRO B 156 -50.52 37.85 0.32
CA PRO B 156 -50.60 36.94 1.46
C PRO B 156 -51.90 37.04 2.22
N VAL B 157 -52.11 36.15 3.19
CA VAL B 157 -53.21 36.29 4.15
C VAL B 157 -52.63 36.12 5.56
N THR B 158 -53.15 36.87 6.51
CA THR B 158 -52.62 36.89 7.87
C THR B 158 -53.60 36.27 8.85
N VAL B 159 -53.12 35.25 9.58
CA VAL B 159 -53.92 34.50 10.53
C VAL B 159 -53.30 34.65 11.91
N SER B 160 -54.03 35.29 12.82
CA SER B 160 -53.71 35.32 14.23
C SER B 160 -54.81 34.62 15.02
N TRP B 161 -54.57 34.46 16.31
CA TRP B 161 -55.56 33.84 17.17
C TRP B 161 -55.78 34.75 18.37
N ASN B 162 -57.06 34.86 18.79
CA ASN B 162 -57.48 35.69 19.90
C ASN B 162 -56.87 37.09 19.82
N SER B 163 -56.86 37.67 18.62
CA SER B 163 -56.42 39.05 18.46
C SER B 163 -55.02 39.26 19.02
N GLY B 164 -54.21 38.20 19.06
CA GLY B 164 -52.83 38.28 19.48
C GLY B 164 -52.49 37.43 20.71
N ALA B 165 -53.49 37.11 21.53
CA ALA B 165 -53.21 36.47 22.81
C ALA B 165 -52.65 35.06 22.62
N LEU B 166 -53.21 34.28 21.71
CA LEU B 166 -52.78 32.90 21.56
C LEU B 166 -51.72 32.85 20.47
N THR B 167 -50.45 32.69 20.88
CA THR B 167 -49.34 32.39 19.98
C THR B 167 -48.74 31.01 20.17
N SER B 168 -48.58 30.54 21.42
CA SER B 168 -47.97 29.24 21.66
C SER B 168 -48.76 28.14 20.98
N GLY B 169 -48.05 27.21 20.36
CA GLY B 169 -48.67 26.06 19.75
C GLY B 169 -49.33 26.31 18.41
N VAL B 170 -49.27 27.55 17.90
CA VAL B 170 -49.97 27.91 16.67
C VAL B 170 -49.13 27.54 15.46
N HIS B 171 -49.72 26.83 14.51
CA HIS B 171 -49.06 26.43 13.26
C HIS B 171 -49.90 26.91 12.07
N THR B 172 -49.59 28.09 11.53
CA THR B 172 -50.18 28.54 10.27
C THR B 172 -49.37 27.98 9.10
N PHE B 173 -50.00 27.14 8.28
CA PHE B 173 -49.28 26.43 7.22
C PHE B 173 -49.04 27.35 6.03
N PRO B 174 -48.03 27.04 5.21
CA PRO B 174 -47.84 27.81 3.97
C PRO B 174 -48.94 27.48 2.96
N ALA B 175 -49.40 28.52 2.28
CA ALA B 175 -50.49 28.39 1.33
C ALA B 175 -50.10 27.48 0.19
N VAL B 176 -51.09 26.76 -0.34
CA VAL B 176 -50.91 25.91 -1.50
C VAL B 176 -51.81 26.43 -2.63
N LEU B 177 -51.39 26.19 -3.88
CA LEU B 177 -52.17 26.59 -5.03
C LEU B 177 -53.07 25.43 -5.45
N GLN B 178 -54.29 25.76 -5.85
CA GLN B 178 -55.26 24.75 -6.30
C GLN B 178 -55.40 24.82 -7.81
N SER B 179 -56.01 23.75 -8.36
CA SER B 179 -56.27 23.69 -9.78
C SER B 179 -56.95 24.96 -10.27
N SER B 180 -57.78 25.56 -9.43
CA SER B 180 -58.50 26.77 -9.79
C SER B 180 -57.62 28.01 -9.85
N GLY B 181 -56.37 27.94 -9.40
CA GLY B 181 -55.53 29.12 -9.39
C GLY B 181 -55.76 30.04 -8.22
N LEU B 182 -56.33 29.53 -7.14
CA LEU B 182 -56.53 30.28 -5.92
C LEU B 182 -55.85 29.54 -4.77
N TYR B 183 -55.50 30.28 -3.73
CA TYR B 183 -54.70 29.75 -2.64
C TYR B 183 -55.62 29.24 -1.51
N SER B 184 -55.18 28.15 -0.83
CA SER B 184 -55.94 27.54 0.27
C SER B 184 -55.00 27.15 1.41
N LEU B 185 -54.84 28.06 2.35
CA LEU B 185 -54.01 27.87 3.53
C LEU B 185 -54.87 27.30 4.67
N SER B 186 -54.24 27.02 5.81
CA SER B 186 -54.96 26.42 6.93
C SER B 186 -54.13 26.56 8.20
N SER B 187 -54.69 27.21 9.23
CA SER B 187 -53.96 27.57 10.45
C SER B 187 -54.51 26.85 11.67
N VAL B 188 -53.63 26.27 12.46
CA VAL B 188 -54.00 25.26 13.46
C VAL B 188 -53.27 25.54 14.77
N VAL B 189 -53.97 25.40 15.90
CA VAL B 189 -53.38 25.54 17.23
C VAL B 189 -53.77 24.36 18.09
N THR B 190 -52.85 23.91 18.93
CA THR B 190 -53.13 22.94 19.97
C THR B 190 -53.19 23.63 21.32
N VAL B 191 -54.17 23.23 22.13
CA VAL B 191 -54.51 23.91 23.37
C VAL B 191 -54.81 22.87 24.44
N PRO B 192 -54.48 23.20 25.72
CA PRO B 192 -55.03 22.41 26.84
C PRO B 192 -56.52 22.14 26.68
N SER B 193 -56.90 20.87 26.51
CA SER B 193 -58.31 20.50 26.42
C SER B 193 -59.04 20.61 27.76
N SER B 194 -58.30 20.80 28.86
CA SER B 194 -58.83 21.17 30.18
C SER B 194 -59.42 22.62 30.21
N SER B 195 -59.45 23.31 29.07
CA SER B 195 -60.08 24.61 28.95
C SER B 195 -60.95 24.73 27.70
N LEU B 196 -61.18 23.62 26.98
CA LEU B 196 -61.93 23.66 25.72
C LEU B 196 -63.27 24.38 25.87
N GLY B 197 -64.11 23.90 26.79
CA GLY B 197 -65.41 24.51 26.97
C GLY B 197 -65.34 25.90 27.58
N THR B 198 -64.35 26.16 28.44
CA THR B 198 -64.33 27.39 29.22
C THR B 198 -63.52 28.53 28.59
N GLN B 199 -62.87 28.32 27.44
CA GLN B 199 -62.03 29.35 26.83
C GLN B 199 -62.34 29.46 25.34
N THR B 200 -62.72 30.65 24.89
CA THR B 200 -63.17 30.90 23.52
C THR B 200 -61.99 31.02 22.56
N TYR B 201 -62.06 30.31 21.43
CA TYR B 201 -61.00 30.30 20.42
C TYR B 201 -61.51 30.95 19.14
N ILE B 202 -60.99 32.14 18.84
CA ILE B 202 -61.32 32.85 17.62
C ILE B 202 -60.06 32.92 16.77
N CYS B 203 -60.18 32.64 15.47
CA CYS B 203 -59.09 32.96 14.55
C CYS B 203 -59.41 34.24 13.79
N ASN B 204 -58.39 35.09 13.62
CA ASN B 204 -58.51 36.41 12.97
C ASN B 204 -57.75 36.38 11.65
N VAL B 205 -58.47 36.42 10.53
CA VAL B 205 -57.89 36.28 9.21
C VAL B 205 -57.99 37.62 8.49
N ASN B 206 -56.88 38.06 7.90
CA ASN B 206 -56.86 39.31 7.17
C ASN B 206 -56.21 39.09 5.81
N HIS B 207 -56.78 39.72 4.79
CA HIS B 207 -56.34 39.65 3.38
C HIS B 207 -56.35 41.07 2.85
N LYS B 208 -55.27 41.82 3.09
CA LYS B 208 -55.19 43.23 2.72
C LYS B 208 -55.52 43.50 1.25
N PRO B 209 -55.15 42.65 0.27
CA PRO B 209 -55.54 42.93 -1.14
C PRO B 209 -57.03 43.12 -1.36
N SER B 210 -57.87 42.30 -0.73
CA SER B 210 -59.31 42.39 -0.93
C SER B 210 -60.02 43.04 0.24
N ASN B 211 -59.27 43.76 1.10
CA ASN B 211 -59.78 44.37 2.32
C ASN B 211 -60.83 43.50 3.01
N THR B 212 -60.57 42.21 3.10
CA THR B 212 -61.46 41.25 3.77
C THR B 212 -60.90 40.95 5.16
N LYS B 213 -61.75 41.09 6.18
CA LYS B 213 -61.37 40.81 7.56
C LYS B 213 -62.45 39.92 8.15
N VAL B 214 -62.05 38.73 8.61
CA VAL B 214 -62.97 37.75 9.17
C VAL B 214 -62.41 37.24 10.49
N ASP B 215 -63.21 37.30 11.55
CA ASP B 215 -62.93 36.66 12.82
C ASP B 215 -64.02 35.62 13.05
N LYS B 216 -63.64 34.37 13.21
CA LYS B 216 -64.61 33.28 13.26
C LYS B 216 -64.38 32.46 14.52
N LYS B 217 -65.37 32.46 15.42
CA LYS B 217 -65.41 31.53 16.55
C LYS B 217 -65.30 30.11 16.02
N VAL B 218 -64.51 29.28 16.69
CA VAL B 218 -64.43 27.86 16.35
C VAL B 218 -65.05 27.07 17.51
N GLU B 219 -66.18 26.38 17.22
CA GLU B 219 -66.93 25.80 18.33
C GLU B 219 -66.54 24.34 18.52
N PRO B 220 -66.27 23.87 19.77
CA PRO B 220 -66.02 22.43 20.02
C PRO B 220 -67.25 21.57 19.77
N LYS B 221 -67.24 20.28 20.15
CA LYS B 221 -68.37 19.39 19.91
C LYS B 221 -68.62 18.51 21.14
N SER B 222 -69.90 18.19 21.43
CA SER B 222 -70.27 17.25 22.50
C SER B 222 -70.22 15.80 22.04
N CYS B 223 -69.64 15.55 20.86
CA CYS B 223 -69.27 14.23 20.33
C CYS B 223 -67.94 14.32 19.56
N GLU C 17 -25.20 25.75 -21.34
CA GLU C 17 -25.15 26.16 -19.91
C GLU C 17 -24.42 25.10 -19.08
N THR C 18 -23.52 25.51 -18.19
CA THR C 18 -22.86 24.54 -17.29
C THR C 18 -23.86 24.18 -16.19
N THR C 19 -23.93 22.90 -15.81
CA THR C 19 -24.93 22.47 -14.81
C THR C 19 -24.25 22.13 -13.49
N LEU C 20 -24.72 22.73 -12.40
CA LEU C 20 -24.16 22.43 -11.06
C LEU C 20 -25.14 21.53 -10.31
N THR C 21 -24.67 20.37 -9.86
CA THR C 21 -25.54 19.42 -9.13
C THR C 21 -25.04 19.27 -7.69
N GLN C 22 -25.72 19.93 -6.74
CA GLN C 22 -25.34 19.81 -5.35
C GLN C 22 -25.83 18.48 -4.80
N SER C 23 -25.19 18.03 -3.73
CA SER C 23 -25.59 16.80 -3.09
C SER C 23 -24.97 16.77 -1.70
N PRO C 24 -25.63 16.17 -0.71
CA PRO C 24 -26.94 15.50 -0.78
C PRO C 24 -28.07 16.51 -0.89
N GLY C 25 -29.28 16.12 -1.33
CA GLY C 25 -30.38 17.07 -1.35
C GLY C 25 -30.60 17.73 0.00
N THR C 26 -30.45 16.98 1.06
CA THR C 26 -30.55 17.54 2.40
C THR C 26 -29.59 16.78 3.30
N LEU C 27 -29.34 17.35 4.46
CA LEU C 27 -28.26 16.90 5.33
C LEU C 27 -28.75 17.06 6.76
N SER C 28 -28.94 15.95 7.46
CA SER C 28 -29.52 15.96 8.80
C SER C 28 -28.40 15.79 9.82
N LEU C 29 -28.07 16.89 10.51
CA LEU C 29 -26.93 16.84 11.46
C LEU C 29 -27.30 17.64 12.70
N SER C 30 -26.47 17.58 13.73
CA SER C 30 -26.84 18.24 15.01
C SER C 30 -25.85 19.36 15.36
N PRO C 31 -26.28 20.40 16.07
CA PRO C 31 -25.37 21.46 16.47
C PRO C 31 -24.03 20.88 16.95
N GLY C 32 -22.92 21.43 16.44
CA GLY C 32 -21.59 20.99 16.88
C GLY C 32 -20.95 20.04 15.89
N GLU C 33 -21.78 19.30 15.16
CA GLU C 33 -21.27 18.32 14.18
C GLU C 33 -20.55 19.07 13.04
N ARG C 34 -19.97 18.33 12.10
CA ARG C 34 -19.33 18.98 10.93
C ARG C 34 -20.17 18.66 9.69
N ALA C 35 -20.25 19.62 8.77
CA ALA C 35 -21.07 19.43 7.55
C ALA C 35 -20.17 19.46 6.31
N THR C 36 -20.49 18.62 5.33
CA THR C 36 -19.73 18.59 4.09
C THR C 36 -20.75 18.61 2.95
N LEU C 37 -20.80 19.74 2.23
CA LEU C 37 -21.72 19.94 1.13
C LEU C 37 -20.96 19.85 -0.19
N SER C 38 -21.54 19.17 -1.18
CA SER C 38 -20.84 18.91 -2.43
C SER C 38 -21.56 19.55 -3.61
N CYS C 39 -20.77 19.85 -4.64
CA CYS C 39 -21.25 20.53 -5.83
C CYS C 39 -20.41 20.01 -6.98
N ARG C 40 -21.05 19.35 -7.94
CA ARG C 40 -20.40 18.82 -9.13
C ARG C 40 -20.84 19.61 -10.36
N ALA C 41 -19.88 20.10 -11.13
CA ALA C 41 -20.17 20.76 -12.38
C ALA C 41 -20.18 19.77 -13.54
N SER C 42 -20.98 20.11 -14.55
CA SER C 42 -21.10 19.27 -15.73
C SER C 42 -19.85 19.30 -16.59
N GLN C 43 -19.09 20.41 -16.56
CA GLN C 43 -17.76 20.46 -17.15
C GLN C 43 -16.75 20.95 -16.11
N SER C 44 -15.56 21.26 -16.57
CA SER C 44 -14.53 21.70 -15.65
C SER C 44 -14.61 23.20 -15.53
N VAL C 45 -14.39 23.71 -14.31
CA VAL C 45 -14.46 25.14 -14.03
C VAL C 45 -13.24 25.54 -13.24
N SER C 46 -12.62 26.65 -13.63
CA SER C 46 -11.52 27.23 -12.86
C SER C 46 -11.94 27.54 -11.43
N SER C 47 -11.09 27.20 -10.46
CA SER C 47 -11.38 27.49 -9.06
C SER C 47 -11.75 28.95 -8.83
N TYR C 48 -11.27 29.85 -9.69
CA TYR C 48 -11.51 31.27 -9.51
C TYR C 48 -12.94 31.70 -9.78
N TYR C 49 -13.75 30.85 -10.37
CA TYR C 49 -15.09 31.21 -10.79
C TYR C 49 -16.14 30.32 -10.12
N LEU C 50 -15.88 29.92 -8.88
CA LEU C 50 -16.83 29.22 -8.05
C LEU C 50 -17.13 30.02 -6.79
N ALA C 51 -18.40 30.04 -6.39
CA ALA C 51 -18.85 30.76 -5.20
C ALA C 51 -19.89 29.95 -4.43
N TRP C 52 -20.05 30.30 -3.15
CA TRP C 52 -20.96 29.62 -2.25
C TRP C 52 -21.83 30.63 -1.53
N TYR C 53 -23.13 30.33 -1.45
CA TYR C 53 -24.06 31.20 -0.77
C TYR C 53 -24.84 30.43 0.30
N GLN C 54 -25.37 31.19 1.26
CA GLN C 54 -26.31 30.68 2.27
C GLN C 54 -27.60 31.50 2.18
N GLN C 55 -28.75 30.83 2.26
CA GLN C 55 -30.03 31.52 2.23
C GLN C 55 -30.87 31.12 3.43
N LYS C 56 -31.27 32.10 4.22
CA LYS C 56 -32.26 31.79 5.25
C LYS C 56 -33.63 32.27 4.79
N PRO C 57 -34.71 31.58 5.17
CA PRO C 57 -36.01 31.78 4.52
C PRO C 57 -36.46 33.24 4.47
N GLY C 58 -36.90 33.67 3.29
CA GLY C 58 -37.34 35.05 3.10
C GLY C 58 -36.25 36.09 3.17
N GLN C 59 -34.98 35.68 3.22
CA GLN C 59 -33.86 36.60 3.08
C GLN C 59 -33.19 36.35 1.74
N ALA C 60 -32.42 37.34 1.30
CA ALA C 60 -31.61 37.14 0.11
C ALA C 60 -30.43 36.21 0.41
N PRO C 61 -29.81 35.65 -0.63
CA PRO C 61 -28.58 34.88 -0.42
C PRO C 61 -27.47 35.75 0.17
N ARG C 62 -26.61 35.12 0.96
CA ARG C 62 -25.42 35.75 1.49
C ARG C 62 -24.17 35.04 0.98
N LEU C 63 -23.23 35.79 0.44
CA LEU C 63 -21.99 35.22 -0.05
C LEU C 63 -21.12 34.75 1.12
N LEU C 64 -20.72 33.47 1.09
CA LEU C 64 -19.75 32.89 2.01
C LEU C 64 -18.36 32.79 1.40
N MET C 65 -18.28 32.18 0.22
CA MET C 65 -16.95 31.92 -0.37
C MET C 65 -16.92 32.31 -1.84
N TYR C 66 -15.81 32.89 -2.29
CA TYR C 66 -15.63 33.24 -3.71
C TYR C 66 -14.27 32.67 -4.11
N GLY C 67 -14.08 32.29 -5.38
CA GLY C 67 -12.82 31.65 -5.75
C GLY C 67 -12.72 30.29 -5.08
N ALA C 68 -13.86 29.68 -4.76
CA ALA C 68 -13.91 28.34 -4.16
C ALA C 68 -13.40 28.30 -2.72
N SER C 69 -12.32 29.03 -2.41
CA SER C 69 -11.71 28.89 -1.07
C SER C 69 -11.57 30.23 -0.36
N ASN C 70 -11.94 31.33 -1.01
CA ASN C 70 -11.72 32.67 -0.42
C ASN C 70 -12.99 33.07 0.35
N ARG C 71 -12.84 33.36 1.64
CA ARG C 71 -14.01 33.67 2.49
C ARG C 71 -14.40 35.14 2.38
N ALA C 72 -15.68 35.41 2.18
CA ALA C 72 -16.17 36.79 2.14
C ALA C 72 -15.95 37.47 3.50
N THR C 73 -15.60 38.75 3.45
CA THR C 73 -15.36 39.52 4.65
C THR C 73 -16.49 39.33 5.66
N GLY C 74 -16.09 38.93 6.88
CA GLY C 74 -17.03 38.77 7.97
C GLY C 74 -17.66 37.40 8.07
N ILE C 75 -17.42 36.51 7.11
CA ILE C 75 -17.86 35.12 7.28
C ILE C 75 -16.95 34.45 8.31
N PRO C 76 -17.47 33.71 9.27
CA PRO C 76 -16.61 33.16 10.33
C PRO C 76 -15.75 31.98 9.86
N ASP C 77 -14.68 31.72 10.62
CA ASP C 77 -13.63 30.79 10.21
C ASP C 77 -14.13 29.37 10.03
N ARG C 78 -15.24 29.01 10.68
CA ARG C 78 -15.69 27.63 10.57
C ARG C 78 -16.11 27.27 9.15
N PHE C 79 -16.39 28.27 8.30
CA PHE C 79 -16.69 28.00 6.89
C PHE C 79 -15.40 27.92 6.09
N SER C 80 -15.30 26.91 5.23
CA SER C 80 -14.12 26.81 4.40
C SER C 80 -14.52 26.12 3.11
N GLY C 81 -13.85 26.50 2.01
CA GLY C 81 -14.18 25.96 0.71
C GLY C 81 -12.96 25.36 0.03
N SER C 82 -13.25 24.38 -0.83
CA SER C 82 -12.17 23.65 -1.54
C SER C 82 -12.76 23.09 -2.83
N GLY C 83 -11.94 22.36 -3.59
CA GLY C 83 -12.44 21.73 -4.82
C GLY C 83 -11.63 22.13 -6.03
N SER C 84 -11.83 21.41 -7.13
CA SER C 84 -11.10 21.71 -8.39
C SER C 84 -11.76 20.97 -9.55
N GLY C 85 -11.79 21.60 -10.72
CA GLY C 85 -12.32 20.91 -11.92
C GLY C 85 -13.83 20.77 -11.93
N THR C 86 -14.33 19.66 -11.38
CA THR C 86 -15.79 19.39 -11.46
C THR C 86 -16.37 19.25 -10.06
N ASP C 87 -15.56 18.80 -9.11
CA ASP C 87 -16.11 18.55 -7.75
C ASP C 87 -15.59 19.59 -6.79
N PHE C 88 -16.50 20.33 -6.16
CA PHE C 88 -16.11 21.39 -5.20
C PHE C 88 -16.77 21.07 -3.86
N THR C 89 -16.40 21.79 -2.80
CA THR C 89 -16.89 21.43 -1.48
C THR C 89 -16.94 22.62 -0.54
N LEU C 90 -18.09 22.79 0.10
CA LEU C 90 -18.21 23.68 1.24
C LEU C 90 -18.23 22.82 2.50
N THR C 91 -17.50 23.27 3.52
CA THR C 91 -17.38 22.54 4.77
C THR C 91 -17.57 23.51 5.93
N ILE C 92 -18.48 23.16 6.85
CA ILE C 92 -18.63 23.86 8.12
C ILE C 92 -18.02 22.97 9.19
N ALA C 93 -16.96 23.45 9.85
CA ALA C 93 -16.22 22.60 10.78
C ALA C 93 -17.11 22.13 11.93
N ARG C 94 -17.91 23.06 12.49
CA ARG C 94 -18.74 22.81 13.67
C ARG C 94 -20.03 23.60 13.49
N LEU C 95 -21.16 22.92 13.21
CA LEU C 95 -22.41 23.65 13.03
C LEU C 95 -22.82 24.42 14.28
N GLU C 96 -23.08 25.74 14.13
CA GLU C 96 -23.84 26.55 15.08
C GLU C 96 -25.32 26.55 14.68
N PRO C 97 -26.24 26.82 15.62
CA PRO C 97 -27.67 26.90 15.22
C PRO C 97 -27.88 27.85 14.06
N GLU C 98 -27.16 28.98 14.04
CA GLU C 98 -27.14 29.92 12.92
C GLU C 98 -26.98 29.21 11.58
N ASP C 99 -26.08 28.22 11.51
CA ASP C 99 -25.63 27.71 10.23
C ASP C 99 -26.61 26.76 9.58
N PHE C 100 -27.74 26.48 10.22
CA PHE C 100 -28.74 25.58 9.63
C PHE C 100 -29.60 26.40 8.70
N ALA C 101 -29.52 26.10 7.41
CA ALA C 101 -30.04 26.94 6.33
C ALA C 101 -29.96 26.15 5.02
N VAL C 102 -30.15 26.85 3.90
CA VAL C 102 -29.94 26.27 2.58
C VAL C 102 -28.68 26.88 1.99
N TYR C 103 -27.91 26.05 1.29
CA TYR C 103 -26.63 26.46 0.72
C TYR C 103 -26.60 26.20 -0.78
N PHE C 104 -26.12 27.20 -1.52
CA PHE C 104 -26.03 27.15 -2.98
C PHE C 104 -24.59 27.33 -3.45
N CYS C 105 -24.23 26.58 -4.48
CA CYS C 105 -23.00 26.84 -5.19
C CYS C 105 -23.34 27.58 -6.48
N GLN C 106 -22.41 28.42 -6.93
CA GLN C 106 -22.52 29.19 -8.16
C GLN C 106 -21.25 29.01 -8.96
N GLN C 107 -21.38 28.88 -10.28
CA GLN C 107 -20.22 28.94 -11.17
C GLN C 107 -20.38 30.11 -12.12
N TYR C 108 -19.33 30.92 -12.24
CA TYR C 108 -19.32 32.05 -13.15
C TYR C 108 -18.13 32.01 -14.09
N GLY C 109 -17.75 30.83 -14.54
CA GLY C 109 -16.59 30.71 -15.40
C GLY C 109 -17.03 30.48 -16.81
N THR C 110 -18.31 30.18 -16.96
CA THR C 110 -18.94 29.92 -18.25
C THR C 110 -20.06 30.93 -18.46
N SER C 111 -20.28 31.32 -19.71
CA SER C 111 -21.04 32.54 -20.01
C SER C 111 -22.46 32.55 -19.43
N PRO C 112 -23.36 31.59 -19.72
CA PRO C 112 -24.54 31.54 -18.86
C PRO C 112 -24.03 31.17 -17.47
N GLN C 113 -23.76 32.18 -16.64
CA GLN C 113 -23.51 31.95 -15.21
C GLN C 113 -24.67 31.20 -14.55
N THR C 114 -24.36 30.20 -13.72
CA THR C 114 -25.39 29.30 -13.22
C THR C 114 -25.20 28.95 -11.75
N PHE C 115 -26.27 28.42 -11.17
CA PHE C 115 -26.33 28.10 -9.75
C PHE C 115 -26.77 26.66 -9.57
N GLY C 116 -26.27 26.04 -8.51
CA GLY C 116 -26.79 24.76 -8.11
C GLY C 116 -28.21 24.87 -7.59
N GLN C 117 -28.82 23.72 -7.32
CA GLN C 117 -30.22 23.70 -6.92
C GLN C 117 -30.39 23.70 -5.39
N GLY C 118 -29.31 23.79 -4.64
CA GLY C 118 -29.39 24.04 -3.22
C GLY C 118 -29.29 22.76 -2.39
N THR C 119 -28.94 22.94 -1.11
CA THR C 119 -28.88 21.84 -0.18
C THR C 119 -29.30 22.34 1.20
N ASN C 120 -30.19 21.56 1.84
CA ASN C 120 -30.77 21.91 3.13
C ASN C 120 -29.94 21.31 4.27
N VAL C 121 -29.48 22.17 5.18
CA VAL C 121 -28.83 21.75 6.42
C VAL C 121 -29.84 21.89 7.54
N GLU C 122 -30.30 20.77 8.07
CA GLU C 122 -31.39 20.71 9.04
C GLU C 122 -30.89 20.20 10.38
N ILE C 123 -31.70 20.38 11.41
CA ILE C 123 -31.36 19.96 12.77
C ILE C 123 -31.89 18.54 13.00
N LYS C 124 -30.99 17.57 13.05
CA LYS C 124 -31.33 16.21 13.45
C LYS C 124 -31.65 16.18 14.94
N ARG C 125 -32.88 15.81 15.26
CA ARG C 125 -33.33 15.74 16.64
C ARG C 125 -33.70 14.31 16.97
N THR C 126 -33.88 14.07 18.27
CA THR C 126 -34.37 12.80 18.80
C THR C 126 -35.73 12.48 18.18
N VAL C 127 -35.80 11.42 17.36
CA VAL C 127 -36.97 11.08 16.54
C VAL C 127 -38.25 11.25 17.34
N ALA C 128 -39.26 11.90 16.74
CA ALA C 128 -40.51 12.23 17.40
C ALA C 128 -41.71 11.69 16.63
N ALA C 129 -42.80 11.43 17.36
CA ALA C 129 -44.00 10.86 16.75
C ALA C 129 -45.07 11.93 16.59
N PRO C 130 -45.80 11.89 15.48
CA PRO C 130 -46.82 12.94 15.21
C PRO C 130 -48.10 12.69 15.99
N SER C 131 -48.53 13.71 16.74
CA SER C 131 -49.86 13.71 17.37
C SER C 131 -50.90 14.02 16.28
N VAL C 132 -51.63 12.99 15.84
CA VAL C 132 -52.53 13.08 14.69
C VAL C 132 -53.93 13.50 15.14
N PHE C 133 -54.48 14.52 14.48
CA PHE C 133 -55.85 14.97 14.69
C PHE C 133 -56.62 14.93 13.37
N ILE C 134 -57.92 14.66 13.46
CA ILE C 134 -58.77 14.65 12.22
C ILE C 134 -59.83 15.74 12.36
N PHE C 135 -60.13 16.43 11.27
CA PHE C 135 -61.10 17.55 11.33
C PHE C 135 -62.16 17.35 10.25
N PRO C 136 -63.43 17.13 10.63
CA PRO C 136 -64.51 16.98 9.65
C PRO C 136 -64.84 18.30 8.96
N PRO C 137 -65.39 18.28 7.74
CA PRO C 137 -65.79 19.52 7.07
C PRO C 137 -66.77 20.34 7.91
N SER C 138 -66.86 21.65 7.63
CA SER C 138 -67.78 22.54 8.38
C SER C 138 -69.10 22.70 7.63
N ASP C 139 -70.18 22.97 8.35
CA ASP C 139 -71.51 23.08 7.69
C ASP C 139 -71.44 24.22 6.66
N GLU C 140 -70.92 25.37 7.08
CA GLU C 140 -70.79 26.52 6.16
C GLU C 140 -70.27 26.01 4.81
N GLN C 141 -69.13 25.33 4.83
CA GLN C 141 -68.52 24.86 3.55
C GLN C 141 -69.46 23.87 2.88
N LEU C 142 -69.90 22.85 3.62
CA LEU C 142 -70.83 21.85 3.05
C LEU C 142 -71.88 22.60 2.23
N LYS C 143 -72.65 23.46 2.90
CA LYS C 143 -73.70 24.24 2.21
C LYS C 143 -73.12 24.83 0.93
N SER C 144 -71.98 25.52 1.03
CA SER C 144 -71.37 26.18 -0.14
C SER C 144 -71.38 25.24 -1.35
N GLY C 145 -71.26 23.94 -1.11
CA GLY C 145 -71.19 22.98 -2.20
C GLY C 145 -69.83 22.36 -2.47
N THR C 146 -69.03 22.20 -1.42
CA THR C 146 -67.70 21.61 -1.46
C THR C 146 -67.38 21.20 -0.04
N ALA C 147 -66.65 20.09 0.13
CA ALA C 147 -66.29 19.62 1.47
C ALA C 147 -64.79 19.33 1.52
N SER C 148 -64.09 20.03 2.41
CA SER C 148 -62.67 19.82 2.64
C SER C 148 -62.52 19.10 3.98
N VAL C 149 -61.85 17.95 3.96
CA VAL C 149 -61.47 17.26 5.19
C VAL C 149 -59.98 17.46 5.37
N VAL C 150 -59.53 17.36 6.62
CA VAL C 150 -58.20 17.84 6.97
C VAL C 150 -57.61 16.92 8.04
N CYS C 151 -56.39 16.45 7.79
CA CYS C 151 -55.62 15.69 8.78
C CYS C 151 -54.36 16.46 9.12
N LEU C 152 -54.04 16.52 10.41
CA LEU C 152 -52.93 17.31 10.91
C LEU C 152 -51.93 16.41 11.63
N LEU C 153 -50.67 16.42 11.18
CA LEU C 153 -49.57 15.81 11.92
C LEU C 153 -48.83 16.94 12.64
N ASN C 154 -48.85 16.91 13.95
CA ASN C 154 -48.28 17.98 14.76
C ASN C 154 -47.01 17.49 15.42
N ASN C 155 -45.94 18.31 15.34
CA ASN C 155 -44.71 18.17 16.15
C ASN C 155 -44.05 16.80 16.00
N PHE C 156 -43.59 16.51 14.77
CA PHE C 156 -42.97 15.22 14.47
C PHE C 156 -41.65 15.41 13.74
N TYR C 157 -40.72 14.47 13.97
CA TYR C 157 -39.40 14.37 13.35
C TYR C 157 -39.05 12.90 13.13
N PRO C 158 -38.42 12.55 12.01
CA PRO C 158 -38.00 13.40 10.90
C PRO C 158 -39.15 13.74 9.99
N ARG C 159 -38.87 14.64 9.05
CA ARG C 159 -39.88 15.10 8.12
C ARG C 159 -40.46 13.96 7.29
N GLU C 160 -39.80 12.82 7.25
CA GLU C 160 -40.24 11.73 6.40
C GLU C 160 -41.53 11.14 6.94
N ALA C 161 -42.57 11.12 6.11
CA ALA C 161 -43.87 10.60 6.49
C ALA C 161 -44.76 10.47 5.26
N LYS C 162 -45.71 9.54 5.34
CA LYS C 162 -46.71 9.32 4.30
C LYS C 162 -48.10 9.29 4.93
N VAL C 163 -49.06 9.90 4.22
CA VAL C 163 -50.45 9.95 4.68
C VAL C 163 -51.35 9.42 3.57
N GLN C 164 -52.33 8.58 3.96
CA GLN C 164 -53.30 7.99 3.04
C GLN C 164 -54.73 8.26 3.51
N TRP C 165 -55.56 8.81 2.61
CA TRP C 165 -56.96 9.08 2.90
C TRP C 165 -57.80 7.84 2.64
N LYS C 166 -58.64 7.48 3.60
CA LYS C 166 -59.55 6.34 3.48
C LYS C 166 -60.99 6.85 3.50
N VAL C 167 -61.69 6.72 2.37
CA VAL C 167 -63.12 7.00 2.33
C VAL C 167 -63.86 5.68 2.12
N ASP C 168 -64.29 5.06 3.22
CA ASP C 168 -64.92 3.72 3.26
C ASP C 168 -63.91 2.62 2.93
N ASN C 169 -62.75 2.68 3.59
CA ASN C 169 -61.64 1.73 3.38
C ASN C 169 -61.30 1.58 1.89
N ALA C 170 -61.57 2.64 1.12
CA ALA C 170 -61.21 2.72 -0.30
C ALA C 170 -60.21 3.86 -0.44
N LEU C 171 -58.93 3.49 -0.54
CA LEU C 171 -57.83 4.45 -0.66
C LEU C 171 -58.16 5.56 -1.64
N GLN C 172 -57.80 6.78 -1.26
CA GLN C 172 -58.11 7.98 -2.03
C GLN C 172 -56.85 8.57 -2.63
N SER C 173 -56.93 8.93 -3.91
CA SER C 173 -55.78 9.42 -4.66
C SER C 173 -56.27 10.38 -5.73
N GLY C 174 -55.35 11.23 -6.22
CA GLY C 174 -55.67 12.19 -7.26
C GLY C 174 -56.57 13.33 -6.83
N ASN C 175 -56.63 13.62 -5.52
CA ASN C 175 -57.54 14.62 -4.98
C ASN C 175 -56.99 15.42 -3.81
N SER C 176 -55.82 15.08 -3.28
CA SER C 176 -55.33 15.67 -2.03
C SER C 176 -54.09 16.53 -2.27
N GLN C 177 -53.71 17.24 -1.22
CA GLN C 177 -52.63 18.20 -1.24
C GLN C 177 -52.00 18.25 0.14
N GLU C 178 -50.71 18.52 0.20
CA GLU C 178 -50.01 18.59 1.47
C GLU C 178 -49.36 19.96 1.64
N SER C 179 -48.94 20.25 2.86
CA SER C 179 -48.24 21.49 3.18
C SER C 179 -47.56 21.29 4.52
N VAL C 180 -46.25 21.54 4.58
CA VAL C 180 -45.44 21.22 5.75
C VAL C 180 -44.93 22.52 6.37
N THR C 181 -44.89 22.54 7.70
CA THR C 181 -44.36 23.68 8.42
C THR C 181 -42.84 23.73 8.25
N GLU C 182 -42.27 24.90 8.51
CA GLU C 182 -40.83 25.01 8.64
C GLU C 182 -40.39 24.34 9.93
N GLN C 183 -39.21 23.73 9.91
CA GLN C 183 -38.64 23.15 11.12
C GLN C 183 -38.72 24.14 12.26
N ASP C 184 -39.39 23.73 13.33
CA ASP C 184 -39.71 24.65 14.41
C ASP C 184 -38.44 25.11 15.12
N SER C 185 -38.43 26.38 15.52
CA SER C 185 -37.23 26.96 16.10
C SER C 185 -37.01 26.62 17.58
N LYS C 186 -37.97 26.00 18.27
CA LYS C 186 -37.77 25.61 19.67
C LYS C 186 -37.54 24.11 19.83
N ASP C 187 -38.29 23.29 19.09
CA ASP C 187 -38.22 21.84 19.23
C ASP C 187 -37.67 21.12 18.00
N SER C 188 -37.42 21.84 16.90
CA SER C 188 -36.81 21.29 15.69
C SER C 188 -37.60 20.10 15.12
N THR C 189 -38.91 20.20 15.23
CA THR C 189 -39.83 19.27 14.59
C THR C 189 -40.61 19.99 13.48
N TYR C 190 -41.39 19.20 12.75
CA TYR C 190 -42.20 19.65 11.64
C TYR C 190 -43.70 19.49 11.97
N SER C 191 -44.54 19.77 10.97
CA SER C 191 -45.99 19.62 11.05
C SER C 191 -46.54 19.59 9.63
N LEU C 192 -47.46 18.66 9.36
CA LEU C 192 -47.99 18.43 8.03
C LEU C 192 -49.50 18.69 8.02
N SER C 193 -50.01 19.16 6.87
CA SER C 193 -51.44 19.42 6.65
C SER C 193 -51.90 18.76 5.36
N SER C 194 -52.52 17.59 5.48
CA SER C 194 -53.12 16.91 4.35
C SER C 194 -54.59 17.33 4.20
N THR C 195 -54.91 17.96 3.06
CA THR C 195 -56.23 18.51 2.79
C THR C 195 -56.93 17.66 1.73
N LEU C 196 -57.97 16.94 2.17
CA LEU C 196 -58.78 16.12 1.23
C LEU C 196 -59.94 16.96 0.73
N ALA C 201 -71.58 16.99 -2.42
CA ALA C 201 -72.37 15.84 -2.89
C ALA C 201 -71.60 14.56 -2.58
N ASP C 202 -70.49 14.35 -3.29
CA ASP C 202 -69.70 13.11 -3.10
C ASP C 202 -69.52 12.86 -1.61
N TYR C 203 -69.18 13.90 -0.85
CA TYR C 203 -68.92 13.73 0.60
C TYR C 203 -70.08 12.96 1.23
N GLU C 204 -71.28 13.56 1.20
CA GLU C 204 -72.45 12.92 1.85
C GLU C 204 -72.61 11.50 1.31
N LYS C 205 -72.36 11.30 0.02
CA LYS C 205 -72.57 9.95 -0.59
C LYS C 205 -71.93 8.91 0.33
N HIS C 206 -70.61 8.96 0.50
CA HIS C 206 -69.92 7.91 1.31
C HIS C 206 -70.26 8.12 2.78
N LYS C 207 -69.68 7.30 3.67
CA LYS C 207 -70.08 7.38 5.10
C LYS C 207 -68.86 7.53 6.00
N LEU C 208 -67.85 6.68 5.84
CA LEU C 208 -66.74 6.74 6.80
C LEU C 208 -65.52 7.46 6.20
N TYR C 209 -64.86 8.24 7.06
CA TYR C 209 -63.67 9.02 6.62
C TYR C 209 -62.57 8.82 7.66
N ALA C 210 -61.38 8.39 7.21
CA ALA C 210 -60.26 8.12 8.15
C ALA C 210 -58.95 8.65 7.57
N CYS C 211 -57.94 8.84 8.44
CA CYS C 211 -56.64 9.40 7.99
C CYS C 211 -55.51 8.47 8.47
N GLU C 212 -54.75 7.87 7.54
CA GLU C 212 -53.70 6.90 7.93
C GLU C 212 -52.32 7.55 7.90
N VAL C 213 -51.60 7.51 9.02
CA VAL C 213 -50.25 8.13 9.11
C VAL C 213 -49.24 7.00 9.27
N THR C 214 -48.17 6.99 8.47
CA THR C 214 -47.19 5.88 8.52
C THR C 214 -45.81 6.41 8.87
N HIS C 215 -45.74 7.52 9.60
CA HIS C 215 -44.44 8.15 9.90
C HIS C 215 -43.49 7.23 10.67
N GLN C 216 -42.18 7.52 10.57
CA GLN C 216 -41.15 6.61 11.07
C GLN C 216 -41.27 6.37 12.58
N GLY C 217 -41.35 7.43 13.37
CA GLY C 217 -41.35 7.30 14.82
C GLY C 217 -42.52 6.51 15.42
N LEU C 218 -43.40 6.03 14.54
CA LEU C 218 -44.59 5.26 15.00
C LEU C 218 -44.38 3.77 14.72
N SER C 219 -44.35 2.94 15.76
CA SER C 219 -44.09 1.52 15.63
C SER C 219 -45.15 0.82 14.76
N SER C 220 -46.39 1.32 14.83
CA SER C 220 -47.50 0.72 14.05
C SER C 220 -48.36 1.82 13.44
N PRO C 221 -48.80 1.69 12.17
CA PRO C 221 -49.57 2.74 11.52
C PRO C 221 -50.72 3.27 12.39
N VAL C 222 -50.98 4.58 12.32
CA VAL C 222 -52.06 5.20 13.13
C VAL C 222 -53.13 5.76 12.19
N THR C 223 -54.40 5.57 12.53
CA THR C 223 -55.51 6.08 11.68
C THR C 223 -56.43 6.95 12.51
N LYS C 224 -56.88 8.08 11.96
CA LYS C 224 -57.83 8.97 12.67
C LYS C 224 -59.13 9.02 11.85
N SER C 225 -60.23 8.52 12.41
CA SER C 225 -61.51 8.46 11.66
C SER C 225 -62.57 9.34 12.34
N GLU D 29 2.46 -0.06 32.68
CA GLU D 29 2.90 -1.33 32.05
C GLU D 29 4.28 -1.12 31.42
N LEU D 30 5.12 -0.29 32.05
CA LEU D 30 6.44 0.02 31.45
C LEU D 30 7.40 0.49 32.55
N GLU D 31 8.64 -0.03 32.53
CA GLU D 31 9.66 0.36 33.54
C GLU D 31 11.03 -0.13 33.09
N SER D 32 12.05 0.01 33.94
CA SER D 32 13.41 -0.50 33.59
C SER D 32 13.40 -2.03 33.66
N GLU D 33 12.73 -2.67 32.70
CA GLU D 33 12.67 -4.16 32.67
C GLU D 33 14.07 -4.72 32.98
N PRO D 34 14.21 -5.74 33.85
CA PRO D 34 15.52 -6.32 34.10
C PRO D 34 16.09 -6.88 32.80
N ILE D 35 17.38 -6.67 32.55
CA ILE D 35 18.04 -7.27 31.35
C ILE D 35 18.74 -8.56 31.79
N ALA D 36 18.69 -9.59 30.96
CA ALA D 36 19.25 -10.89 31.36
C ALA D 36 20.54 -11.20 30.61
N ILE D 37 21.51 -11.79 31.28
CA ILE D 37 22.74 -12.25 30.58
C ILE D 37 22.50 -13.71 30.23
N VAL D 38 22.39 -14.02 28.94
CA VAL D 38 22.02 -15.40 28.52
C VAL D 38 23.24 -16.15 27.98
N GLY D 39 24.32 -15.45 27.66
CA GLY D 39 25.54 -16.14 27.25
C GLY D 39 26.75 -15.30 27.62
N MET D 40 27.93 -15.91 27.53
CA MET D 40 29.14 -15.18 27.85
C MET D 40 30.30 -15.92 27.23
N ALA D 41 31.35 -15.19 26.87
CA ALA D 41 32.52 -15.83 26.30
C ALA D 41 33.70 -14.98 26.62
N CYS D 42 34.86 -15.59 26.73
CA CYS D 42 36.02 -14.72 26.91
C CYS D 42 37.28 -15.44 26.51
N ARG D 43 38.25 -14.63 26.06
CA ARG D 43 39.62 -15.04 25.86
C ARG D 43 40.51 -14.07 26.66
N LEU D 44 41.24 -14.59 27.63
CA LEU D 44 42.00 -13.78 28.57
C LEU D 44 43.38 -14.37 28.75
N PRO D 45 44.32 -13.61 29.31
CA PRO D 45 45.66 -14.14 29.56
C PRO D 45 45.63 -15.30 30.52
N GLY D 46 46.78 -15.96 30.68
CA GLY D 46 46.81 -17.16 31.50
C GLY D 46 46.20 -18.36 30.84
N GLU D 47 46.24 -18.42 29.51
CA GLU D 47 45.71 -19.51 28.71
C GLU D 47 44.20 -19.68 28.87
N VAL D 48 43.48 -18.65 29.29
CA VAL D 48 42.04 -18.75 29.48
C VAL D 48 41.37 -18.60 28.11
N ASP D 49 40.60 -19.59 27.71
CA ASP D 49 39.89 -19.47 26.45
C ASP D 49 38.40 -19.77 26.59
N SER D 50 37.87 -19.73 27.82
CA SER D 50 36.45 -19.90 28.06
C SER D 50 36.14 -19.52 29.49
N PRO D 51 34.90 -19.05 29.81
CA PRO D 51 34.55 -18.78 31.21
C PRO D 51 35.01 -19.88 32.16
N GLU D 52 34.90 -21.16 31.77
CA GLU D 52 35.27 -22.22 32.69
C GLU D 52 36.79 -22.22 32.93
N ARG D 53 37.60 -21.97 31.91
CA ARG D 53 39.03 -21.91 32.18
C ARG D 53 39.39 -20.74 33.07
N LEU D 54 38.60 -19.64 33.02
CA LEU D 54 38.81 -18.52 33.92
C LEU D 54 38.60 -18.92 35.38
N TRP D 55 37.54 -19.71 35.63
CA TRP D 55 37.29 -20.25 36.96
C TRP D 55 38.49 -21.04 37.46
N GLU D 56 39.07 -21.90 36.61
CA GLU D 56 40.27 -22.63 37.00
C GLU D 56 41.38 -21.70 37.45
N LEU D 57 41.65 -20.65 36.67
CA LEU D 57 42.77 -19.78 36.99
C LEU D 57 42.56 -19.09 38.34
N ILE D 58 41.34 -18.60 38.57
CA ILE D 58 41.04 -17.89 39.80
C ILE D 58 41.10 -18.82 41.01
N THR D 59 40.58 -20.03 40.92
CA THR D 59 40.67 -20.89 42.09
C THR D 59 42.08 -21.44 42.28
N SER D 60 42.87 -21.55 41.22
CA SER D 60 44.26 -21.99 41.33
C SER D 60 45.13 -21.01 42.08
N GLY D 61 44.73 -19.73 42.10
CA GLY D 61 45.66 -18.72 42.54
C GLY D 61 46.93 -18.66 41.70
N ARG D 62 46.86 -19.00 40.42
CA ARG D 62 47.94 -18.63 39.52
C ARG D 62 47.65 -17.30 38.85
N ASP D 63 48.72 -16.73 38.29
CA ASP D 63 48.61 -15.44 37.58
C ASP D 63 49.13 -15.67 36.17
N SER D 64 49.18 -14.61 35.37
CA SER D 64 49.58 -14.71 33.98
C SER D 64 50.75 -13.83 33.63
N ALA D 65 51.31 -13.09 34.59
CA ALA D 65 52.45 -12.25 34.31
C ALA D 65 53.56 -13.03 33.63
N ALA D 66 54.02 -12.52 32.49
CA ALA D 66 55.08 -13.13 31.70
C ALA D 66 55.76 -12.03 30.87
N GLU D 67 56.87 -12.37 30.22
CA GLU D 67 57.52 -11.34 29.42
C GLU D 67 56.75 -11.14 28.13
N VAL D 68 56.82 -9.90 27.61
CA VAL D 68 56.30 -9.56 26.28
C VAL D 68 56.73 -10.60 25.27
N PRO D 69 55.86 -11.01 24.35
CA PRO D 69 56.32 -11.92 23.28
C PRO D 69 57.20 -11.20 22.29
N ASP D 70 58.17 -11.94 21.72
CA ASP D 70 59.02 -11.36 20.68
C ASP D 70 58.29 -11.29 19.36
N ASP D 71 57.35 -12.20 19.10
CA ASP D 71 56.67 -12.29 17.82
C ASP D 71 55.79 -11.10 17.52
N ARG D 72 55.74 -10.10 18.40
CA ARG D 72 54.99 -8.88 18.09
C ARG D 72 55.89 -7.74 17.67
N GLY D 73 57.14 -7.71 18.16
CA GLY D 73 58.13 -6.69 17.82
C GLY D 73 58.14 -5.51 18.79
N TRP D 74 58.08 -5.78 20.09
CA TRP D 74 57.68 -4.82 21.15
C TRP D 74 56.15 -4.47 21.04
N HIS D 91 57.41 -7.09 30.46
CA HIS D 91 56.52 -7.81 31.38
C HIS D 91 55.03 -7.35 31.37
N GLY D 92 54.12 -8.32 31.29
CA GLY D 92 52.70 -8.02 31.25
C GLY D 92 51.88 -9.29 31.16
N ASN D 93 50.61 -9.15 30.79
CA ASN D 93 49.72 -10.32 30.67
C ASN D 93 49.17 -10.40 29.25
N PHE D 94 49.39 -11.53 28.59
CA PHE D 94 49.13 -11.62 27.16
C PHE D 94 48.28 -12.82 26.81
N MET D 95 47.50 -12.69 25.74
CA MET D 95 46.62 -13.77 25.29
C MET D 95 47.42 -14.86 24.60
N ALA D 96 47.02 -16.10 24.82
CA ALA D 96 47.58 -17.23 24.11
C ALA D 96 47.57 -16.99 22.62
N GLY D 97 46.38 -16.86 22.03
CA GLY D 97 46.35 -16.85 20.58
C GLY D 97 45.98 -15.52 19.96
N ALA D 98 46.50 -14.42 20.53
CA ALA D 98 46.05 -13.09 20.13
C ALA D 98 45.91 -12.97 18.62
N GLY D 99 46.89 -13.47 17.87
CA GLY D 99 46.88 -13.28 16.44
C GLY D 99 46.39 -14.44 15.59
N ASP D 100 45.81 -15.50 16.20
CA ASP D 100 45.24 -16.62 15.44
C ASP D 100 43.78 -16.33 15.08
N PHE D 101 43.41 -16.69 13.86
CA PHE D 101 42.08 -16.33 13.38
C PHE D 101 41.64 -17.40 12.40
N ASP D 102 40.48 -18.00 12.63
CA ASP D 102 39.94 -18.93 11.64
C ASP D 102 39.27 -18.08 10.57
N ALA D 103 40.12 -17.50 9.71
CA ALA D 103 39.61 -16.59 8.67
C ALA D 103 38.64 -17.28 7.72
N ALA D 104 38.93 -18.53 7.36
CA ALA D 104 38.10 -19.18 6.34
C ALA D 104 36.71 -19.49 6.87
N PHE D 105 36.58 -19.69 8.19
CA PHE D 105 35.27 -19.96 8.79
C PHE D 105 34.25 -18.88 8.44
N PHE D 106 34.65 -17.60 8.52
CA PHE D 106 33.79 -16.45 8.28
C PHE D 106 33.89 -15.92 6.86
N GLY D 107 34.55 -16.66 5.98
CA GLY D 107 34.58 -16.25 4.59
C GLY D 107 35.44 -15.05 4.31
N ILE D 108 36.54 -14.89 5.05
CA ILE D 108 37.42 -13.74 4.91
C ILE D 108 38.74 -14.24 4.32
N SER D 109 39.25 -13.47 3.35
CA SER D 109 40.45 -13.86 2.63
C SER D 109 41.66 -13.75 3.55
N PRO D 110 42.74 -14.47 3.27
CA PRO D 110 43.90 -14.34 4.15
C PRO D 110 44.52 -12.97 4.06
N ARG D 111 44.39 -12.29 2.91
CA ARG D 111 44.95 -10.93 2.81
C ARG D 111 44.16 -9.97 3.70
N GLU D 112 42.83 -10.00 3.63
CA GLU D 112 42.03 -9.16 4.52
C GLU D 112 42.28 -9.54 5.98
N ALA D 113 42.34 -10.83 6.30
CA ALA D 113 42.65 -11.24 7.66
C ALA D 113 43.98 -10.67 8.15
N LEU D 114 45.00 -10.62 7.28
CA LEU D 114 46.26 -10.03 7.71
C LEU D 114 46.10 -8.54 7.99
N ALA D 115 45.23 -7.88 7.24
CA ALA D 115 45.00 -6.47 7.50
C ALA D 115 44.13 -6.22 8.71
N MET D 116 43.24 -7.15 9.08
CA MET D 116 42.42 -6.93 10.26
C MET D 116 43.23 -6.87 11.54
N ASP D 117 43.00 -5.79 12.27
CA ASP D 117 43.38 -5.63 13.66
C ASP D 117 43.04 -6.90 14.45
N PRO D 118 44.02 -7.48 15.16
CA PRO D 118 43.70 -8.67 15.98
C PRO D 118 42.54 -8.44 16.91
N GLN D 119 42.29 -7.20 17.33
CA GLN D 119 41.08 -6.92 18.12
C GLN D 119 39.80 -7.17 17.31
N GLN D 120 39.77 -6.77 16.03
CA GLN D 120 38.61 -7.10 15.21
C GLN D 120 38.39 -8.60 15.16
N ARG D 121 39.46 -9.38 15.19
CA ARG D 121 39.30 -10.80 14.97
C ARG D 121 38.88 -11.50 16.25
N GLN D 122 39.47 -11.10 17.38
CA GLN D 122 39.05 -11.64 18.65
C GLN D 122 37.59 -11.32 18.90
N ALA D 123 37.17 -10.11 18.54
CA ALA D 123 35.80 -9.73 18.81
C ALA D 123 34.85 -10.60 18.01
N LEU D 124 35.24 -10.94 16.80
CA LEU D 124 34.37 -11.72 15.94
C LEU D 124 34.29 -13.17 16.41
N GLU D 125 35.41 -13.76 16.85
CA GLU D 125 35.36 -15.15 17.34
C GLU D 125 34.69 -15.21 18.71
N THR D 126 34.98 -14.25 19.57
CA THR D 126 34.37 -14.23 20.89
C THR D 126 32.86 -13.95 20.79
N THR D 127 32.43 -13.05 19.90
CA THR D 127 30.98 -12.91 19.67
C THR D 127 30.34 -14.25 19.34
N TRP D 128 30.94 -15.00 18.41
CA TRP D 128 30.42 -16.33 18.05
C TRP D 128 30.30 -17.22 19.28
N GLU D 129 31.40 -17.35 20.04
CA GLU D 129 31.39 -18.18 21.24
C GLU D 129 30.29 -17.75 22.22
N ALA D 130 30.10 -16.44 22.39
CA ALA D 130 29.07 -15.96 23.32
C ALA D 130 27.69 -16.43 22.88
N LEU D 131 27.37 -16.31 21.58
CA LEU D 131 26.08 -16.82 21.12
C LEU D 131 25.96 -18.33 21.30
N GLU D 132 27.09 -19.06 21.24
CA GLU D 132 27.02 -20.50 21.46
C GLU D 132 26.76 -20.82 22.92
N SER D 133 27.41 -20.09 23.81
CA SER D 133 27.06 -20.12 25.22
C SER D 133 25.59 -19.75 25.44
N ALA D 134 25.05 -18.77 24.72
CA ALA D 134 23.62 -18.56 24.94
C ALA D 134 22.78 -19.65 24.33
N GLY D 135 23.40 -20.57 23.58
CA GLY D 135 22.66 -21.66 22.98
C GLY D 135 21.86 -21.29 21.75
N ILE D 136 22.26 -20.24 21.03
CA ILE D 136 21.66 -19.70 19.83
C ILE D 136 22.53 -20.09 18.64
N PRO D 137 22.04 -20.94 17.73
CA PRO D 137 22.71 -21.11 16.41
C PRO D 137 22.73 -19.80 15.63
N PRO D 138 23.90 -19.22 15.40
CA PRO D 138 23.92 -17.82 14.92
C PRO D 138 23.14 -17.58 13.62
N GLU D 139 23.00 -18.56 12.73
CA GLU D 139 22.17 -18.38 11.54
C GLU D 139 20.76 -17.88 11.87
N THR D 140 20.14 -18.43 12.92
CA THR D 140 18.79 -18.00 13.26
C THR D 140 18.70 -16.48 13.50
N LEU D 141 19.83 -15.81 13.72
CA LEU D 141 19.86 -14.38 13.99
C LEU D 141 19.95 -13.53 12.74
N ARG D 142 20.13 -14.15 11.58
CA ARG D 142 20.30 -13.32 10.36
C ARG D 142 18.99 -12.57 10.11
N GLY D 143 19.05 -11.24 10.04
CA GLY D 143 17.84 -10.42 9.82
C GLY D 143 17.19 -10.06 11.13
N SER D 144 17.94 -10.09 12.23
CA SER D 144 17.34 -9.87 13.56
C SER D 144 17.65 -8.47 14.09
N ASP D 145 16.84 -8.00 15.02
CA ASP D 145 17.07 -6.70 15.68
C ASP D 145 18.36 -6.78 16.49
N THR D 146 19.00 -7.94 16.54
CA THR D 146 20.22 -8.12 17.38
C THR D 146 21.18 -6.93 17.20
N GLY D 147 21.62 -6.33 18.31
CA GLY D 147 22.55 -5.20 18.27
C GLY D 147 23.95 -5.57 18.71
N VAL D 148 24.95 -4.77 18.34
CA VAL D 148 26.37 -5.08 18.68
C VAL D 148 27.01 -3.85 19.32
N PHE D 149 27.55 -4.00 20.53
CA PHE D 149 28.18 -2.88 21.23
C PHE D 149 29.56 -3.32 21.72
N VAL D 150 30.61 -2.78 21.10
CA VAL D 150 31.99 -3.23 21.30
C VAL D 150 32.76 -2.10 21.96
N GLY D 151 33.33 -2.37 23.14
CA GLY D 151 34.23 -1.43 23.78
C GLY D 151 35.67 -1.70 23.35
N MET D 152 36.35 -0.64 22.96
CA MET D 152 37.65 -0.87 22.32
C MET D 152 38.37 0.46 22.20
N SER D 153 39.70 0.40 22.12
CA SER D 153 40.49 1.55 21.69
C SER D 153 41.62 1.08 20.76
N HIS D 154 42.41 2.03 20.27
CA HIS D 154 43.50 1.71 19.35
C HIS D 154 44.73 1.22 20.12
N GLN D 155 45.39 0.19 19.60
CA GLN D 155 46.54 -0.40 20.30
C GLN D 155 47.78 -0.53 19.41
N GLY D 156 47.89 0.26 18.35
CA GLY D 156 49.12 0.29 17.59
C GLY D 156 49.35 -0.85 16.63
N TYR D 157 48.28 -1.47 16.13
CA TYR D 157 48.42 -2.42 15.03
C TYR D 157 48.48 -1.66 13.72
N ALA D 158 49.37 -2.11 12.83
CA ALA D 158 49.46 -1.59 11.47
C ALA D 158 49.91 -0.12 11.44
N THR D 159 50.99 0.18 12.16
CA THR D 159 51.47 1.55 12.13
C THR D 159 52.62 1.76 11.14
N GLY D 160 53.30 0.68 10.76
CA GLY D 160 54.38 0.81 9.77
C GLY D 160 53.87 0.99 8.36
N ARG D 161 54.80 1.04 7.39
CA ARG D 161 54.40 1.10 5.96
C ARG D 161 54.05 -0.31 5.53
N PRO D 162 53.10 -0.52 4.59
CA PRO D 162 52.67 -1.87 4.24
C PRO D 162 53.66 -2.57 3.28
N ARG D 163 54.34 -3.60 3.77
CA ARG D 163 55.22 -4.40 2.86
C ARG D 163 54.37 -4.78 1.65
N PRO D 164 54.64 -4.21 0.45
CA PRO D 164 53.80 -4.47 -0.70
C PRO D 164 53.50 -5.96 -0.86
N GLU D 165 54.52 -6.79 -0.69
CA GLU D 165 54.32 -8.26 -0.78
C GLU D 165 53.04 -8.62 -0.03
N ASP D 166 52.93 -8.22 1.24
CA ASP D 166 51.76 -8.57 2.08
C ASP D 166 50.46 -8.22 1.35
N GLY D 167 50.51 -7.24 0.45
CA GLY D 167 49.33 -6.93 -0.33
C GLY D 167 48.09 -6.70 0.51
N VAL D 168 48.18 -5.72 1.43
CA VAL D 168 47.06 -5.41 2.31
C VAL D 168 46.37 -4.12 1.89
N ASP D 169 46.84 -3.46 0.83
CA ASP D 169 46.21 -2.25 0.32
C ASP D 169 44.75 -2.49 -0.03
N GLY D 170 43.87 -1.60 0.41
CA GLY D 170 42.44 -1.74 0.21
C GLY D 170 41.74 -2.47 1.33
N TYR D 171 42.50 -3.04 2.25
CA TYR D 171 41.96 -3.72 3.41
C TYR D 171 42.40 -3.09 4.73
N LEU D 172 43.49 -2.32 4.74
CA LEU D 172 44.10 -1.86 5.98
C LEU D 172 43.23 -0.84 6.72
N LEU D 173 42.59 0.08 5.99
CA LEU D 173 41.76 1.08 6.63
C LEU D 173 40.55 0.44 7.30
N THR D 174 39.93 -0.50 6.59
CA THR D 174 38.72 -1.14 7.08
C THR D 174 39.05 -2.16 8.16
N GLY D 175 40.22 -2.77 8.07
CA GLY D 175 40.64 -3.66 9.11
C GLY D 175 41.07 -2.97 10.37
N ASN D 176 41.18 -1.65 10.35
CA ASN D 176 41.71 -0.98 11.52
C ASN D 176 40.95 0.29 11.93
N THR D 177 39.75 0.56 11.40
CA THR D 177 38.98 1.70 11.88
C THR D 177 37.95 1.21 12.89
N ALA D 178 37.78 1.99 13.97
CA ALA D 178 37.08 1.52 15.16
C ALA D 178 35.66 1.02 14.85
N SER D 179 34.92 1.77 14.02
CA SER D 179 33.54 1.40 13.78
C SER D 179 33.42 0.00 13.18
N VAL D 180 34.44 -0.44 12.45
CA VAL D 180 34.32 -1.71 11.77
C VAL D 180 34.33 -2.85 12.77
N ALA D 181 35.09 -2.73 13.87
CA ALA D 181 35.07 -3.71 14.95
C ALA D 181 33.66 -4.19 15.29
N SER D 182 32.70 -3.26 15.33
CA SER D 182 31.31 -3.61 15.57
C SER D 182 30.52 -3.82 14.29
N GLY D 183 30.74 -2.98 13.28
CA GLY D 183 30.01 -3.13 12.03
C GLY D 183 30.26 -4.47 11.37
N ARG D 184 31.50 -4.96 11.45
CA ARG D 184 31.84 -6.23 10.81
C ARG D 184 31.07 -7.39 11.43
N ILE D 185 30.88 -7.38 12.75
CA ILE D 185 30.09 -8.44 13.35
C ILE D 185 28.69 -8.44 12.77
N ALA D 186 28.09 -7.25 12.59
CA ALA D 186 26.73 -7.21 12.08
C ALA D 186 26.69 -7.62 10.61
N TYR D 187 27.74 -7.28 9.87
CA TYR D 187 27.84 -7.72 8.49
C TYR D 187 27.92 -9.25 8.39
N VAL D 188 28.83 -9.87 9.15
CA VAL D 188 29.11 -11.30 9.01
C VAL D 188 27.95 -12.14 9.53
N LEU D 189 27.17 -11.63 10.45
CA LEU D 189 26.10 -12.40 11.05
C LEU D 189 24.74 -11.91 10.61
N GLY D 190 24.71 -10.92 9.73
CA GLY D 190 23.45 -10.39 9.24
C GLY D 190 22.59 -9.77 10.31
N LEU D 191 23.20 -9.12 11.30
CA LEU D 191 22.47 -8.48 12.40
C LEU D 191 22.12 -7.05 12.02
N GLU D 192 21.02 -6.57 12.59
CA GLU D 192 20.41 -5.38 12.03
C GLU D 192 19.91 -4.40 13.06
N GLY D 193 20.20 -4.62 14.37
CA GLY D 193 20.13 -3.56 15.34
C GLY D 193 21.40 -2.73 15.34
N PRO D 194 21.38 -1.69 16.18
CA PRO D 194 22.55 -0.80 16.30
C PRO D 194 23.87 -1.57 16.46
N ALA D 195 24.92 -1.07 15.78
CA ALA D 195 26.28 -1.55 15.90
C ALA D 195 27.19 -0.33 16.13
N LEU D 196 27.80 -0.25 17.32
CA LEU D 196 28.66 0.84 17.73
C LEU D 196 29.95 0.32 18.31
N THR D 197 31.02 1.06 18.07
CA THR D 197 32.25 0.95 18.82
C THR D 197 32.35 2.18 19.72
N VAL D 198 32.57 1.96 21.01
CA VAL D 198 32.69 2.98 22.05
C VAL D 198 34.05 2.87 22.71
N ASP D 199 34.68 4.03 22.99
CA ASP D 199 35.94 4.11 23.71
C ASP D 199 35.77 4.99 24.97
N THR D 200 35.84 4.38 26.14
CA THR D 200 36.02 5.10 27.39
C THR D 200 37.20 4.52 28.17
N ALA D 201 38.18 3.95 27.50
CA ALA D 201 39.35 3.29 28.11
C ALA D 201 38.87 2.15 29.02
N CYS D 202 39.39 2.06 30.25
CA CYS D 202 39.23 0.87 31.08
C CYS D 202 37.78 0.52 31.31
N SER D 203 36.87 1.48 31.28
CA SER D 203 35.47 1.14 31.48
C SER D 203 34.75 0.76 30.19
N SER D 204 35.45 0.81 29.05
CA SER D 204 34.80 0.70 27.74
C SER D 204 33.76 -0.41 27.73
N SER D 205 34.15 -1.63 28.10
CA SER D 205 33.19 -2.73 28.06
C SER D 205 32.01 -2.56 29.03
N LEU D 206 32.19 -1.89 30.18
CA LEU D 206 30.98 -1.73 31.01
C LEU D 206 30.07 -0.62 30.48
N VAL D 207 30.66 0.41 29.89
CA VAL D 207 29.86 1.40 29.20
C VAL D 207 29.12 0.77 28.01
N ALA D 208 29.76 -0.17 27.31
CA ALA D 208 29.08 -0.83 26.20
C ALA D 208 27.90 -1.63 26.73
N LEU D 209 28.09 -2.31 27.86
CA LEU D 209 27.00 -3.04 28.50
C LEU D 209 25.88 -2.08 28.88
N HIS D 210 26.26 -0.92 29.41
CA HIS D 210 25.27 0.02 29.90
C HIS D 210 24.41 0.53 28.75
N THR D 211 25.04 0.77 27.59
CA THR D 211 24.36 1.22 26.39
C THR D 211 23.44 0.13 25.83
N ALA D 212 23.92 -1.11 25.80
CA ALA D 212 23.09 -2.19 25.31
C ALA D 212 21.85 -2.36 26.18
N CYS D 213 21.98 -2.14 27.47
CA CYS D 213 20.85 -2.27 28.37
C CYS D 213 19.81 -1.21 28.11
N GLY D 214 20.23 -0.01 27.70
CA GLY D 214 19.27 1.00 27.35
C GLY D 214 18.65 0.71 25.99
N SER D 215 19.49 0.28 25.04
CA SER D 215 18.99 -0.14 23.75
C SER D 215 17.90 -1.18 23.90
N LEU D 216 18.11 -2.17 24.78
CA LEU D 216 17.12 -3.21 24.97
C LEU D 216 15.86 -2.67 25.64
N ARG D 217 16.01 -1.91 26.73
CA ARG D 217 14.84 -1.31 27.38
C ARG D 217 14.06 -0.40 26.43
N ASP D 218 14.73 0.21 25.45
CA ASP D 218 14.09 1.22 24.61
C ASP D 218 13.41 0.66 23.39
N GLY D 219 13.57 -0.63 23.11
CA GLY D 219 13.05 -1.26 21.91
C GLY D 219 13.96 -1.24 20.69
N ASP D 220 15.16 -0.66 20.79
CA ASP D 220 16.05 -0.53 19.63
C ASP D 220 16.65 -1.85 19.19
N CYS D 221 16.63 -2.87 20.04
CA CYS D 221 17.00 -4.21 19.65
C CYS D 221 16.27 -5.16 20.59
N GLY D 222 16.32 -6.45 20.27
CA GLY D 222 15.62 -7.41 21.09
C GLY D 222 16.61 -8.48 21.53
N LEU D 223 17.87 -8.22 21.22
CA LEU D 223 18.96 -9.07 21.63
C LEU D 223 20.22 -8.26 21.39
N ALA D 224 21.19 -8.39 22.29
CA ALA D 224 22.40 -7.60 22.13
C ALA D 224 23.63 -8.36 22.55
N VAL D 225 24.71 -8.15 21.80
CA VAL D 225 26.05 -8.59 22.16
C VAL D 225 26.78 -7.38 22.69
N ALA D 226 27.36 -7.50 23.89
CA ALA D 226 28.07 -6.36 24.48
C ALA D 226 29.34 -6.82 25.17
N GLY D 227 30.40 -6.05 24.99
CA GLY D 227 31.68 -6.46 25.54
C GLY D 227 32.79 -5.53 25.11
N GLY D 228 34.01 -6.01 25.26
CA GLY D 228 35.17 -5.24 24.90
C GLY D 228 36.31 -6.17 24.56
N VAL D 229 37.27 -5.62 23.83
CA VAL D 229 38.40 -6.38 23.33
C VAL D 229 39.62 -5.48 23.37
N SER D 230 40.75 -6.05 23.78
CA SER D 230 41.98 -5.36 23.48
C SER D 230 43.08 -6.38 23.25
N VAL D 231 43.98 -6.03 22.31
CA VAL D 231 45.19 -6.77 21.99
C VAL D 231 46.29 -5.74 21.84
N MET D 232 47.27 -5.75 22.74
CA MET D 232 48.38 -4.82 22.62
C MET D 232 49.26 -5.20 21.44
N ALA D 233 48.92 -4.73 20.25
CA ALA D 233 49.74 -5.03 19.09
C ALA D 233 51.09 -4.32 19.20
N GLY D 234 51.05 -3.00 19.29
CA GLY D 234 52.26 -2.20 19.39
C GLY D 234 52.59 -1.89 20.84
N PRO D 235 53.73 -1.25 21.07
CA PRO D 235 54.17 -0.99 22.45
C PRO D 235 53.84 0.41 22.97
N GLU D 236 53.03 1.19 22.23
CA GLU D 236 52.78 2.56 22.59
C GLU D 236 52.07 2.69 23.95
N VAL D 237 51.06 1.86 24.22
CA VAL D 237 50.33 1.95 25.48
C VAL D 237 51.24 1.57 26.64
N PHE D 238 52.02 0.49 26.47
CA PHE D 238 52.98 0.10 27.51
C PHE D 238 54.00 1.20 27.76
N THR D 239 54.49 1.84 26.69
CA THR D 239 55.53 2.85 26.86
C THR D 239 55.03 4.06 27.63
N GLU D 240 53.81 4.51 27.37
CA GLU D 240 53.35 5.71 28.05
C GLU D 240 53.15 5.45 29.53
N PHE D 241 52.68 4.25 29.88
CA PHE D 241 52.51 3.98 31.29
C PHE D 241 53.85 3.72 31.98
N SER D 242 54.82 3.12 31.29
CA SER D 242 56.18 3.06 31.84
C SER D 242 56.71 4.45 32.17
N ARG D 243 56.78 5.33 31.16
CA ARG D 243 57.20 6.71 31.36
C ARG D 243 56.50 7.35 32.56
N GLN D 244 55.21 7.07 32.76
CA GLN D 244 54.51 7.67 33.90
C GLN D 244 54.90 7.02 35.22
N GLY D 245 55.58 5.88 35.19
CA GLY D 245 55.77 5.10 36.40
C GLY D 245 54.51 4.48 36.97
N ALA D 246 53.60 4.04 36.11
CA ALA D 246 52.34 3.47 36.56
C ALA D 246 52.34 1.94 36.59
N LEU D 247 53.37 1.28 36.03
CA LEU D 247 53.37 -0.16 35.89
C LEU D 247 54.27 -0.83 36.92
N SER D 248 53.78 -1.90 37.52
CA SER D 248 54.66 -2.69 38.36
C SER D 248 55.74 -3.36 37.51
N PRO D 249 56.96 -3.48 38.04
CA PRO D 249 57.98 -4.29 37.33
C PRO D 249 57.60 -5.74 37.22
N ASP D 250 56.84 -6.25 38.20
CA ASP D 250 56.23 -7.56 38.14
C ASP D 250 55.49 -7.79 36.82
N GLY D 251 54.67 -6.84 36.42
CA GLY D 251 53.61 -7.11 35.48
C GLY D 251 52.34 -7.58 36.13
N ARG D 252 52.25 -7.52 37.48
CA ARG D 252 51.16 -8.08 38.28
C ARG D 252 50.39 -6.98 39.01
N CYS D 253 49.06 -7.01 38.94
CA CYS D 253 48.25 -6.11 39.75
C CYS D 253 48.06 -6.71 41.14
N LYS D 254 48.39 -5.92 42.17
CA LYS D 254 48.28 -6.36 43.55
C LYS D 254 47.21 -5.54 44.25
N PRO D 255 45.95 -5.81 43.96
CA PRO D 255 44.89 -4.88 44.37
C PRO D 255 44.66 -4.90 45.87
N PHE D 256 44.71 -3.73 46.47
CA PHE D 256 44.43 -3.53 47.89
C PHE D 256 45.47 -4.16 48.80
N SER D 257 46.65 -4.46 48.25
CA SER D 257 47.75 -5.10 48.96
C SER D 257 48.78 -4.05 49.35
N ASP D 258 49.49 -4.32 50.47
CA ASP D 258 50.63 -3.50 50.86
C ASP D 258 51.73 -3.53 49.80
N GLU D 259 51.82 -4.62 49.04
CA GLU D 259 52.82 -4.75 48.00
C GLU D 259 52.44 -4.05 46.68
N ALA D 260 51.35 -3.26 46.66
CA ALA D 260 50.92 -2.61 45.41
C ALA D 260 51.96 -1.59 44.97
N ASP D 261 52.49 -1.77 43.75
CA ASP D 261 53.51 -0.89 43.21
C ASP D 261 53.27 -0.62 41.71
N GLY D 262 52.02 -0.44 41.32
CA GLY D 262 51.67 -0.18 39.93
C GLY D 262 50.86 -1.33 39.35
N PHE D 263 50.24 -1.05 38.20
CA PHE D 263 49.38 -2.04 37.58
C PHE D 263 50.13 -2.80 36.48
N GLY D 264 49.61 -3.98 36.16
CA GLY D 264 50.14 -4.80 35.07
C GLY D 264 49.23 -4.69 33.87
N LEU D 265 49.80 -4.32 32.72
CA LEU D 265 49.02 -4.24 31.51
C LEU D 265 48.64 -5.64 31.03
N GLY D 266 47.42 -5.78 30.54
CA GLY D 266 46.97 -7.05 30.03
C GLY D 266 46.19 -6.84 28.76
N GLU D 267 45.38 -7.82 28.37
CA GLU D 267 44.59 -7.72 27.14
C GLU D 267 43.50 -8.79 27.23
N GLY D 268 42.63 -8.82 26.25
CA GLY D 268 41.71 -9.92 26.14
C GLY D 268 40.41 -9.52 25.48
N SER D 269 39.46 -10.42 25.62
CA SER D 269 38.22 -10.40 24.86
C SER D 269 37.14 -10.91 25.79
N ALA D 270 36.10 -10.11 26.02
CA ALA D 270 35.06 -10.52 26.95
C ALA D 270 33.74 -9.97 26.47
N PHE D 271 32.77 -10.88 26.30
CA PHE D 271 31.52 -10.53 25.67
C PHE D 271 30.40 -11.26 26.36
N VAL D 272 29.25 -10.59 26.48
CA VAL D 272 28.04 -11.20 27.02
C VAL D 272 26.93 -10.98 26.00
N VAL D 273 25.87 -11.81 26.09
CA VAL D 273 24.66 -11.68 25.28
C VAL D 273 23.55 -11.21 26.21
N LEU D 274 22.92 -10.09 25.86
CA LEU D 274 21.86 -9.46 26.66
C LEU D 274 20.50 -9.62 25.98
N GLN D 275 19.46 -9.70 26.82
CA GLN D 275 18.08 -9.90 26.38
C GLN D 275 17.15 -9.48 27.51
N ARG D 276 16.10 -8.73 27.17
CA ARG D 276 15.10 -8.38 28.17
C ARG D 276 14.59 -9.64 28.85
N LEU D 277 14.47 -9.60 30.18
CA LEU D 277 14.20 -10.84 30.91
C LEU D 277 12.94 -11.54 30.43
N SER D 278 11.93 -10.74 30.10
CA SER D 278 10.64 -11.30 29.59
C SER D 278 10.91 -12.17 28.36
N ASP D 279 11.61 -11.62 27.37
CA ASP D 279 11.91 -12.39 26.18
C ASP D 279 12.75 -13.61 26.50
N ALA D 280 13.73 -13.45 27.40
CA ALA D 280 14.55 -14.59 27.82
C ALA D 280 13.69 -15.75 28.34
N ARG D 281 12.82 -15.47 29.32
CA ARG D 281 12.01 -16.54 29.92
C ARG D 281 11.07 -17.14 28.87
N ARG D 282 10.39 -16.29 28.11
CA ARG D 282 9.48 -16.73 27.06
C ARG D 282 10.17 -17.66 26.05
N GLU D 283 11.42 -17.39 25.68
CA GLU D 283 12.16 -18.28 24.80
C GLU D 283 12.84 -19.42 25.54
N GLY D 284 12.63 -19.52 26.85
CA GLY D 284 13.32 -20.55 27.64
C GLY D 284 14.83 -20.52 27.54
N ARG D 285 15.42 -19.33 27.59
CA ARG D 285 16.86 -19.31 27.63
C ARG D 285 17.38 -19.57 29.04
N ARG D 286 18.61 -20.03 29.11
CA ARG D 286 19.35 -20.25 30.35
C ARG D 286 19.93 -18.91 30.79
N VAL D 287 19.27 -18.23 31.73
CA VAL D 287 19.76 -16.95 32.26
C VAL D 287 20.92 -17.19 33.23
N LEU D 288 22.04 -16.50 33.02
CA LEU D 288 23.21 -16.67 33.89
C LEU D 288 23.21 -15.73 35.08
N GLY D 289 22.79 -14.48 34.86
CA GLY D 289 22.67 -13.48 35.88
C GLY D 289 21.66 -12.50 35.36
N VAL D 290 21.49 -11.32 35.95
CA VAL D 290 20.79 -10.19 35.33
C VAL D 290 21.50 -8.91 35.72
N VAL D 291 21.57 -7.97 34.78
CA VAL D 291 22.02 -6.62 35.06
C VAL D 291 20.83 -5.96 35.75
N ALA D 292 20.90 -5.87 37.08
CA ALA D 292 19.79 -5.26 37.82
C ALA D 292 19.80 -3.74 37.71
N GLY D 293 20.95 -3.16 37.42
CA GLY D 293 21.12 -1.74 37.42
C GLY D 293 22.54 -1.40 37.05
N SER D 294 22.76 -0.22 36.48
CA SER D 294 24.10 0.16 36.07
C SER D 294 24.12 1.67 35.93
N ALA D 295 25.33 2.23 36.06
CA ALA D 295 25.44 3.67 35.97
C ALA D 295 26.80 4.05 35.42
N VAL D 296 26.84 5.27 34.87
CA VAL D 296 28.01 5.82 34.19
C VAL D 296 28.08 7.27 34.56
N ASN D 297 29.29 7.78 34.77
CA ASN D 297 29.50 9.20 35.04
C ASN D 297 30.97 9.48 34.87
N GLN D 298 31.41 10.65 35.34
CA GLN D 298 32.75 11.13 35.01
C GLN D 298 33.41 11.79 36.23
N ASP D 299 34.73 11.63 36.35
CA ASP D 299 35.50 12.30 37.38
C ASP D 299 35.36 13.81 37.27
N GLY D 300 35.20 14.32 36.05
CA GLY D 300 35.21 15.75 35.88
C GLY D 300 36.61 16.25 36.13
N ALA D 301 36.71 17.32 36.93
CA ALA D 301 37.97 18.02 37.17
C ALA D 301 38.73 17.36 38.31
N SER D 302 39.42 16.27 38.01
CA SER D 302 40.27 15.62 39.00
C SER D 302 41.63 16.31 38.97
N ASN D 303 42.64 15.74 39.64
CA ASN D 303 43.98 16.35 39.69
C ASN D 303 44.86 15.69 38.61
N GLY D 304 44.50 15.96 37.35
CA GLY D 304 45.16 15.28 36.23
C GLY D 304 44.11 14.47 35.49
N LEU D 305 44.10 14.48 34.16
CA LEU D 305 43.02 13.78 33.40
C LEU D 305 42.82 12.38 33.97
N SER D 306 43.91 11.69 34.31
CA SER D 306 43.82 10.29 34.79
C SER D 306 43.49 10.22 36.29
N ALA D 307 43.69 11.32 37.02
CA ALA D 307 43.49 11.30 38.48
C ALA D 307 42.11 10.74 38.83
N PRO D 308 42.00 9.89 39.87
CA PRO D 308 40.70 9.35 40.29
C PRO D 308 40.02 10.19 41.36
N SER D 309 38.68 10.19 41.40
CA SER D 309 37.94 10.93 42.46
C SER D 309 37.00 9.97 43.20
N GLY D 310 37.21 9.81 44.49
CA GLY D 310 36.34 8.94 45.26
C GLY D 310 34.90 9.39 45.30
N VAL D 311 34.67 10.69 45.21
CA VAL D 311 33.28 11.17 45.22
C VAL D 311 32.55 10.68 43.97
N ALA D 312 33.16 10.92 42.79
CA ALA D 312 32.59 10.38 41.56
C ALA D 312 32.31 8.89 41.68
N GLN D 313 33.28 8.12 42.20
CA GLN D 313 33.06 6.69 42.38
C GLN D 313 31.85 6.40 43.29
N GLN D 314 31.68 7.17 44.36
CA GLN D 314 30.51 6.98 45.22
C GLN D 314 29.20 7.23 44.48
N ARG D 315 29.13 8.35 43.74
CA ARG D 315 27.88 8.71 43.08
C ARG D 315 27.48 7.66 42.03
N VAL D 316 28.45 7.12 41.29
CA VAL D 316 28.13 6.11 40.30
C VAL D 316 27.67 4.83 40.97
N ILE D 317 28.30 4.44 42.09
CA ILE D 317 27.80 3.31 42.88
C ILE D 317 26.35 3.57 43.31
N ARG D 318 26.03 4.79 43.75
CA ARG D 318 24.71 5.01 44.28
C ARG D 318 23.65 5.15 43.20
N ARG D 319 23.98 5.69 42.00
CA ARG D 319 23.00 5.65 40.91
C ARG D 319 22.66 4.21 40.53
N ALA D 320 23.67 3.32 40.52
CA ALA D 320 23.39 1.92 40.21
C ALA D 320 22.41 1.33 41.20
N TRP D 321 22.70 1.46 42.51
CA TRP D 321 21.73 0.98 43.50
C TRP D 321 20.34 1.52 43.23
N ALA D 322 20.24 2.81 42.88
CA ALA D 322 18.93 3.42 42.65
C ALA D 322 18.24 2.77 41.45
N ARG D 323 18.97 2.62 40.34
CA ARG D 323 18.40 1.98 39.15
C ARG D 323 17.97 0.56 39.48
N ALA D 324 18.67 -0.09 40.41
CA ALA D 324 18.36 -1.46 40.76
C ALA D 324 17.45 -1.57 41.97
N GLY D 325 17.05 -0.44 42.56
CA GLY D 325 16.20 -0.39 43.74
C GLY D 325 16.72 -1.21 44.91
N ILE D 326 17.99 -1.03 45.26
CA ILE D 326 18.61 -1.79 46.35
C ILE D 326 19.44 -0.83 47.19
N THR D 327 20.05 -1.39 48.24
CA THR D 327 21.05 -0.68 49.02
C THR D 327 22.25 -1.60 49.19
N GLY D 328 23.38 -1.03 49.61
CA GLY D 328 24.61 -1.80 49.64
C GLY D 328 24.51 -3.06 50.48
N ALA D 329 23.61 -3.08 51.46
CA ALA D 329 23.44 -4.27 52.27
C ALA D 329 22.91 -5.44 51.45
N ASP D 330 22.32 -5.18 50.29
CA ASP D 330 21.80 -6.25 49.46
C ASP D 330 22.86 -6.86 48.54
N VAL D 331 24.14 -6.46 48.65
CA VAL D 331 25.19 -6.88 47.75
C VAL D 331 26.29 -7.51 48.58
N ALA D 332 26.52 -8.82 48.41
CA ALA D 332 27.55 -9.53 49.17
C ALA D 332 28.95 -9.36 48.59
N VAL D 333 29.08 -9.29 47.26
CA VAL D 333 30.36 -9.25 46.57
C VAL D 333 30.52 -7.93 45.81
N VAL D 334 31.75 -7.40 45.80
CA VAL D 334 32.09 -6.27 44.94
C VAL D 334 33.31 -6.72 44.15
N GLU D 335 33.20 -6.70 42.81
CA GLU D 335 34.32 -7.01 41.93
C GLU D 335 34.83 -5.67 41.45
N ALA D 336 35.95 -5.23 42.01
CA ALA D 336 36.39 -3.85 41.92
C ALA D 336 37.21 -3.56 40.65
N HIS D 337 37.37 -2.27 40.32
CA HIS D 337 38.33 -1.85 39.30
C HIS D 337 39.69 -2.47 39.57
N GLY D 338 40.25 -2.15 40.76
CA GLY D 338 41.27 -2.94 41.44
C GLY D 338 42.55 -3.18 40.66
N THR D 339 43.28 -2.14 40.37
CA THR D 339 44.41 -2.23 39.46
C THR D 339 45.75 -2.38 40.16
N GLY D 340 45.81 -2.17 41.48
CA GLY D 340 47.05 -2.32 42.22
C GLY D 340 47.99 -1.14 42.15
N THR D 341 47.45 0.06 41.96
CA THR D 341 48.24 1.29 42.02
C THR D 341 48.20 1.83 43.44
N ARG D 342 49.35 2.31 43.92
CA ARG D 342 49.42 2.71 45.33
C ARG D 342 48.42 3.82 45.62
N LEU D 343 48.26 4.77 44.71
CA LEU D 343 47.44 5.90 45.07
C LEU D 343 45.96 5.68 44.75
N GLY D 344 45.65 4.85 43.73
CA GLY D 344 44.27 4.63 43.35
C GLY D 344 43.50 3.61 44.18
N ASP D 345 44.15 2.50 44.51
CA ASP D 345 43.50 1.52 45.39
C ASP D 345 42.87 2.15 46.62
N PRO D 346 43.57 2.95 47.45
CA PRO D 346 42.88 3.60 48.57
C PRO D 346 41.71 4.48 48.15
N VAL D 347 41.82 5.16 47.00
CA VAL D 347 40.67 5.93 46.53
C VAL D 347 39.49 5.01 46.28
N GLU D 348 39.73 3.89 45.61
CA GLU D 348 38.60 2.99 45.39
C GLU D 348 38.09 2.41 46.71
N ALA D 349 39.00 2.04 47.63
CA ALA D 349 38.56 1.45 48.90
C ALA D 349 37.81 2.47 49.76
N SER D 350 38.20 3.75 49.73
CA SER D 350 37.47 4.72 50.54
C SER D 350 36.04 4.92 50.06
N ALA D 351 35.78 4.71 48.76
CA ALA D 351 34.41 4.92 48.26
C ALA D 351 33.56 3.70 48.52
N LEU D 352 34.15 2.52 48.42
CA LEU D 352 33.47 1.32 48.90
C LEU D 352 33.13 1.45 50.38
N LEU D 353 34.10 1.89 51.20
CA LEU D 353 33.83 2.14 52.60
C LEU D 353 32.65 3.10 52.77
N ALA D 354 32.66 4.19 52.00
CA ALA D 354 31.64 5.20 52.15
C ALA D 354 30.31 4.76 51.57
N THR D 355 30.28 3.65 50.80
CA THR D 355 29.03 3.16 50.21
C THR D 355 28.68 1.77 50.74
N TYR D 356 29.39 0.75 50.24
CA TYR D 356 29.16 -0.62 50.68
C TYR D 356 29.52 -0.82 52.14
N GLY D 357 30.39 0.03 52.70
CA GLY D 357 30.81 -0.15 54.09
C GLY D 357 29.79 0.27 55.12
N LYS D 358 28.97 1.25 54.77
CA LYS D 358 27.99 1.79 55.75
C LYS D 358 26.68 1.01 55.76
N SER D 359 26.00 0.98 56.91
CA SER D 359 24.66 0.34 57.03
C SER D 359 24.65 -1.12 56.55
N ARG D 360 25.80 -1.78 56.51
CA ARG D 360 25.85 -3.21 56.10
C ARG D 360 24.73 -3.96 56.82
N GLY D 361 24.32 -3.46 58.00
CA GLY D 361 23.22 -4.08 58.76
C GLY D 361 23.37 -5.58 58.88
N SER D 362 22.25 -6.31 58.86
CA SER D 362 22.28 -7.79 58.98
C SER D 362 23.42 -8.34 58.12
N SER D 363 23.39 -8.05 56.82
CA SER D 363 24.45 -8.53 55.89
C SER D 363 25.82 -8.36 56.56
N GLY D 364 26.61 -9.44 56.62
CA GLY D 364 27.97 -9.37 57.21
C GLY D 364 28.88 -8.50 56.36
N PRO D 365 30.21 -8.55 56.55
CA PRO D 365 31.10 -7.65 55.81
C PRO D 365 30.95 -7.90 54.30
N VAL D 366 31.24 -6.88 53.49
CA VAL D 366 31.18 -7.05 52.01
C VAL D 366 32.48 -7.70 51.56
N LEU D 367 32.39 -8.69 50.68
CA LEU D 367 33.61 -9.31 50.15
C LEU D 367 34.10 -8.53 48.93
N LEU D 368 35.42 -8.40 48.80
CA LEU D 368 36.03 -7.52 47.81
C LEU D 368 37.15 -8.24 47.10
N GLY D 369 37.23 -8.05 45.78
CA GLY D 369 38.31 -8.66 45.02
C GLY D 369 38.38 -8.05 43.64
N SER D 370 39.36 -8.52 42.85
CA SER D 370 39.49 -8.04 41.49
C SER D 370 40.16 -9.09 40.65
N VAL D 371 39.54 -9.42 39.52
CA VAL D 371 40.13 -10.37 38.59
C VAL D 371 41.42 -9.86 37.97
N LYS D 372 41.75 -8.57 38.10
CA LYS D 372 43.03 -8.13 37.58
C LYS D 372 44.21 -8.74 38.33
N SER D 373 43.96 -9.25 39.54
CA SER D 373 45.01 -9.89 40.33
C SER D 373 45.45 -11.22 39.72
N ASN D 374 44.68 -11.78 38.80
CA ASN D 374 45.04 -13.02 38.12
C ASN D 374 45.39 -12.82 36.65
N ILE D 375 44.74 -11.90 35.95
CA ILE D 375 44.93 -11.74 34.52
C ILE D 375 45.54 -10.41 34.15
N GLY D 376 45.74 -9.51 35.11
CA GLY D 376 46.20 -8.19 34.76
C GLY D 376 45.04 -7.27 34.39
N HIS D 377 45.42 -6.14 33.85
CA HIS D 377 44.46 -5.10 33.48
C HIS D 377 44.13 -5.31 32.01
N ALA D 378 42.94 -5.87 31.74
CA ALA D 378 42.53 -6.18 30.38
C ALA D 378 41.98 -4.96 29.61
N GLN D 379 42.16 -3.72 30.11
CA GLN D 379 41.87 -2.49 29.35
C GLN D 379 40.43 -2.55 28.87
N ALA D 380 40.14 -2.48 27.57
CA ALA D 380 38.76 -2.36 27.16
C ALA D 380 37.91 -3.57 27.56
N ALA D 381 38.54 -4.72 27.87
CA ALA D 381 37.85 -5.94 28.30
C ALA D 381 37.81 -6.13 29.83
N ALA D 382 38.46 -5.26 30.58
CA ALA D 382 38.49 -5.37 32.02
C ALA D 382 37.09 -5.52 32.63
N GLY D 383 36.15 -4.68 32.19
CA GLY D 383 34.86 -4.65 32.86
C GLY D 383 34.12 -5.96 32.77
N VAL D 384 34.01 -6.50 31.55
CA VAL D 384 33.15 -7.66 31.38
C VAL D 384 33.87 -8.91 31.88
N ALA D 385 35.19 -8.94 31.83
CA ALA D 385 35.95 -9.94 32.57
C ALA D 385 35.48 -10.01 34.04
N GLY D 386 35.56 -8.89 34.78
CA GLY D 386 34.94 -8.81 36.10
C GLY D 386 33.51 -9.36 36.11
N VAL D 387 32.71 -8.99 35.11
CA VAL D 387 31.33 -9.45 35.10
C VAL D 387 31.25 -10.96 34.89
N ILE D 388 32.15 -11.52 34.07
CA ILE D 388 32.13 -12.97 33.89
C ILE D 388 32.66 -13.67 35.15
N LYS D 389 33.61 -13.06 35.88
CA LYS D 389 34.03 -13.64 37.14
C LYS D 389 32.85 -13.79 38.11
N VAL D 390 32.09 -12.72 38.37
CA VAL D 390 31.02 -12.90 39.34
C VAL D 390 29.94 -13.85 38.82
N LEU D 391 29.80 -14.00 37.49
CA LEU D 391 28.78 -14.92 36.98
C LEU D 391 29.20 -16.37 37.19
N LEU D 392 30.48 -16.66 37.03
CA LEU D 392 30.99 -17.97 37.41
C LEU D 392 30.65 -18.26 38.86
N GLY D 393 30.91 -17.30 39.74
CA GLY D 393 30.52 -17.39 41.12
C GLY D 393 29.07 -17.75 41.31
N LEU D 394 28.15 -16.93 40.77
CA LEU D 394 26.72 -17.27 40.87
C LEU D 394 26.41 -18.72 40.44
N GLU D 395 26.98 -19.20 39.32
CA GLU D 395 26.76 -20.60 38.95
C GLU D 395 27.05 -21.51 40.13
N ARG D 396 28.24 -21.40 40.69
CA ARG D 396 28.66 -22.32 41.72
C ARG D 396 28.18 -21.91 43.11
N GLY D 397 27.40 -20.85 43.21
CA GLY D 397 26.89 -20.42 44.52
C GLY D 397 27.91 -19.93 45.52
N VAL D 398 29.16 -19.69 45.11
CA VAL D 398 30.20 -19.16 46.00
C VAL D 398 30.76 -17.85 45.47
N VAL D 399 31.46 -17.15 46.36
CA VAL D 399 32.09 -15.86 45.98
C VAL D 399 33.42 -16.19 45.30
N PRO D 400 33.64 -15.75 44.05
CA PRO D 400 34.90 -16.01 43.37
C PRO D 400 36.07 -15.39 44.14
N PRO D 401 37.18 -16.12 44.35
CA PRO D 401 38.30 -15.58 45.12
C PRO D 401 39.24 -14.65 44.33
N MET D 402 40.18 -14.02 45.02
CA MET D 402 41.19 -13.14 44.36
C MET D 402 42.58 -13.49 44.87
N LEU D 403 43.59 -13.34 44.02
CA LEU D 403 44.98 -13.64 44.41
C LEU D 403 45.46 -12.57 45.39
N CYS D 404 45.16 -12.74 46.67
CA CYS D 404 45.65 -11.79 47.69
C CYS D 404 47.15 -12.05 47.88
N ARG D 405 47.98 -11.05 47.58
CA ARG D 405 49.46 -11.23 47.68
C ARG D 405 50.01 -10.25 48.71
N GLY D 406 50.30 -10.75 49.91
CA GLY D 406 50.91 -9.89 50.94
C GLY D 406 49.90 -9.49 51.99
N GLU D 407 50.15 -8.37 52.67
CA GLU D 407 49.22 -7.87 53.71
C GLU D 407 48.34 -6.78 53.10
N ARG D 408 47.24 -6.46 53.78
CA ARG D 408 46.32 -5.39 53.29
C ARG D 408 47.09 -4.07 53.20
N SER D 409 46.62 -3.16 52.34
CA SER D 409 47.29 -1.85 52.18
C SER D 409 47.15 -1.06 53.48
N GLY D 410 48.27 -0.59 54.00
CA GLY D 410 48.22 0.23 55.18
C GLY D 410 47.59 1.58 54.95
N LEU D 411 47.34 1.93 53.68
CA LEU D 411 46.75 3.21 53.31
C LEU D 411 45.24 3.20 53.36
N ILE D 412 44.61 2.06 53.66
CA ILE D 412 43.16 1.92 53.64
C ILE D 412 42.66 1.71 55.07
N ASP D 413 41.63 2.46 55.44
CA ASP D 413 41.04 2.33 56.77
C ASP D 413 40.15 1.11 56.80
N TRP D 414 40.75 -0.02 57.17
CA TRP D 414 39.97 -1.23 57.44
C TRP D 414 39.34 -1.23 58.82
N SER D 415 39.41 -0.12 59.57
CA SER D 415 39.04 -0.17 60.98
C SER D 415 37.57 -0.51 61.21
N SER D 416 36.68 -0.22 60.25
CA SER D 416 35.27 -0.59 60.41
C SER D 416 35.06 -2.10 60.41
N GLY D 417 36.04 -2.87 59.92
CA GLY D 417 35.87 -4.29 59.67
C GLY D 417 34.77 -4.63 58.67
N GLU D 418 34.28 -3.63 57.91
CA GLU D 418 33.10 -3.85 57.08
C GLU D 418 33.44 -4.31 55.67
N ILE D 419 34.70 -4.26 55.27
CA ILE D 419 35.12 -4.82 54.01
C ILE D 419 36.17 -5.86 54.29
N GLU D 420 36.01 -7.03 53.70
CA GLU D 420 36.97 -8.12 53.79
C GLU D 420 37.42 -8.49 52.38
N LEU D 421 38.73 -8.70 52.18
CA LEU D 421 39.20 -9.21 50.89
C LEU D 421 38.78 -10.67 50.68
N ALA D 422 38.28 -10.99 49.48
CA ALA D 422 37.90 -12.36 49.14
C ALA D 422 39.16 -13.19 48.92
N ASP D 423 39.66 -13.77 50.01
CA ASP D 423 40.97 -14.42 50.05
C ASP D 423 40.96 -15.82 49.44
N GLY D 424 39.89 -16.58 49.70
CA GLY D 424 39.64 -17.87 49.08
C GLY D 424 38.16 -17.97 48.81
N VAL D 425 37.68 -19.14 48.40
CA VAL D 425 36.25 -19.28 48.09
C VAL D 425 35.45 -19.05 49.38
N ARG D 426 34.32 -18.35 49.27
CA ARG D 426 33.47 -18.05 50.43
C ARG D 426 32.00 -18.27 50.11
N GLU D 427 31.20 -18.40 51.16
CA GLU D 427 29.75 -18.35 51.02
C GLU D 427 29.32 -17.03 50.39
N TRP D 428 28.32 -17.09 49.51
CA TRP D 428 27.69 -15.90 48.94
C TRP D 428 26.38 -15.69 49.69
N SER D 429 26.37 -14.82 50.66
CA SER D 429 25.15 -14.64 51.42
C SER D 429 24.12 -14.04 50.50
N PRO D 430 22.95 -14.63 50.33
CA PRO D 430 21.86 -13.87 49.71
C PRO D 430 21.56 -12.61 50.49
N ALA D 431 20.77 -11.75 49.88
CA ALA D 431 20.28 -10.56 50.58
C ALA D 431 19.06 -10.94 51.40
N ALA D 432 18.56 -9.98 52.18
CA ALA D 432 17.31 -10.18 52.90
C ALA D 432 16.18 -10.66 51.97
N ASP D 433 16.22 -10.29 50.67
CA ASP D 433 15.33 -10.80 49.62
C ASP D 433 15.48 -12.29 49.34
N GLY D 434 16.60 -12.89 49.72
CA GLY D 434 16.95 -14.17 49.17
C GLY D 434 17.55 -14.12 47.78
N VAL D 435 18.07 -12.96 47.36
CA VAL D 435 18.69 -12.78 46.04
C VAL D 435 20.18 -12.48 46.22
N ARG D 436 21.04 -13.26 45.58
CA ARG D 436 22.45 -12.92 45.57
C ARG D 436 22.70 -11.80 44.57
N ARG D 437 23.61 -10.88 44.91
CA ARG D 437 23.92 -9.72 44.08
C ARG D 437 25.39 -9.36 44.23
N ALA D 438 25.97 -8.80 43.17
CA ALA D 438 27.34 -8.31 43.17
C ALA D 438 27.38 -6.92 42.54
N GLY D 439 28.51 -6.26 42.70
CA GLY D 439 28.73 -4.95 42.10
C GLY D 439 30.03 -5.00 41.36
N VAL D 440 30.05 -4.51 40.11
CA VAL D 440 31.24 -4.50 39.29
C VAL D 440 31.51 -3.05 38.90
N SER D 441 32.80 -2.70 38.85
CA SER D 441 33.31 -1.35 38.79
C SER D 441 34.37 -1.29 37.72
N ALA D 442 34.39 -0.22 36.96
CA ALA D 442 35.45 0.05 35.98
C ALA D 442 35.58 1.55 35.90
N PHE D 443 36.78 2.03 36.19
CA PHE D 443 37.05 3.45 36.28
C PHE D 443 38.14 3.73 35.26
N GLY D 444 37.76 4.40 34.18
CA GLY D 444 38.68 4.55 33.07
C GLY D 444 39.61 5.74 33.25
N VAL D 445 40.77 5.63 32.62
CA VAL D 445 41.79 6.66 32.73
C VAL D 445 41.50 7.96 31.99
N SER D 446 40.45 8.02 31.17
CA SER D 446 39.93 9.28 30.61
C SER D 446 38.83 9.87 31.47
N GLY D 447 38.54 9.27 32.62
CA GLY D 447 37.65 9.87 33.59
C GLY D 447 36.25 9.35 33.64
N THR D 448 35.85 8.42 32.78
CA THR D 448 34.48 7.92 32.77
C THR D 448 34.38 6.63 33.59
N ASN D 449 33.37 6.57 34.45
CA ASN D 449 33.23 5.51 35.42
C ASN D 449 31.93 4.75 35.18
N ALA D 450 31.98 3.44 35.48
CA ALA D 450 30.81 2.59 35.42
C ALA D 450 30.78 1.69 36.64
N HIS D 451 29.56 1.34 37.06
CA HIS D 451 29.29 0.39 38.11
C HIS D 451 28.00 -0.35 37.73
N VAL D 452 28.00 -1.67 37.92
CA VAL D 452 26.92 -2.54 37.49
C VAL D 452 26.57 -3.49 38.63
N ILE D 453 25.28 -3.67 38.88
CA ILE D 453 24.78 -4.66 39.83
C ILE D 453 24.36 -5.89 39.06
N ILE D 454 25.00 -7.02 39.32
CA ILE D 454 24.63 -8.31 38.75
C ILE D 454 23.90 -9.10 39.83
N ALA D 455 22.76 -9.66 39.49
CA ALA D 455 21.96 -10.41 40.44
C ALA D 455 21.71 -11.81 39.88
N GLU D 456 21.59 -12.78 40.77
CA GLU D 456 21.21 -14.12 40.32
C GLU D 456 19.93 -14.02 39.49
N PRO D 457 19.69 -14.95 38.59
CA PRO D 457 18.46 -14.90 37.77
C PRO D 457 17.26 -15.36 38.57
N PRO D 458 16.07 -14.80 38.32
CA PRO D 458 14.88 -15.33 39.01
C PRO D 458 14.66 -16.80 38.69
N GLU D 459 13.80 -17.41 39.50
CA GLU D 459 13.43 -18.79 39.26
C GLU D 459 12.49 -18.83 38.05
N PRO D 460 12.76 -19.68 37.07
CA PRO D 460 11.86 -19.77 35.92
C PRO D 460 10.52 -20.34 36.33
N GLU D 461 9.48 -19.78 35.75
CA GLU D 461 8.19 -20.45 35.78
C GLU D 461 8.33 -21.82 35.13
N PRO D 462 7.85 -22.88 35.76
CA PRO D 462 7.81 -24.19 35.08
C PRO D 462 6.78 -24.18 33.96
N VAL D 463 7.13 -24.80 32.84
CA VAL D 463 6.23 -24.88 31.70
C VAL D 463 6.01 -26.36 31.36
N PRO D 464 4.82 -26.75 30.91
CA PRO D 464 4.64 -28.13 30.43
C PRO D 464 5.62 -28.47 29.32
N GLN D 465 6.36 -29.56 29.52
CA GLN D 465 7.43 -29.88 28.55
C GLN D 465 6.82 -30.54 27.31
N PRO D 466 7.34 -30.28 26.08
CA PRO D 466 6.84 -30.96 24.89
C PRO D 466 7.20 -32.45 24.92
N ARG D 467 6.42 -33.26 24.19
CA ARG D 467 6.66 -34.73 24.21
C ARG D 467 7.80 -35.08 23.25
N ARG D 468 8.43 -36.21 23.48
CA ARG D 468 9.53 -36.67 22.60
C ARG D 468 9.01 -37.78 21.68
N MET D 469 8.94 -37.52 20.39
CA MET D 469 8.54 -38.61 19.46
C MET D 469 9.50 -39.77 19.69
N LEU D 470 9.07 -40.98 19.38
CA LEU D 470 9.92 -42.18 19.55
C LEU D 470 10.02 -42.49 21.05
N PRO D 471 9.64 -43.71 21.48
CA PRO D 471 9.74 -44.09 22.87
C PRO D 471 11.19 -43.96 23.37
N ALA D 472 11.35 -43.79 24.68
CA ALA D 472 12.71 -43.66 25.26
C ALA D 472 13.38 -45.03 25.31
N THR D 473 14.66 -45.09 24.93
CA THR D 473 15.39 -46.38 24.90
C THR D 473 16.74 -46.20 25.59
N GLY D 474 16.96 -45.03 26.22
CA GLY D 474 18.25 -44.76 26.86
C GLY D 474 19.28 -44.28 25.86
N VAL D 475 19.12 -44.70 24.60
CA VAL D 475 20.05 -44.25 23.53
C VAL D 475 19.67 -42.84 23.09
N VAL D 476 20.63 -41.93 23.05
CA VAL D 476 20.39 -40.54 22.59
C VAL D 476 21.33 -40.26 21.43
N PRO D 477 20.94 -39.53 20.38
CA PRO D 477 21.89 -39.16 19.33
C PRO D 477 22.67 -37.92 19.72
N VAL D 478 23.94 -37.86 19.35
CA VAL D 478 24.70 -36.64 19.57
C VAL D 478 25.41 -36.32 18.25
N VAL D 479 25.03 -35.19 17.66
CA VAL D 479 25.38 -34.81 16.30
C VAL D 479 26.51 -33.80 16.37
N LEU D 480 27.39 -33.81 15.37
CA LEU D 480 28.48 -32.86 15.28
C LEU D 480 28.52 -32.28 13.87
N SER D 481 29.04 -31.05 13.76
CA SER D 481 29.18 -30.35 12.49
C SER D 481 30.33 -29.35 12.56
N ALA D 482 31.13 -29.29 11.52
CA ALA D 482 32.09 -28.20 11.35
C ALA D 482 32.22 -27.90 9.86
N ARG D 483 33.03 -26.87 9.55
CA ARG D 483 33.18 -26.34 8.19
C ARG D 483 34.22 -27.09 7.37
N THR D 484 35.00 -27.96 7.99
CA THR D 484 35.91 -28.86 7.32
C THR D 484 35.97 -30.12 8.14
N GLY D 485 36.52 -31.18 7.54
CA GLY D 485 36.69 -32.44 8.24
C GLY D 485 37.64 -32.36 9.43
N ALA D 486 38.77 -31.63 9.28
CA ALA D 486 39.66 -31.43 10.44
C ALA D 486 38.94 -30.75 11.58
N ALA D 487 38.15 -29.72 11.28
CA ALA D 487 37.37 -29.08 12.31
C ALA D 487 36.34 -30.05 12.89
N LEU D 488 35.72 -30.86 12.03
CA LEU D 488 34.76 -31.84 12.52
C LEU D 488 35.44 -32.79 13.48
N ARG D 489 36.63 -33.27 13.11
CA ARG D 489 37.36 -34.16 13.98
C ARG D 489 37.68 -33.48 15.29
N ALA D 490 38.15 -32.23 15.22
CA ALA D 490 38.50 -31.53 16.44
C ALA D 490 37.28 -31.36 17.34
N GLN D 491 36.13 -30.99 16.76
CA GLN D 491 34.92 -30.90 17.58
C GLN D 491 34.71 -32.17 18.38
N ALA D 492 34.84 -33.33 17.73
CA ALA D 492 34.58 -34.61 18.38
C ALA D 492 35.58 -34.89 19.49
N GLY D 493 36.87 -34.63 19.23
CA GLY D 493 37.87 -34.79 20.29
C GLY D 493 37.59 -33.92 21.50
N ARG D 494 37.19 -32.67 21.28
CA ARG D 494 36.89 -31.78 22.39
C ARG D 494 35.64 -32.22 23.16
N LEU D 495 34.57 -32.64 22.46
CA LEU D 495 33.38 -33.09 23.18
C LEU D 495 33.70 -34.29 24.07
N ALA D 496 34.55 -35.20 23.54
CA ALA D 496 34.94 -36.37 24.30
C ALA D 496 35.77 -35.98 25.51
N ASP D 497 36.73 -35.09 25.33
CA ASP D 497 37.53 -34.65 26.49
C ASP D 497 36.67 -33.98 27.54
N HIS D 498 35.75 -33.10 27.11
CA HIS D 498 34.85 -32.45 28.05
C HIS D 498 34.02 -33.46 28.81
N LEU D 499 33.53 -34.50 28.11
CA LEU D 499 32.61 -35.43 28.75
C LEU D 499 33.35 -36.39 29.67
N ALA D 500 34.60 -36.68 29.34
CA ALA D 500 35.45 -37.44 30.25
C ALA D 500 35.79 -36.63 31.49
N ALA D 501 36.15 -35.36 31.32
CA ALA D 501 36.49 -34.55 32.48
C ALA D 501 35.27 -34.08 33.27
N HIS D 502 34.06 -34.34 32.78
CA HIS D 502 32.87 -33.77 33.40
C HIS D 502 31.76 -34.80 33.46
N PRO D 503 31.99 -36.00 33.97
CA PRO D 503 30.95 -37.04 33.88
C PRO D 503 29.82 -36.73 34.86
N GLY D 504 28.73 -37.47 34.69
CA GLY D 504 27.50 -37.16 35.38
C GLY D 504 26.62 -36.22 34.62
N ILE D 505 27.21 -35.57 33.60
CA ILE D 505 26.47 -34.75 32.67
C ILE D 505 25.46 -35.63 31.94
N ALA D 506 24.22 -35.14 31.84
CA ALA D 506 23.11 -36.00 31.39
C ALA D 506 23.18 -36.16 29.87
N PRO D 507 23.29 -37.38 29.35
CA PRO D 507 23.38 -37.52 27.89
C PRO D 507 22.22 -36.88 27.17
N ALA D 508 21.01 -36.90 27.73
CA ALA D 508 19.90 -36.15 27.13
C ALA D 508 20.26 -34.69 26.95
N ASP D 509 21.00 -34.10 27.91
CA ASP D 509 21.40 -32.71 27.78
C ASP D 509 22.44 -32.50 26.69
N VAL D 510 23.42 -33.38 26.59
CA VAL D 510 24.42 -33.21 25.54
C VAL D 510 23.76 -33.37 24.19
N SER D 511 22.81 -34.30 24.10
CA SER D 511 22.05 -34.54 22.89
C SER D 511 21.28 -33.30 22.46
N TRP D 512 20.40 -32.81 23.34
CA TRP D 512 19.61 -31.63 23.04
C TRP D 512 20.49 -30.45 22.70
N THR D 513 21.57 -30.26 23.46
CA THR D 513 22.39 -29.08 23.27
C THR D 513 23.05 -29.12 21.91
N MET D 514 23.66 -30.26 21.55
CA MET D 514 24.39 -30.27 20.29
C MET D 514 23.47 -30.31 19.08
N ALA D 515 22.20 -30.61 19.26
CA ALA D 515 21.28 -30.62 18.14
C ALA D 515 20.49 -29.32 18.00
N ARG D 516 20.21 -28.66 19.12
CA ARG D 516 19.32 -27.53 19.14
C ARG D 516 20.01 -26.20 19.38
N ALA D 517 21.18 -26.20 20.01
CA ALA D 517 21.89 -25.00 20.43
C ALA D 517 23.17 -24.80 19.65
N ARG D 518 23.32 -25.49 18.54
CA ARG D 518 24.50 -25.36 17.68
C ARG D 518 24.05 -25.31 16.24
N GLN D 519 24.82 -24.59 15.45
CA GLN D 519 24.56 -24.54 14.02
C GLN D 519 25.11 -25.81 13.34
N HIS D 520 24.39 -26.28 12.33
CA HIS D 520 24.82 -27.45 11.58
C HIS D 520 25.48 -27.03 10.28
N PHE D 521 26.73 -27.42 10.14
CA PHE D 521 27.63 -27.03 9.07
C PHE D 521 27.75 -28.16 8.04
N GLU D 522 28.71 -28.03 7.12
CA GLU D 522 28.76 -28.87 5.92
C GLU D 522 29.22 -30.30 6.24
N GLU D 523 30.30 -30.44 7.00
CA GLU D 523 30.85 -31.74 7.31
C GLU D 523 30.26 -32.22 8.64
N ARG D 524 29.60 -33.37 8.61
CA ARG D 524 28.82 -33.80 9.75
C ARG D 524 29.24 -35.19 10.21
N ALA D 525 28.81 -35.54 11.43
CA ALA D 525 29.04 -36.83 12.05
C ALA D 525 27.98 -37.00 13.13
N ALA D 526 27.61 -38.24 13.43
CA ALA D 526 26.68 -38.47 14.52
C ALA D 526 27.00 -39.78 15.21
N VAL D 527 26.74 -39.79 16.52
CA VAL D 527 27.17 -40.82 17.45
C VAL D 527 25.96 -41.20 18.29
N LEU D 528 25.52 -42.46 18.19
CA LEU D 528 24.47 -42.97 19.08
C LEU D 528 25.13 -43.48 20.34
N ALA D 529 24.53 -43.21 21.49
CA ALA D 529 25.16 -43.59 22.75
C ALA D 529 24.11 -43.68 23.87
N ALA D 530 24.20 -44.76 24.65
CA ALA D 530 23.26 -45.05 25.72
C ALA D 530 23.71 -44.55 27.08
N ASP D 531 24.95 -44.05 27.18
CA ASP D 531 25.50 -43.56 28.43
C ASP D 531 26.81 -42.83 28.12
N THR D 532 27.13 -41.83 28.94
CA THR D 532 28.27 -40.94 28.73
C THR D 532 29.52 -41.67 28.27
N ALA D 533 29.82 -42.81 28.86
CA ALA D 533 31.11 -43.45 28.56
C ALA D 533 31.13 -43.95 27.12
N GLU D 534 30.01 -44.49 26.63
CA GLU D 534 29.92 -44.93 25.25
C GLU D 534 30.02 -43.77 24.28
N ALA D 535 29.57 -42.58 24.70
CA ALA D 535 29.75 -41.36 23.92
C ALA D 535 31.23 -41.05 23.71
N VAL D 536 32.00 -41.03 24.81
CA VAL D 536 33.42 -40.69 24.73
C VAL D 536 34.14 -41.63 23.77
N HIS D 537 33.84 -42.92 23.85
CA HIS D 537 34.52 -43.89 23.00
C HIS D 537 34.21 -43.63 21.52
N ARG D 538 32.93 -43.42 21.21
CA ARG D 538 32.54 -43.20 19.83
C ARG D 538 32.84 -41.78 19.33
N LEU D 539 32.82 -40.77 20.19
CA LEU D 539 33.33 -39.48 19.77
C LEU D 539 34.81 -39.57 19.43
N ARG D 540 35.61 -40.24 20.27
CA ARG D 540 37.00 -40.47 19.91
C ARG D 540 37.11 -41.21 18.59
N ALA D 541 36.14 -42.08 18.29
CA ALA D 541 36.21 -42.80 17.02
C ALA D 541 36.09 -41.83 15.85
N VAL D 542 35.19 -40.85 15.96
CA VAL D 542 35.12 -39.79 14.95
C VAL D 542 36.43 -39.03 14.89
N ALA D 543 36.98 -38.71 16.07
CA ALA D 543 38.17 -37.89 16.16
C ALA D 543 39.36 -38.53 15.48
N ASP D 544 39.49 -39.85 15.61
CA ASP D 544 40.71 -40.54 15.17
C ASP D 544 40.55 -41.29 13.85
N GLY D 545 39.38 -41.23 13.23
CA GLY D 545 39.21 -41.78 11.91
C GLY D 545 38.79 -43.22 11.86
N ALA D 546 38.23 -43.74 12.94
CA ALA D 546 37.90 -45.14 13.09
C ALA D 546 36.46 -45.41 12.68
N VAL D 547 36.24 -46.51 11.99
CA VAL D 547 34.89 -46.98 11.70
C VAL D 547 34.48 -47.92 12.82
N VAL D 548 33.31 -47.67 13.39
CA VAL D 548 32.88 -48.28 14.64
C VAL D 548 31.36 -48.31 14.59
N PRO D 549 30.67 -49.25 15.22
CA PRO D 549 29.20 -49.19 15.17
C PRO D 549 28.67 -48.04 16.01
N GLY D 550 27.52 -47.53 15.57
CA GLY D 550 26.94 -46.38 16.24
C GLY D 550 27.51 -45.03 15.83
N VAL D 551 28.35 -45.00 14.80
CA VAL D 551 29.01 -43.78 14.36
C VAL D 551 28.78 -43.63 12.87
N VAL D 552 28.39 -42.43 12.43
CA VAL D 552 28.14 -42.17 11.01
C VAL D 552 28.75 -40.83 10.62
N THR D 553 29.19 -40.73 9.36
CA THR D 553 29.90 -39.57 8.83
C THR D 553 29.30 -39.20 7.47
N GLY D 554 29.34 -37.91 7.12
CA GLY D 554 28.69 -37.49 5.87
C GLY D 554 28.75 -36.00 5.65
N SER D 555 28.52 -35.64 4.39
CA SER D 555 28.46 -34.26 3.93
C SER D 555 27.02 -33.87 3.68
N ALA D 556 26.66 -32.66 4.09
CA ALA D 556 25.30 -32.21 3.93
C ALA D 556 25.15 -31.60 2.55
N SER D 557 24.01 -31.83 1.92
CA SER D 557 23.85 -31.50 0.52
C SER D 557 22.63 -30.59 0.32
N ASP D 558 22.71 -29.81 -0.77
CA ASP D 558 21.60 -28.95 -1.18
C ASP D 558 20.40 -29.77 -1.64
N GLY D 559 20.67 -30.80 -2.45
CA GLY D 559 19.63 -31.41 -3.25
C GLY D 559 18.52 -32.00 -2.42
N GLY D 560 17.42 -32.27 -3.08
CA GLY D 560 16.27 -32.77 -2.37
C GLY D 560 16.38 -34.24 -1.95
N SER D 561 15.38 -34.66 -1.19
CA SER D 561 15.23 -36.04 -0.75
C SER D 561 14.09 -36.68 -1.53
N VAL D 562 14.31 -37.93 -1.94
CA VAL D 562 13.33 -38.72 -2.68
C VAL D 562 12.91 -39.88 -1.81
N PHE D 563 11.61 -39.98 -1.56
CA PHE D 563 11.10 -41.11 -0.78
C PHE D 563 10.89 -42.29 -1.73
N VAL D 564 11.61 -43.38 -1.49
CA VAL D 564 11.48 -44.61 -2.28
C VAL D 564 10.55 -45.57 -1.53
N PHE D 565 9.42 -45.90 -2.17
CA PHE D 565 8.47 -46.88 -1.58
C PHE D 565 8.62 -48.19 -2.35
N PRO D 566 9.20 -49.24 -1.74
CA PRO D 566 9.50 -50.46 -2.48
C PRO D 566 8.44 -51.55 -2.63
N GLY D 567 7.69 -51.87 -1.57
CA GLY D 567 6.77 -53.02 -1.65
C GLY D 567 7.57 -54.32 -1.63
N GLN D 568 7.56 -55.10 -2.71
CA GLN D 568 8.39 -56.34 -2.80
C GLN D 568 8.41 -57.12 -1.49
N GLY D 569 9.60 -57.45 -0.98
CA GLY D 569 9.71 -58.29 0.24
C GLY D 569 10.26 -57.54 1.44
N ALA D 570 9.60 -56.45 1.83
CA ALA D 570 10.03 -55.66 2.98
C ALA D 570 9.45 -56.18 4.31
N GLN D 571 8.59 -57.19 4.26
CA GLN D 571 7.81 -57.61 5.40
C GLN D 571 8.59 -58.59 6.26
N TRP D 572 8.34 -58.51 7.58
CA TRP D 572 8.81 -59.49 8.53
C TRP D 572 7.86 -59.56 9.72
N GLU D 573 7.55 -60.79 10.16
CA GLU D 573 6.51 -61.00 11.17
C GLU D 573 6.82 -60.22 12.45
N GLY D 574 5.92 -59.30 12.80
CA GLY D 574 6.11 -58.43 13.96
C GLY D 574 6.65 -57.05 13.66
N MET D 575 6.66 -56.62 12.39
CA MET D 575 7.36 -55.41 11.98
C MET D 575 6.73 -54.17 12.58
N ALA D 576 7.59 -53.19 12.92
CA ALA D 576 7.20 -51.85 13.33
C ALA D 576 6.24 -51.85 14.51
N ARG D 577 6.17 -52.97 15.26
CA ARG D 577 5.29 -53.05 16.42
C ARG D 577 5.73 -52.09 17.51
N GLU D 578 7.04 -51.97 17.72
CA GLU D 578 7.65 -51.11 18.72
C GLU D 578 7.42 -49.63 18.45
N LEU D 579 6.78 -49.26 17.35
CA LEU D 579 6.45 -47.88 17.01
C LEU D 579 4.99 -47.55 17.29
N LEU D 580 4.20 -48.53 17.70
CA LEU D 580 2.81 -48.29 18.06
C LEU D 580 2.63 -47.43 19.31
N PRO D 581 3.64 -47.24 20.18
CA PRO D 581 3.53 -46.16 21.19
C PRO D 581 3.51 -44.75 20.61
N VAL D 582 4.08 -44.55 19.42
CA VAL D 582 4.22 -43.22 18.80
C VAL D 582 2.90 -42.79 18.19
N PRO D 583 2.25 -41.76 18.71
CA PRO D 583 0.94 -41.36 18.17
C PRO D 583 0.94 -41.09 16.68
N VAL D 584 1.96 -40.39 16.15
CA VAL D 584 2.00 -40.10 14.72
C VAL D 584 1.84 -41.39 13.92
N PHE D 585 2.52 -42.46 14.35
CA PHE D 585 2.53 -43.72 13.63
C PHE D 585 1.28 -44.54 13.93
N ALA D 586 1.00 -44.77 15.20
CA ALA D 586 -0.15 -45.57 15.59
C ALA D 586 -1.44 -45.02 14.97
N GLU D 587 -1.61 -43.70 14.97
CA GLU D 587 -2.80 -43.10 14.38
C GLU D 587 -2.94 -43.46 12.90
N SER D 588 -1.85 -43.38 12.14
CA SER D 588 -1.90 -43.81 10.74
C SER D 588 -2.29 -45.27 10.64
N ILE D 589 -1.72 -46.12 11.49
CA ILE D 589 -2.02 -47.55 11.46
C ILE D 589 -3.50 -47.77 11.75
N ALA D 590 -4.04 -47.02 12.71
CA ALA D 590 -5.45 -47.19 13.07
C ALA D 590 -6.37 -46.84 11.92
N GLU D 591 -6.14 -45.69 11.29
CA GLU D 591 -7.05 -45.27 10.20
C GLU D 591 -6.90 -46.29 9.08
N CYS D 592 -5.68 -46.81 8.88
CA CYS D 592 -5.51 -47.87 7.90
C CYS D 592 -6.37 -49.08 8.26
N ASP D 593 -6.49 -49.40 9.56
CA ASP D 593 -7.36 -50.52 9.98
C ASP D 593 -8.80 -50.26 9.59
N ALA D 594 -9.28 -49.05 9.84
CA ALA D 594 -10.66 -48.69 9.52
C ALA D 594 -10.99 -49.04 8.08
N VAL D 595 -10.24 -48.48 7.12
CA VAL D 595 -10.64 -48.62 5.72
C VAL D 595 -10.24 -49.95 5.11
N LEU D 596 -9.39 -50.72 5.77
CA LEU D 596 -9.06 -52.06 5.22
C LEU D 596 -10.26 -53.00 5.41
N SER D 597 -10.73 -53.12 6.65
CA SER D 597 -11.89 -53.98 6.95
C SER D 597 -13.02 -53.68 5.97
N GLU D 598 -13.42 -52.40 5.87
CA GLU D 598 -14.53 -52.00 4.97
C GLU D 598 -14.25 -52.48 3.54
N VAL D 599 -12.99 -52.72 3.19
CA VAL D 599 -12.68 -53.07 1.77
C VAL D 599 -12.04 -54.47 1.68
N ALA D 600 -11.83 -55.15 2.82
CA ALA D 600 -11.12 -56.45 2.77
C ALA D 600 -11.28 -57.24 4.07
N GLY D 601 -11.98 -56.70 5.07
CA GLY D 601 -12.06 -57.40 6.37
C GLY D 601 -10.69 -57.82 6.85
N PHE D 602 -9.89 -56.88 7.34
CA PHE D 602 -8.54 -57.19 7.90
C PHE D 602 -8.11 -55.98 8.74
N SER D 603 -6.92 -56.00 9.33
CA SER D 603 -6.55 -54.88 10.23
C SER D 603 -5.07 -54.92 10.63
N VAL D 604 -4.78 -54.63 11.91
CA VAL D 604 -3.39 -54.67 12.43
C VAL D 604 -2.77 -56.00 12.01
N SER D 605 -3.45 -57.12 12.31
CA SER D 605 -2.97 -58.46 11.84
C SER D 605 -1.47 -58.58 12.08
N GLU D 606 -0.99 -58.09 13.21
CA GLU D 606 0.44 -58.22 13.56
C GLU D 606 0.51 -58.31 15.09
N VAL D 607 -0.63 -58.60 15.71
CA VAL D 607 -0.67 -58.76 17.19
C VAL D 607 0.26 -59.91 17.55
N LEU D 608 0.35 -60.90 16.67
CA LEU D 608 1.20 -62.09 16.94
C LEU D 608 1.76 -62.60 15.61
N GLU D 618 2.45 -62.87 4.57
CA GLU D 618 1.58 -64.04 4.60
C GLU D 618 1.26 -64.55 3.20
N ARG D 619 0.26 -63.91 2.59
CA ARG D 619 -0.28 -64.23 1.28
C ARG D 619 -0.66 -62.92 0.58
N VAL D 620 -0.62 -62.93 -0.76
CA VAL D 620 -0.43 -61.68 -1.52
C VAL D 620 -1.55 -60.66 -1.29
N ASP D 621 -2.79 -61.08 -1.10
CA ASP D 621 -3.82 -60.07 -0.87
C ASP D 621 -4.05 -59.77 0.61
N VAL D 622 -3.18 -60.22 1.50
CA VAL D 622 -3.03 -59.60 2.81
C VAL D 622 -1.70 -58.84 2.91
N VAL D 623 -0.58 -59.45 2.48
CA VAL D 623 0.72 -58.81 2.68
C VAL D 623 0.77 -57.46 2.01
N GLN D 624 0.14 -57.32 0.83
CA GLN D 624 0.32 -56.05 0.14
C GLN D 624 -0.48 -54.96 0.86
N PRO D 625 -1.74 -55.18 1.24
CA PRO D 625 -2.43 -54.18 2.08
C PRO D 625 -1.79 -53.89 3.45
N VAL D 626 -0.87 -54.72 3.96
CA VAL D 626 -0.19 -54.43 5.23
C VAL D 626 1.13 -53.69 5.01
N LEU D 627 1.87 -54.04 3.96
CA LEU D 627 3.09 -53.30 3.65
C LEU D 627 2.75 -51.89 3.19
N PHE D 628 1.65 -51.73 2.45
CA PHE D 628 1.15 -50.40 2.15
C PHE D 628 0.98 -49.61 3.43
N ALA D 629 0.37 -50.21 4.45
CA ALA D 629 0.07 -49.45 5.66
C ALA D 629 1.33 -49.09 6.44
N VAL D 630 2.32 -49.97 6.49
CA VAL D 630 3.51 -49.63 7.28
C VAL D 630 4.30 -48.53 6.55
N MET D 631 4.20 -48.51 5.23
CA MET D 631 5.02 -47.60 4.44
C MET D 631 4.44 -46.20 4.46
N VAL D 632 3.10 -46.05 4.34
CA VAL D 632 2.55 -44.72 4.50
C VAL D 632 2.64 -44.27 5.96
N SER D 633 2.71 -45.21 6.89
CA SER D 633 2.88 -44.80 8.27
C SER D 633 4.30 -44.35 8.52
N LEU D 634 5.29 -45.15 8.12
CA LEU D 634 6.67 -44.71 8.28
C LEU D 634 6.89 -43.37 7.59
N ALA D 635 6.18 -43.14 6.49
CA ALA D 635 6.32 -41.88 5.78
C ALA D 635 5.81 -40.71 6.64
N ARG D 636 4.61 -40.85 7.21
CA ARG D 636 4.11 -39.82 8.10
C ARG D 636 5.05 -39.60 9.29
N LEU D 637 5.70 -40.66 9.78
CA LEU D 637 6.64 -40.52 10.88
C LEU D 637 7.84 -39.68 10.48
N TRP D 638 8.40 -39.95 9.30
CA TRP D 638 9.49 -39.13 8.79
C TRP D 638 9.04 -37.69 8.62
N ARG D 639 7.84 -37.52 8.07
CA ARG D 639 7.25 -36.21 7.92
C ARG D 639 7.24 -35.46 9.26
N ALA D 640 6.66 -36.07 10.30
CA ALA D 640 6.54 -35.40 11.59
C ALA D 640 7.89 -35.21 12.29
N CYS D 641 8.92 -35.94 11.88
CA CYS D 641 10.27 -35.67 12.35
C CYS D 641 11.01 -34.64 11.50
N GLY D 642 10.35 -34.06 10.49
CA GLY D 642 10.92 -32.97 9.74
C GLY D 642 11.48 -33.34 8.38
N ALA D 643 11.53 -34.62 8.02
CA ALA D 643 12.01 -35.02 6.70
C ALA D 643 10.86 -34.87 5.73
N VAL D 644 10.95 -33.86 4.87
CA VAL D 644 9.91 -33.55 3.89
C VAL D 644 10.40 -33.99 2.51
N PRO D 645 9.60 -34.75 1.75
CA PRO D 645 10.11 -35.32 0.50
C PRO D 645 10.00 -34.32 -0.65
N SER D 646 11.10 -34.14 -1.40
CA SER D 646 11.02 -33.37 -2.63
C SER D 646 10.32 -34.13 -3.74
N ALA D 647 10.33 -35.46 -3.70
CA ALA D 647 9.68 -36.27 -4.69
C ALA D 647 9.43 -37.67 -4.14
N VAL D 648 8.41 -38.34 -4.67
CA VAL D 648 8.13 -39.72 -4.30
C VAL D 648 8.27 -40.60 -5.53
N ILE D 649 8.75 -41.81 -5.29
CA ILE D 649 8.91 -42.83 -6.32
C ILE D 649 8.58 -44.17 -5.69
N GLY D 650 8.03 -45.08 -6.49
CA GLY D 650 7.63 -46.40 -5.96
C GLY D 650 7.95 -47.54 -6.89
N HIS D 651 7.99 -48.76 -6.36
CA HIS D 651 8.26 -49.96 -7.18
C HIS D 651 6.98 -50.81 -7.22
N SER D 652 6.35 -50.86 -8.40
CA SER D 652 5.09 -51.62 -8.54
C SER D 652 4.08 -51.12 -7.52
N GLN D 653 3.67 -51.97 -6.59
CA GLN D 653 2.63 -51.60 -5.61
C GLN D 653 3.10 -50.37 -4.83
N GLY D 654 4.41 -50.25 -4.62
CA GLY D 654 4.95 -49.11 -3.85
C GLY D 654 4.35 -47.81 -4.37
N GLU D 655 4.24 -47.69 -5.69
CA GLU D 655 3.66 -46.49 -6.27
C GLU D 655 2.31 -46.10 -5.65
N ILE D 656 1.61 -47.05 -5.01
CA ILE D 656 0.31 -46.70 -4.43
C ILE D 656 0.52 -46.01 -3.09
N ALA D 657 1.42 -46.55 -2.26
CA ALA D 657 1.82 -45.81 -1.06
C ALA D 657 2.40 -44.45 -1.41
N ALA D 658 3.23 -44.41 -2.47
CA ALA D 658 3.84 -43.14 -2.86
C ALA D 658 2.76 -42.15 -3.31
N ALA D 659 1.74 -42.62 -4.03
CA ALA D 659 0.68 -41.72 -4.43
C ALA D 659 -0.11 -41.21 -3.23
N VAL D 660 -0.29 -42.06 -2.22
CA VAL D 660 -0.89 -41.58 -0.98
C VAL D 660 0.03 -40.57 -0.31
N VAL D 661 1.30 -40.96 -0.11
CA VAL D 661 2.26 -40.07 0.54
C VAL D 661 2.37 -38.74 -0.19
N ALA D 662 2.10 -38.71 -1.50
CA ALA D 662 2.18 -37.45 -2.24
C ALA D 662 0.85 -36.70 -2.31
N GLY D 663 -0.25 -37.30 -1.86
CA GLY D 663 -1.53 -36.61 -1.91
C GLY D 663 -2.35 -36.83 -3.17
N ALA D 664 -1.87 -37.63 -4.13
CA ALA D 664 -2.59 -37.90 -5.37
C ALA D 664 -3.79 -38.81 -5.14
N LEU D 665 -3.69 -39.74 -4.20
CA LEU D 665 -4.82 -40.55 -3.77
C LEU D 665 -4.95 -40.44 -2.27
N SER D 666 -6.18 -40.24 -1.80
CA SER D 666 -6.49 -40.29 -0.37
C SER D 666 -6.07 -41.64 0.20
N LEU D 667 -6.02 -41.71 1.53
CA LEU D 667 -5.72 -42.99 2.17
C LEU D 667 -6.74 -44.05 1.79
N GLU D 668 -8.02 -43.65 1.72
CA GLU D 668 -9.09 -44.57 1.34
C GLU D 668 -8.86 -45.18 -0.05
N ASP D 669 -8.84 -44.34 -1.09
CA ASP D 669 -8.62 -44.83 -2.45
C ASP D 669 -7.32 -45.60 -2.58
N GLY D 670 -6.27 -45.16 -1.86
CA GLY D 670 -5.01 -45.88 -1.88
C GLY D 670 -5.12 -47.27 -1.28
N MET D 671 -5.94 -47.42 -0.25
CA MET D 671 -6.20 -48.75 0.30
C MET D 671 -7.00 -49.59 -0.68
N ARG D 672 -8.11 -49.03 -1.16
CA ARG D 672 -8.94 -49.73 -2.15
C ARG D 672 -8.12 -50.14 -3.37
N VAL D 673 -7.19 -49.30 -3.82
CA VAL D 673 -6.40 -49.67 -4.99
C VAL D 673 -5.47 -50.85 -4.68
N VAL D 674 -4.89 -50.89 -3.47
CA VAL D 674 -3.97 -51.98 -3.19
C VAL D 674 -4.72 -53.22 -2.66
N ALA D 675 -5.95 -53.06 -2.18
CA ALA D 675 -6.70 -54.23 -1.75
C ALA D 675 -7.28 -54.99 -2.96
N ARG D 676 -7.92 -54.28 -3.90
CA ARG D 676 -8.49 -54.88 -5.11
C ARG D 676 -7.49 -55.07 -6.25
N ARG D 677 -6.26 -54.55 -6.13
CA ARG D 677 -5.18 -54.98 -7.01
C ARG D 677 -4.56 -56.28 -6.50
N SER D 678 -4.57 -56.49 -5.19
CA SER D 678 -3.96 -57.67 -4.59
C SER D 678 -4.95 -58.81 -4.42
N ARG D 679 -6.24 -58.53 -4.28
CA ARG D 679 -7.25 -59.59 -4.41
C ARG D 679 -7.25 -60.13 -5.83
N ALA D 680 -7.12 -59.23 -6.81
CA ALA D 680 -7.09 -59.60 -8.23
C ALA D 680 -5.86 -60.41 -8.60
N VAL D 681 -4.77 -60.29 -7.85
CA VAL D 681 -3.59 -61.10 -8.19
C VAL D 681 -3.73 -62.51 -7.62
N ARG D 682 -4.42 -62.69 -6.48
CA ARG D 682 -4.67 -64.04 -5.96
C ARG D 682 -5.59 -64.84 -6.89
N ALA D 683 -6.18 -64.20 -7.89
CA ALA D 683 -7.05 -64.84 -8.87
C ALA D 683 -6.31 -65.38 -10.08
N VAL D 684 -5.01 -65.16 -10.18
CA VAL D 684 -4.19 -65.76 -11.23
C VAL D 684 -3.02 -66.44 -10.52
N ALA D 685 -3.32 -67.07 -9.38
CA ALA D 685 -2.34 -67.87 -8.66
C ALA D 685 -2.05 -69.15 -9.45
N GLY D 686 -1.35 -70.09 -8.81
CA GLY D 686 -1.06 -71.39 -9.40
C GLY D 686 0.12 -71.44 -10.35
N ARG D 687 -0.11 -71.12 -11.61
CA ARG D 687 0.95 -71.10 -12.61
C ARG D 687 1.45 -69.67 -12.77
N GLY D 688 2.76 -69.54 -12.89
CA GLY D 688 3.43 -68.26 -12.86
C GLY D 688 4.32 -68.16 -11.64
N SER D 689 5.52 -67.63 -11.82
CA SER D 689 6.38 -67.27 -10.68
C SER D 689 7.42 -66.27 -11.17
N MET D 690 8.30 -65.84 -10.25
CA MET D 690 9.26 -64.78 -10.49
C MET D 690 10.61 -65.19 -9.90
N LEU D 691 11.68 -64.62 -10.44
CA LEU D 691 12.99 -64.90 -9.88
C LEU D 691 13.87 -63.66 -10.01
N SER D 692 14.78 -63.49 -9.04
CA SER D 692 15.82 -62.48 -9.12
C SER D 692 17.03 -63.08 -9.84
N VAL D 693 17.71 -62.28 -10.63
CA VAL D 693 18.87 -62.77 -11.37
C VAL D 693 20.01 -61.77 -11.27
N ARG D 694 20.99 -62.01 -10.38
CA ARG D 694 22.17 -61.17 -10.33
C ARG D 694 22.88 -61.21 -11.68
N GLY D 695 23.21 -60.02 -12.21
CA GLY D 695 23.68 -59.88 -13.57
C GLY D 695 22.76 -58.95 -14.32
N GLY D 696 23.30 -58.05 -15.14
CA GLY D 696 22.50 -57.01 -15.74
C GLY D 696 21.68 -57.47 -16.94
N ARG D 697 20.58 -56.74 -17.18
CA ARG D 697 19.69 -56.99 -18.31
C ARG D 697 20.44 -56.80 -19.63
N SER D 698 19.74 -57.08 -20.74
CA SER D 698 20.28 -57.21 -22.09
C SER D 698 21.06 -58.52 -22.18
N ASP D 699 22.08 -58.65 -21.33
CA ASP D 699 22.73 -59.94 -21.13
C ASP D 699 21.71 -61.02 -20.75
N VAL D 700 20.63 -60.65 -20.03
CA VAL D 700 19.56 -61.57 -19.65
C VAL D 700 18.35 -61.37 -20.56
N GLU D 701 18.58 -60.90 -21.79
CA GLU D 701 17.45 -60.50 -22.64
C GLU D 701 17.66 -60.87 -24.11
N TRP D 709 14.99 -68.75 -26.21
CA TRP D 709 14.04 -69.06 -25.11
C TRP D 709 13.07 -67.89 -24.93
N THR D 710 11.84 -68.02 -25.43
CA THR D 710 10.90 -66.88 -25.36
C THR D 710 9.45 -67.38 -25.44
N GLY D 711 8.51 -66.65 -24.84
CA GLY D 711 7.10 -67.04 -24.92
C GLY D 711 6.63 -67.70 -23.64
N ARG D 712 7.50 -67.76 -22.62
CA ARG D 712 7.12 -68.40 -21.33
C ARG D 712 7.68 -67.58 -20.17
N LEU D 713 8.80 -66.87 -20.39
CA LEU D 713 9.39 -66.01 -19.33
C LEU D 713 9.87 -64.69 -19.95
N GLU D 714 9.76 -63.58 -19.22
CA GLU D 714 10.21 -62.26 -19.71
C GLU D 714 10.79 -61.43 -18.57
N VAL D 715 11.48 -60.33 -18.89
CA VAL D 715 12.01 -59.42 -17.82
C VAL D 715 10.84 -58.60 -17.29
N ALA D 716 10.60 -58.66 -15.98
CA ALA D 716 9.44 -57.99 -15.40
C ALA D 716 9.79 -56.81 -14.48
N ALA D 717 11.06 -56.71 -14.06
CA ALA D 717 11.57 -55.54 -13.36
C ALA D 717 13.03 -55.37 -13.74
N VAL D 718 13.53 -54.14 -13.67
CA VAL D 718 14.96 -53.88 -13.70
C VAL D 718 15.27 -53.01 -12.49
N ASN D 719 16.10 -53.53 -11.57
CA ASN D 719 16.27 -52.93 -10.26
C ASN D 719 17.59 -52.22 -10.07
N GLY D 720 18.57 -52.49 -10.92
CA GLY D 720 19.86 -51.83 -10.89
C GLY D 720 20.74 -52.41 -11.98
N PRO D 721 21.97 -51.93 -12.08
CA PRO D 721 22.86 -52.45 -13.13
C PRO D 721 23.15 -53.95 -13.03
N ASP D 722 22.99 -54.55 -11.85
CA ASP D 722 23.42 -55.92 -11.56
C ASP D 722 22.29 -56.71 -10.91
N ALA D 723 21.05 -56.42 -11.31
CA ALA D 723 19.88 -57.01 -10.66
C ALA D 723 18.68 -56.84 -11.56
N VAL D 724 18.02 -57.96 -11.88
CA VAL D 724 16.82 -57.95 -12.71
C VAL D 724 15.86 -58.97 -12.11
N VAL D 725 14.57 -58.77 -12.37
CA VAL D 725 13.52 -59.75 -12.09
C VAL D 725 13.05 -60.31 -13.42
N VAL D 726 12.91 -61.64 -13.50
CA VAL D 726 12.37 -62.27 -14.73
C VAL D 726 11.13 -63.07 -14.31
N ALA D 727 10.12 -63.14 -15.17
CA ALA D 727 8.87 -63.81 -14.74
C ALA D 727 8.18 -64.53 -15.90
N GLY D 728 7.29 -65.47 -15.59
CA GLY D 728 6.54 -66.18 -16.64
C GLY D 728 5.91 -67.46 -16.13
N ASP D 729 6.23 -68.61 -16.73
CA ASP D 729 5.61 -69.90 -16.32
C ASP D 729 6.33 -70.48 -15.10
N ALA D 730 5.59 -71.16 -14.23
CA ALA D 730 6.19 -71.79 -13.03
C ALA D 730 7.30 -72.75 -13.45
N GLN D 731 6.95 -73.90 -14.02
CA GLN D 731 7.97 -74.87 -14.50
C GLN D 731 9.07 -74.10 -15.24
N ALA D 732 8.71 -73.38 -16.30
CA ALA D 732 9.72 -72.68 -17.13
C ALA D 732 10.77 -72.02 -16.24
N ALA D 733 10.34 -71.49 -15.09
CA ALA D 733 11.28 -70.80 -14.19
C ALA D 733 12.30 -71.81 -13.64
N ARG D 734 11.80 -72.80 -12.90
CA ARG D 734 12.68 -73.85 -12.33
C ARG D 734 13.69 -74.23 -13.41
N GLU D 735 13.26 -74.23 -14.67
CA GLU D 735 14.17 -74.56 -15.79
C GLU D 735 15.34 -73.58 -15.72
N PHE D 736 15.05 -72.28 -15.91
CA PHE D 736 16.11 -71.25 -15.87
C PHE D 736 16.89 -71.37 -14.57
N LEU D 737 16.18 -71.56 -13.46
CA LEU D 737 16.86 -71.59 -12.14
C LEU D 737 17.93 -72.68 -12.15
N GLU D 738 17.55 -73.95 -12.26
CA GLU D 738 18.51 -75.03 -12.18
C GLU D 738 19.48 -75.03 -13.37
N TYR D 739 19.17 -74.26 -14.42
CA TYR D 739 20.16 -73.97 -15.45
C TYR D 739 21.34 -73.20 -14.84
N CYS D 740 21.03 -72.18 -14.03
CA CYS D 740 22.03 -71.30 -13.44
C CYS D 740 22.70 -71.89 -12.22
N GLU D 741 22.21 -73.05 -11.77
CA GLU D 741 22.90 -73.76 -10.68
C GLU D 741 24.35 -73.95 -11.13
N GLY D 742 24.62 -73.68 -12.41
CA GLY D 742 25.99 -73.79 -12.94
C GLY D 742 26.40 -72.54 -13.69
N ILE D 745 25.06 -68.45 -12.36
CA ILE D 745 24.60 -67.09 -11.93
C ILE D 745 23.89 -67.22 -10.58
N ARG D 746 24.07 -66.23 -9.70
CA ARG D 746 23.36 -66.25 -8.40
C ARG D 746 21.89 -65.90 -8.60
N ALA D 747 21.11 -66.81 -9.19
CA ALA D 747 19.66 -66.55 -9.30
C ALA D 747 18.93 -67.13 -8.10
N ARG D 748 17.68 -66.73 -7.89
CA ARG D 748 16.87 -67.24 -6.76
C ARG D 748 15.41 -66.87 -7.04
N ALA D 749 14.47 -67.74 -6.68
CA ALA D 749 13.06 -67.50 -7.03
C ALA D 749 12.35 -66.79 -5.89
N ILE D 750 11.48 -65.84 -6.22
CA ILE D 750 10.71 -65.11 -5.17
C ILE D 750 9.57 -66.02 -4.71
N PRO D 751 9.25 -66.12 -3.40
CA PRO D 751 8.09 -66.92 -2.98
C PRO D 751 6.80 -66.37 -3.61
N VAL D 752 6.43 -66.89 -4.79
CA VAL D 752 5.21 -66.39 -5.50
C VAL D 752 4.50 -67.57 -6.16
N ASP D 753 3.18 -67.45 -6.37
CA ASP D 753 2.40 -68.53 -7.06
C ASP D 753 1.93 -68.00 -8.41
N TYR D 754 2.39 -66.79 -8.79
CA TYR D 754 1.96 -66.18 -10.07
C TYR D 754 3.10 -65.31 -10.61
N ALA D 755 2.93 -64.79 -11.84
CA ALA D 755 3.94 -63.88 -12.42
C ALA D 755 3.26 -62.58 -12.86
N SER D 756 3.54 -61.48 -12.16
CA SER D 756 2.97 -60.17 -12.56
C SER D 756 3.85 -59.54 -13.65
N HIS D 757 3.55 -58.31 -14.05
CA HIS D 757 4.32 -57.63 -15.09
C HIS D 757 4.61 -58.56 -16.27
N THR D 758 3.73 -59.56 -16.45
CA THR D 758 3.70 -60.44 -17.59
C THR D 758 2.27 -60.48 -18.11
N ALA D 759 2.07 -61.22 -19.20
CA ALA D 759 0.72 -61.33 -19.75
C ALA D 759 -0.20 -62.18 -18.87
N HIS D 760 0.31 -62.86 -17.84
CA HIS D 760 -0.55 -63.65 -16.95
C HIS D 760 -1.56 -62.77 -16.23
N VAL D 761 -1.47 -61.46 -16.42
CA VAL D 761 -2.30 -60.52 -15.68
C VAL D 761 -3.45 -59.95 -16.52
N GLU D 762 -3.33 -59.99 -17.85
CA GLU D 762 -4.38 -59.61 -18.78
C GLU D 762 -5.73 -60.26 -18.46
N PRO D 763 -5.79 -61.46 -17.83
CA PRO D 763 -7.09 -61.99 -17.38
C PRO D 763 -7.85 -61.03 -16.46
N VAL D 764 -7.19 -60.48 -15.42
CA VAL D 764 -7.92 -59.66 -14.40
C VAL D 764 -8.13 -58.22 -14.89
N ARG D 765 -7.56 -57.85 -16.03
CA ARG D 765 -7.83 -56.50 -16.59
C ARG D 765 -9.33 -56.34 -16.77
N ASP D 766 -9.79 -55.12 -17.03
CA ASP D 766 -11.24 -54.85 -17.21
C ASP D 766 -11.94 -55.05 -15.86
N GLU D 767 -11.70 -56.18 -15.21
CA GLU D 767 -12.30 -56.42 -13.87
C GLU D 767 -11.67 -55.42 -12.90
N LEU D 768 -10.34 -55.41 -12.80
CA LEU D 768 -9.64 -54.46 -11.91
C LEU D 768 -10.05 -53.04 -12.30
N VAL D 769 -9.75 -52.66 -13.54
CA VAL D 769 -10.09 -51.29 -14.03
C VAL D 769 -11.48 -50.91 -13.50
N GLN D 770 -12.42 -51.85 -13.54
CA GLN D 770 -13.80 -51.54 -13.09
C GLN D 770 -13.79 -51.31 -11.58
N ALA D 771 -13.38 -52.31 -10.81
CA ALA D 771 -13.40 -52.17 -9.33
C ALA D 771 -12.89 -50.79 -8.94
N LEU D 772 -11.78 -50.35 -9.53
CA LEU D 772 -11.17 -49.06 -9.12
C LEU D 772 -11.64 -47.94 -10.06
N ALA D 773 -12.94 -47.88 -10.33
CA ALA D 773 -13.47 -46.80 -11.20
C ALA D 773 -14.02 -45.67 -10.33
N GLY D 774 -14.19 -45.90 -9.04
CA GLY D 774 -14.75 -44.88 -8.14
C GLY D 774 -13.66 -44.04 -7.50
N ILE D 775 -12.40 -44.38 -7.74
CA ILE D 775 -11.27 -43.63 -7.11
C ILE D 775 -11.19 -42.23 -7.71
N THR D 776 -10.71 -41.25 -6.95
CA THR D 776 -10.59 -39.86 -7.40
C THR D 776 -9.16 -39.36 -7.34
N PRO D 777 -8.36 -39.56 -8.39
CA PRO D 777 -7.00 -39.00 -8.38
C PRO D 777 -7.03 -37.48 -8.28
N ARG D 778 -6.11 -36.96 -7.48
CA ARG D 778 -6.05 -35.54 -7.17
C ARG D 778 -4.68 -35.03 -7.58
N ARG D 779 -4.59 -33.71 -7.71
CA ARG D 779 -3.29 -33.09 -7.89
C ARG D 779 -2.44 -33.36 -6.67
N ALA D 780 -1.20 -33.78 -6.91
CA ALA D 780 -0.30 -34.10 -5.82
C ALA D 780 0.22 -32.84 -5.16
N GLU D 781 0.44 -32.92 -3.84
CA GLU D 781 1.25 -31.94 -3.10
C GLU D 781 2.74 -32.20 -3.20
N VAL D 782 3.18 -33.43 -3.47
CA VAL D 782 4.59 -33.77 -3.60
C VAL D 782 4.81 -34.28 -5.02
N PRO D 783 5.84 -33.82 -5.73
CA PRO D 783 6.07 -34.32 -7.09
C PRO D 783 6.23 -35.83 -7.12
N PHE D 784 5.32 -36.48 -7.84
CA PHE D 784 5.30 -37.93 -8.01
C PHE D 784 6.02 -38.28 -9.32
N PHE D 785 7.09 -39.06 -9.23
CA PHE D 785 7.79 -39.53 -10.44
C PHE D 785 7.26 -40.92 -10.78
N SER D 786 6.71 -41.10 -11.98
CA SER D 786 6.15 -42.40 -12.39
C SER D 786 7.27 -43.30 -12.89
N THR D 787 7.36 -44.52 -12.35
CA THR D 787 8.37 -45.48 -12.84
C THR D 787 7.91 -45.97 -14.21
N LEU D 788 6.59 -45.97 -14.44
CA LEU D 788 6.05 -46.35 -15.77
C LEU D 788 6.43 -45.28 -16.78
N THR D 789 5.83 -44.09 -16.68
CA THR D 789 6.07 -43.00 -17.66
C THR D 789 7.56 -42.67 -17.74
N GLY D 790 8.28 -42.81 -16.63
CA GLY D 790 9.71 -42.44 -16.61
C GLY D 790 9.88 -40.95 -16.41
N ASP D 791 8.87 -40.29 -15.84
CA ASP D 791 8.93 -38.82 -15.64
C ASP D 791 7.83 -38.38 -14.68
N PHE D 792 7.85 -37.10 -14.30
CA PHE D 792 6.82 -36.54 -13.43
C PHE D 792 5.46 -36.55 -14.11
N LEU D 793 4.42 -36.72 -13.29
CA LEU D 793 3.09 -37.06 -13.77
C LEU D 793 2.06 -36.47 -12.82
N ASP D 794 1.22 -35.58 -13.32
CA ASP D 794 0.14 -35.03 -12.51
C ASP D 794 -0.65 -36.14 -11.83
N GLY D 795 -0.98 -35.91 -10.55
CA GLY D 795 -1.66 -36.91 -9.76
C GLY D 795 -3.04 -37.25 -10.23
N THR D 796 -3.61 -36.43 -11.12
CA THR D 796 -4.92 -36.75 -11.69
C THR D 796 -4.86 -37.98 -12.58
N GLU D 797 -3.72 -38.18 -13.25
CA GLU D 797 -3.44 -39.27 -14.18
C GLU D 797 -3.32 -40.66 -13.55
N LEU D 798 -3.52 -40.75 -12.24
CA LEU D 798 -3.31 -42.05 -11.55
C LEU D 798 -4.67 -42.75 -11.44
N ASP D 799 -5.26 -43.08 -12.59
CA ASP D 799 -6.61 -43.72 -12.61
C ASP D 799 -6.48 -45.25 -12.57
N ALA D 800 -7.59 -45.95 -12.65
CA ALA D 800 -7.58 -47.42 -12.64
C ALA D 800 -6.70 -47.92 -13.78
N GLY D 801 -6.91 -47.37 -14.97
CA GLY D 801 -6.02 -47.64 -16.12
C GLY D 801 -4.57 -47.60 -15.70
N TYR D 802 -4.17 -46.49 -15.09
CA TYR D 802 -2.77 -46.40 -14.57
C TYR D 802 -2.54 -47.56 -13.61
N TRP D 803 -3.54 -47.91 -12.81
CA TRP D 803 -3.22 -48.97 -11.85
C TRP D 803 -3.20 -50.35 -12.50
N TYR D 804 -4.01 -50.61 -13.54
CA TYR D 804 -3.78 -51.83 -14.29
C TYR D 804 -2.42 -51.77 -14.98
N ARG D 805 -2.20 -50.74 -15.81
CA ARG D 805 -0.94 -50.65 -16.55
C ARG D 805 0.27 -50.72 -15.64
N ASN D 806 0.11 -50.39 -14.34
CA ASN D 806 1.18 -50.54 -13.35
C ASN D 806 1.41 -52.02 -13.03
N LEU D 807 0.33 -52.81 -12.98
CA LEU D 807 0.42 -54.26 -12.74
C LEU D 807 0.95 -55.03 -13.94
N ARG D 808 0.79 -54.49 -15.15
CA ARG D 808 1.12 -55.21 -16.39
C ARG D 808 2.47 -54.82 -16.94
N HIS D 809 2.72 -53.54 -17.17
CA HIS D 809 3.94 -53.14 -17.83
C HIS D 809 5.14 -53.41 -16.92
N PRO D 810 6.33 -53.52 -17.49
CA PRO D 810 7.51 -53.85 -16.68
C PRO D 810 8.05 -52.66 -15.89
N VAL D 811 8.62 -52.96 -14.73
CA VAL D 811 9.04 -51.95 -13.76
C VAL D 811 10.44 -51.46 -14.11
N GLU D 812 10.53 -50.25 -14.64
CA GLU D 812 11.82 -49.68 -15.06
C GLU D 812 12.46 -48.87 -13.92
N PHE D 813 12.70 -49.55 -12.79
CA PHE D 813 13.13 -48.83 -11.58
C PHE D 813 14.57 -48.34 -11.69
N HIS D 814 15.49 -49.17 -12.21
CA HIS D 814 16.86 -48.71 -12.44
C HIS D 814 16.85 -47.45 -13.29
N SER D 815 15.93 -47.39 -14.26
CA SER D 815 15.80 -46.23 -15.13
C SER D 815 15.47 -44.98 -14.33
N ALA D 816 14.42 -45.06 -13.49
CA ALA D 816 13.99 -43.91 -12.70
C ALA D 816 15.09 -43.41 -11.77
N VAL D 817 15.73 -44.32 -11.02
CA VAL D 817 16.79 -43.89 -10.12
C VAL D 817 17.88 -43.15 -10.90
N GLN D 818 18.14 -43.58 -12.13
CA GLN D 818 19.15 -42.90 -12.93
C GLN D 818 18.72 -41.49 -13.27
N ALA D 819 17.44 -41.31 -13.67
CA ALA D 819 16.94 -39.98 -13.98
C ALA D 819 17.03 -39.06 -12.77
N LEU D 820 16.48 -39.51 -11.63
CA LEU D 820 16.50 -38.68 -10.42
C LEU D 820 17.93 -38.31 -10.04
N THR D 821 18.88 -39.23 -10.24
CA THR D 821 20.28 -38.88 -10.01
C THR D 821 20.74 -37.83 -11.00
N ASP D 822 20.31 -37.94 -12.25
CA ASP D 822 20.61 -36.92 -13.27
C ASP D 822 20.13 -35.54 -12.84
N GLN D 823 18.89 -35.45 -12.34
CA GLN D 823 18.25 -34.22 -11.93
C GLN D 823 18.83 -33.65 -10.63
N GLY D 824 19.78 -34.34 -9.99
CA GLY D 824 20.50 -33.76 -8.87
C GLY D 824 19.91 -33.99 -7.49
N TYR D 825 19.01 -34.95 -7.33
CA TYR D 825 18.52 -35.29 -6.00
C TYR D 825 19.64 -35.89 -5.16
N ALA D 826 19.67 -35.53 -3.87
CA ALA D 826 20.83 -35.78 -3.02
C ALA D 826 20.70 -36.98 -2.10
N THR D 827 19.47 -37.34 -1.70
CA THR D 827 19.28 -38.32 -0.66
C THR D 827 18.10 -39.20 -1.02
N PHE D 828 18.31 -40.51 -1.01
CA PHE D 828 17.25 -41.48 -1.23
C PHE D 828 16.95 -42.18 0.09
N ILE D 829 15.70 -42.07 0.53
CA ILE D 829 15.26 -42.68 1.78
C ILE D 829 14.29 -43.78 1.39
N GLU D 830 14.72 -45.01 1.61
CA GLU D 830 13.85 -46.15 1.44
C GLU D 830 12.91 -46.24 2.64
N VAL D 831 11.64 -45.89 2.41
CA VAL D 831 10.63 -45.82 3.47
C VAL D 831 9.96 -47.20 3.51
N SER D 832 10.59 -48.14 4.22
CA SER D 832 10.15 -49.53 4.21
C SER D 832 10.62 -50.21 5.48
N PRO D 833 9.96 -51.30 5.88
CA PRO D 833 10.36 -52.01 7.12
C PRO D 833 11.65 -52.78 7.00
N HIS D 834 12.18 -53.00 5.79
CA HIS D 834 13.47 -53.67 5.64
C HIS D 834 14.08 -53.15 4.35
N PRO D 835 15.40 -52.91 4.31
CA PRO D 835 16.01 -52.40 3.06
C PRO D 835 15.87 -53.40 1.93
N VAL D 836 15.13 -53.02 0.91
CA VAL D 836 14.85 -53.88 -0.24
C VAL D 836 15.56 -53.40 -1.50
N LEU D 837 15.36 -52.15 -1.87
CA LEU D 837 16.01 -51.60 -3.05
C LEU D 837 17.29 -50.83 -2.72
N ALA D 838 17.53 -50.51 -1.45
CA ALA D 838 18.65 -49.65 -1.08
C ALA D 838 19.97 -50.06 -1.73
N SER D 839 20.29 -51.35 -1.73
CA SER D 839 21.57 -51.80 -2.27
C SER D 839 21.62 -51.61 -3.79
N SER D 840 20.51 -51.88 -4.47
CA SER D 840 20.46 -51.66 -5.91
C SER D 840 20.63 -50.19 -6.24
N VAL D 841 19.87 -49.31 -5.56
CA VAL D 841 20.02 -47.88 -5.73
C VAL D 841 21.47 -47.45 -5.49
N GLN D 842 22.07 -47.96 -4.40
CA GLN D 842 23.46 -47.59 -4.11
C GLN D 842 24.37 -47.97 -5.26
N GLU D 843 24.09 -49.09 -5.92
CA GLU D 843 24.90 -49.50 -7.05
C GLU D 843 24.67 -48.58 -8.24
N THR D 844 23.41 -48.21 -8.53
CA THR D 844 23.13 -47.25 -9.61
C THR D 844 23.95 -45.98 -9.43
N LEU D 845 24.04 -45.47 -8.19
CA LEU D 845 24.77 -44.23 -7.96
C LEU D 845 26.26 -44.40 -8.17
N ASP D 846 26.82 -45.58 -7.86
CA ASP D 846 28.22 -45.84 -8.15
C ASP D 846 28.49 -45.87 -9.64
N ASP D 847 27.53 -46.37 -10.44
CA ASP D 847 27.66 -46.30 -11.89
C ASP D 847 27.74 -44.86 -12.35
N ALA D 848 26.79 -44.03 -11.91
CA ALA D 848 26.81 -42.64 -12.34
C ALA D 848 27.88 -41.83 -11.62
N GLU D 849 28.78 -42.48 -10.89
CA GLU D 849 29.77 -41.84 -10.02
C GLU D 849 29.16 -40.66 -9.28
N SER D 850 28.17 -40.98 -8.45
CA SER D 850 27.41 -40.00 -7.69
C SER D 850 27.76 -40.06 -6.21
N ASP D 851 27.56 -38.93 -5.54
CA ASP D 851 27.74 -38.82 -4.11
C ASP D 851 26.42 -38.82 -3.34
N ALA D 852 25.29 -38.88 -4.06
CA ALA D 852 24.00 -39.06 -3.42
C ALA D 852 24.07 -40.20 -2.40
N ALA D 853 23.31 -40.05 -1.34
CA ALA D 853 23.33 -41.00 -0.25
C ALA D 853 22.05 -41.83 -0.25
N VAL D 854 22.14 -43.07 0.21
CA VAL D 854 20.94 -43.90 0.35
C VAL D 854 20.78 -44.32 1.81
N LEU D 855 19.53 -44.35 2.28
CA LEU D 855 19.20 -44.61 3.68
C LEU D 855 18.01 -45.55 3.78
N GLY D 856 18.03 -46.45 4.77
CA GLY D 856 16.87 -47.22 5.09
C GLY D 856 16.05 -46.53 6.17
N THR D 857 14.91 -47.14 6.51
CA THR D 857 14.16 -46.75 7.69
C THR D 857 14.27 -47.82 8.76
N LEU D 858 13.49 -48.89 8.60
CA LEU D 858 13.50 -49.98 9.60
C LEU D 858 14.25 -51.17 9.01
N GLU D 859 14.56 -52.15 9.84
CA GLU D 859 15.26 -53.38 9.38
C GLU D 859 14.71 -54.57 10.15
N ARG D 860 14.74 -55.76 9.56
CA ARG D 860 14.33 -56.96 10.33
C ARG D 860 15.20 -57.03 11.58
N ASP D 861 14.63 -57.45 12.71
CA ASP D 861 15.38 -57.45 14.00
C ASP D 861 15.79 -56.00 14.31
N ALA D 862 15.04 -55.03 13.78
CA ALA D 862 15.35 -53.60 14.01
C ALA D 862 14.12 -52.73 13.68
N GLY D 863 12.91 -53.24 13.95
CA GLY D 863 11.72 -52.40 13.77
C GLY D 863 11.47 -51.59 15.02
N ASP D 864 12.55 -51.23 15.73
CA ASP D 864 12.42 -50.54 17.03
C ASP D 864 12.63 -49.04 16.83
N ALA D 865 12.39 -48.26 17.89
CA ALA D 865 12.60 -46.81 17.81
C ALA D 865 14.10 -46.54 17.65
N ASP D 866 14.92 -47.41 18.22
CA ASP D 866 16.39 -47.19 18.18
C ASP D 866 16.84 -47.17 16.72
N ARG D 867 16.18 -47.94 15.87
CA ARG D 867 16.53 -47.99 14.43
C ARG D 867 16.08 -46.68 13.76
N PHE D 868 14.81 -46.30 13.93
CA PHE D 868 14.36 -45.01 13.38
C PHE D 868 15.28 -43.93 13.93
N LEU D 869 15.64 -44.00 15.21
CA LEU D 869 16.53 -42.96 15.70
C LEU D 869 17.84 -42.94 14.89
N THR D 870 18.42 -44.12 14.70
CA THR D 870 19.59 -44.25 13.83
C THR D 870 19.36 -43.65 12.45
N ALA D 871 18.16 -43.86 11.88
CA ALA D 871 17.86 -43.33 10.55
C ALA D 871 17.81 -41.80 10.57
N LEU D 872 17.10 -41.23 11.54
CA LEU D 872 17.15 -39.79 11.78
C LEU D 872 18.59 -39.29 11.86
N ALA D 873 19.43 -39.97 12.63
CA ALA D 873 20.83 -39.53 12.76
C ALA D 873 21.53 -39.48 11.41
N ASP D 874 21.32 -40.49 10.55
CA ASP D 874 21.98 -40.54 9.25
C ASP D 874 21.33 -39.60 8.24
N ALA D 875 20.00 -39.46 8.29
CA ALA D 875 19.36 -38.48 7.43
C ALA D 875 19.89 -37.07 7.73
N HIS D 876 19.97 -36.72 9.02
CA HIS D 876 20.53 -35.41 9.39
C HIS D 876 21.98 -35.27 8.94
N THR D 877 22.79 -36.33 9.12
CA THR D 877 24.20 -36.25 8.71
C THR D 877 24.32 -36.08 7.20
N ARG D 878 23.34 -36.55 6.43
CA ARG D 878 23.43 -36.29 4.99
C ARG D 878 22.83 -34.95 4.59
N GLY D 879 22.06 -34.32 5.47
CA GLY D 879 21.53 -33.00 5.14
C GLY D 879 20.01 -32.96 5.17
N VAL D 880 19.38 -34.08 5.51
CA VAL D 880 17.89 -34.07 5.66
C VAL D 880 17.59 -33.24 6.90
N ALA D 881 16.56 -32.42 6.83
CA ALA D 881 16.25 -31.51 7.96
C ALA D 881 15.44 -32.25 9.02
N VAL D 882 16.10 -32.76 10.04
CA VAL D 882 15.36 -33.44 11.16
C VAL D 882 14.97 -32.35 12.16
N ASP D 883 13.69 -32.22 12.48
CA ASP D 883 13.27 -31.24 13.52
C ASP D 883 13.64 -31.84 14.87
N TRP D 884 14.88 -31.62 15.31
CA TRP D 884 15.28 -32.24 16.56
C TRP D 884 14.41 -31.79 17.72
N GLU D 885 13.78 -30.62 17.65
CA GLU D 885 12.81 -30.28 18.69
C GLU D 885 11.66 -31.30 18.74
N ALA D 886 11.10 -31.65 17.59
CA ALA D 886 9.99 -32.59 17.61
C ALA D 886 10.45 -33.99 17.92
N VAL D 887 11.74 -34.26 17.78
CA VAL D 887 12.23 -35.65 17.99
C VAL D 887 12.70 -35.79 19.44
N LEU D 888 13.70 -35.00 19.83
CA LEU D 888 14.24 -35.04 21.22
C LEU D 888 13.51 -33.99 22.06
N GLY D 889 12.19 -33.87 21.90
CA GLY D 889 11.41 -32.88 22.70
C GLY D 889 12.20 -31.61 22.95
N ARG D 890 12.38 -31.26 24.22
CA ARG D 890 13.12 -30.01 24.58
C ARG D 890 13.85 -30.21 25.92
N ALA D 891 15.11 -30.62 25.87
CA ALA D 891 15.91 -30.79 27.11
C ALA D 891 16.61 -29.47 27.46
N GLY D 892 17.54 -29.49 28.42
CA GLY D 892 18.22 -28.25 28.85
C GLY D 892 19.52 -28.01 28.13
N LEU D 893 20.07 -26.79 28.26
CA LEU D 893 21.36 -26.44 27.60
C LEU D 893 22.50 -26.69 28.58
N VAL D 894 23.51 -27.47 28.17
CA VAL D 894 24.69 -27.75 29.02
C VAL D 894 25.90 -27.07 28.39
N ASP D 895 26.88 -26.74 29.21
CA ASP D 895 28.06 -26.00 28.68
C ASP D 895 29.02 -27.00 28.06
N LEU D 896 29.19 -26.95 26.75
CA LEU D 896 30.08 -27.81 26.00
C LEU D 896 31.02 -26.92 25.17
N PRO D 897 32.21 -27.43 24.84
CA PRO D 897 33.17 -26.65 24.05
C PRO D 897 32.52 -25.94 22.86
N GLY D 898 33.08 -24.80 22.44
CA GLY D 898 32.52 -24.04 21.35
C GLY D 898 32.92 -24.66 20.01
N TYR D 899 32.60 -23.94 18.96
CA TYR D 899 33.11 -24.28 17.65
C TYR D 899 34.64 -24.36 17.68
N PRO D 900 35.23 -25.34 17.06
CA PRO D 900 36.69 -25.50 17.17
C PRO D 900 37.41 -24.72 16.08
N PHE D 901 37.58 -23.42 16.32
CA PHE D 901 38.21 -22.54 15.36
C PHE D 901 39.57 -23.10 14.95
N GLN D 902 39.79 -23.14 13.64
CA GLN D 902 41.04 -23.64 13.06
C GLN D 902 41.89 -22.44 12.67
N GLY D 903 42.40 -21.77 13.69
CA GLY D 903 43.05 -20.50 13.46
C GLY D 903 44.49 -20.64 13.03
N LYS D 904 44.85 -19.84 12.03
CA LYS D 904 46.21 -19.56 11.60
C LYS D 904 46.62 -18.19 12.13
N ARG D 905 47.93 -17.94 12.21
CA ARG D 905 48.43 -16.66 12.69
C ARG D 905 48.46 -15.63 11.57
N PHE D 906 47.96 -14.42 11.85
CA PHE D 906 48.10 -13.25 11.00
C PHE D 906 48.61 -12.08 11.84
N TRP D 907 49.79 -11.57 11.52
CA TRP D 907 50.36 -10.42 12.28
C TRP D 907 51.22 -9.55 11.35
N LEU D 908 50.70 -8.40 10.94
CA LEU D 908 51.48 -7.47 10.10
C LEU D 908 52.60 -6.87 10.95
N GLN E 3 -15.32 -56.25 14.20
CA GLN E 3 -15.17 -54.82 14.48
C GLN E 3 -14.62 -54.57 15.92
N VAL E 4 -14.89 -53.42 16.51
CA VAL E 4 -14.32 -53.04 17.81
C VAL E 4 -15.40 -52.41 18.66
N GLN E 5 -15.51 -52.83 19.91
CA GLN E 5 -16.52 -52.26 20.80
C GLN E 5 -16.10 -52.41 22.25
N LEU E 6 -16.41 -51.38 23.04
CA LEU E 6 -15.98 -51.28 24.43
C LEU E 6 -17.17 -51.26 25.37
N GLN E 7 -17.10 -52.08 26.43
CA GLN E 7 -18.12 -52.10 27.47
C GLN E 7 -17.49 -52.00 28.85
N GLN E 8 -18.01 -51.07 29.64
CA GLN E 8 -17.46 -50.83 30.98
C GLN E 8 -18.55 -51.10 32.02
N TRP E 9 -18.15 -51.49 33.22
CA TRP E 9 -19.13 -51.71 34.31
C TRP E 9 -18.46 -51.31 35.62
N GLY E 10 -19.25 -51.06 36.65
CA GLY E 10 -18.67 -50.74 37.96
C GLY E 10 -19.69 -50.07 38.87
N ALA E 11 -19.39 -50.05 40.16
CA ALA E 11 -20.30 -49.40 41.13
C ALA E 11 -20.39 -47.91 40.81
N GLY E 12 -21.60 -47.42 40.55
CA GLY E 12 -21.79 -45.98 40.29
C GLY E 12 -21.85 -45.20 41.60
N LEU E 13 -22.68 -45.64 42.55
CA LEU E 13 -22.81 -44.85 43.77
C LEU E 13 -21.77 -45.22 44.83
N LEU E 14 -21.11 -44.21 45.42
CA LEU E 14 -20.02 -44.41 46.37
C LEU E 14 -20.17 -43.44 47.55
N LYS E 15 -19.59 -43.82 48.68
CA LYS E 15 -19.47 -42.88 49.77
C LYS E 15 -18.05 -42.31 49.82
N PRO E 16 -17.89 -41.11 50.38
CA PRO E 16 -16.55 -40.51 50.50
C PRO E 16 -15.54 -41.44 51.15
N SER E 17 -14.27 -41.22 50.84
CA SER E 17 -13.11 -41.96 51.32
C SER E 17 -13.10 -43.40 50.83
N GLU E 18 -14.05 -43.79 49.97
CA GLU E 18 -14.05 -45.15 49.43
C GLU E 18 -13.21 -45.21 48.15
N THR E 19 -13.43 -46.26 47.34
CA THR E 19 -12.50 -46.60 46.28
C THR E 19 -13.29 -46.95 45.03
N LEU E 20 -13.21 -46.08 44.01
CA LEU E 20 -13.90 -46.35 42.77
C LEU E 20 -13.25 -47.52 42.06
N SER E 21 -14.08 -48.38 41.46
CA SER E 21 -13.56 -49.54 40.73
C SER E 21 -14.44 -49.77 39.52
N LEU E 22 -13.92 -49.46 38.34
CA LEU E 22 -14.57 -49.77 37.07
C LEU E 22 -13.65 -50.63 36.24
N THR E 23 -14.24 -51.44 35.39
CA THR E 23 -13.45 -52.21 34.46
C THR E 23 -14.10 -52.07 33.09
N CYS E 24 -13.28 -52.27 32.05
CA CYS E 24 -13.68 -52.14 30.65
C CYS E 24 -13.30 -53.41 29.91
N ALA E 25 -14.19 -53.86 29.03
CA ALA E 25 -13.92 -55.07 28.22
C ALA E 25 -13.84 -54.68 26.75
N VAL E 26 -12.79 -55.14 26.07
CA VAL E 26 -12.59 -54.80 24.63
C VAL E 26 -13.04 -56.00 23.79
N TYR E 27 -13.90 -55.74 22.80
CA TYR E 27 -14.43 -56.86 21.98
C TYR E 27 -13.98 -56.68 20.52
N GLY E 28 -13.34 -57.71 19.96
CA GLY E 28 -12.98 -57.68 18.53
C GLY E 28 -11.67 -56.98 18.27
N GLY E 29 -11.30 -56.06 19.15
CA GLY E 29 -10.09 -55.24 18.90
C GLY E 29 -8.80 -56.00 19.14
N SER E 30 -7.68 -55.34 18.93
CA SER E 30 -6.37 -55.97 19.21
C SER E 30 -5.82 -55.34 20.48
N PHE E 31 -6.21 -55.85 21.65
CA PHE E 31 -5.78 -55.24 22.94
C PHE E 31 -4.29 -54.93 22.85
N SER E 32 -3.55 -55.72 22.06
CA SER E 32 -2.09 -55.54 21.96
C SER E 32 -1.76 -54.36 21.04
N GLY E 33 -0.98 -53.41 21.52
CA GLY E 33 -0.52 -52.33 20.63
C GLY E 33 -1.31 -51.04 20.75
N TYR E 34 -2.36 -51.03 21.57
CA TYR E 34 -3.12 -49.79 21.73
C TYR E 34 -3.10 -49.42 23.20
N TYR E 35 -3.45 -48.18 23.54
CA TYR E 35 -3.21 -47.67 24.88
C TYR E 35 -4.53 -47.41 25.61
N TRP E 36 -4.99 -48.44 26.34
CA TRP E 36 -6.33 -48.42 26.93
C TRP E 36 -6.39 -47.43 28.08
N SER E 37 -7.39 -46.54 28.05
CA SER E 37 -7.33 -45.27 28.76
C SER E 37 -8.64 -44.94 29.45
N TRP E 38 -8.52 -44.27 30.61
CA TRP E 38 -9.67 -43.74 31.34
C TRP E 38 -9.70 -42.22 31.25
N ILE E 39 -10.89 -41.67 30.98
CA ILE E 39 -11.13 -40.25 30.78
C ILE E 39 -12.42 -39.90 31.50
N ARG E 40 -12.34 -39.06 32.52
CA ARG E 40 -13.56 -38.66 33.22
C ARG E 40 -14.04 -37.31 32.72
N GLN E 41 -15.28 -37.02 33.02
CA GLN E 41 -15.90 -35.76 32.61
C GLN E 41 -16.84 -35.33 33.71
N PRO E 42 -16.41 -34.41 34.58
CA PRO E 42 -17.33 -33.84 35.59
C PRO E 42 -18.54 -33.22 34.93
N PRO E 43 -19.62 -32.98 35.68
CA PRO E 43 -20.90 -32.70 35.02
C PRO E 43 -20.85 -31.42 34.20
N GLY E 44 -21.21 -31.54 32.92
CA GLY E 44 -21.27 -30.41 32.01
C GLY E 44 -19.94 -29.74 31.71
N LYS E 45 -18.84 -30.28 32.23
CA LYS E 45 -17.53 -29.70 32.06
C LYS E 45 -16.76 -30.37 30.91
N GLY E 46 -15.53 -29.88 30.70
CA GLY E 46 -14.61 -30.56 29.81
C GLY E 46 -14.09 -31.84 30.41
N LEU E 47 -13.66 -32.72 29.51
CA LEU E 47 -13.11 -34.02 29.88
C LEU E 47 -11.72 -33.86 30.48
N GLU E 48 -11.32 -34.88 31.23
CA GLU E 48 -10.06 -34.86 31.95
C GLU E 48 -9.47 -36.27 31.90
N TRP E 49 -8.25 -36.38 31.37
CA TRP E 49 -7.57 -37.64 31.16
C TRP E 49 -7.04 -38.18 32.49
N ILE E 50 -7.37 -39.44 32.80
CA ILE E 50 -6.89 -40.10 34.02
C ILE E 50 -5.61 -40.88 33.77
N GLY E 51 -5.65 -41.86 32.89
CA GLY E 51 -4.44 -42.62 32.68
C GLY E 51 -4.63 -43.60 31.55
N GLU E 52 -3.66 -44.49 31.42
CA GLU E 52 -3.64 -45.41 30.30
C GLU E 52 -2.79 -46.61 30.68
N ILE E 53 -3.00 -47.72 29.97
CA ILE E 53 -2.12 -48.87 30.10
C ILE E 53 -2.19 -49.67 28.80
N ASN E 54 -1.04 -50.18 28.39
CA ASN E 54 -0.96 -51.06 27.24
C ASN E 54 -1.04 -52.53 27.67
N HIS E 55 -1.11 -53.42 26.69
CA HIS E 55 -1.23 -54.84 26.98
C HIS E 55 -0.03 -55.39 27.75
N SER E 56 1.04 -54.63 27.90
CA SER E 56 2.21 -55.12 28.62
C SER E 56 2.19 -54.82 30.11
N GLY E 57 1.45 -53.79 30.56
CA GLY E 57 1.49 -53.34 31.93
C GLY E 57 2.09 -51.95 32.14
N SER E 58 2.81 -51.43 31.15
CA SER E 58 3.28 -50.04 31.19
C SER E 58 2.13 -49.10 31.44
N THR E 59 2.28 -48.25 32.45
CA THR E 59 1.24 -47.29 32.81
C THR E 59 1.72 -45.87 32.59
N ASN E 60 0.77 -44.95 32.73
CA ASN E 60 1.01 -43.51 32.65
C ASN E 60 -0.19 -42.85 33.28
N TYR E 61 0.00 -42.09 34.35
CA TYR E 61 -1.10 -41.46 35.06
C TYR E 61 -1.00 -39.95 35.00
N ASN E 62 -2.14 -39.31 34.94
CA ASN E 62 -2.20 -37.87 35.14
C ASN E 62 -1.60 -37.53 36.50
N PRO E 63 -0.61 -36.64 36.57
CA PRO E 63 -0.04 -36.28 37.89
C PRO E 63 -1.07 -35.71 38.87
N SER E 64 -2.14 -35.13 38.35
CA SER E 64 -3.18 -34.53 39.23
C SER E 64 -3.87 -35.60 40.07
N LEU E 65 -3.76 -36.88 39.70
CA LEU E 65 -4.52 -37.92 40.44
C LEU E 65 -3.61 -39.11 40.73
N LYS E 66 -2.42 -39.15 40.14
CA LYS E 66 -1.52 -40.32 40.30
C LYS E 66 -1.55 -40.83 41.73
N SER E 67 -1.44 -39.93 42.71
CA SER E 67 -1.35 -40.36 44.12
C SER E 67 -2.48 -41.30 44.52
N ARG E 68 -3.62 -41.29 43.81
CA ARG E 68 -4.76 -42.12 44.28
C ARG E 68 -5.41 -42.89 43.13
N VAL E 69 -4.63 -43.27 42.11
CA VAL E 69 -5.24 -43.98 40.94
C VAL E 69 -4.39 -45.20 40.59
N THR E 70 -5.04 -46.26 40.12
CA THR E 70 -4.29 -47.47 39.68
C THR E 70 -5.08 -48.15 38.57
N ILE E 71 -4.44 -48.38 37.42
CA ILE E 71 -5.10 -49.06 36.31
C ILE E 71 -4.29 -50.30 35.98
N SER E 72 -4.99 -51.31 35.45
CA SER E 72 -4.44 -52.65 35.34
C SER E 72 -5.04 -53.34 34.13
N VAL E 73 -4.30 -54.33 33.60
CA VAL E 73 -4.76 -55.15 32.50
C VAL E 73 -4.79 -56.61 32.91
N ASP E 74 -5.73 -57.33 32.31
CA ASP E 74 -5.70 -58.79 32.30
C ASP E 74 -5.70 -59.20 30.84
N THR E 75 -4.55 -59.69 30.36
CA THR E 75 -4.42 -60.01 28.93
C THR E 75 -5.18 -61.28 28.56
N SER E 76 -5.34 -62.24 29.49
CA SER E 76 -6.13 -63.42 29.15
C SER E 76 -7.65 -63.19 29.20
N LYS E 77 -8.10 -62.16 29.94
CA LYS E 77 -9.49 -61.70 29.88
C LYS E 77 -9.76 -60.62 28.85
N ASN E 78 -8.71 -59.97 28.29
CA ASN E 78 -8.88 -58.83 27.36
C ASN E 78 -9.54 -57.63 28.04
N GLN E 79 -9.19 -57.38 29.31
CA GLN E 79 -9.90 -56.41 30.13
C GLN E 79 -8.91 -55.50 30.85
N PHE E 80 -9.39 -54.31 31.18
CA PHE E 80 -8.56 -53.34 31.88
C PHE E 80 -9.45 -52.52 32.78
N SER E 81 -8.86 -51.97 33.84
CA SER E 81 -9.68 -51.51 34.96
C SER E 81 -9.03 -50.32 35.66
N LEU E 82 -9.89 -49.53 36.32
CA LEU E 82 -9.53 -48.31 37.04
C LEU E 82 -9.87 -48.49 38.52
N LYS E 83 -8.92 -48.14 39.38
CA LYS E 83 -9.16 -48.03 40.83
C LYS E 83 -8.76 -46.62 41.26
N LEU E 84 -9.67 -45.94 41.98
CA LEU E 84 -9.49 -44.54 42.39
C LEU E 84 -9.75 -44.40 43.89
N SER E 85 -8.69 -44.19 44.69
CA SER E 85 -8.81 -44.21 46.15
C SER E 85 -9.31 -42.87 46.68
N SER E 86 -9.72 -42.91 47.96
CA SER E 86 -10.06 -41.73 48.77
C SER E 86 -10.99 -40.78 48.02
N VAL E 87 -12.03 -41.35 47.39
CA VAL E 87 -12.92 -40.55 46.58
C VAL E 87 -13.56 -39.40 47.37
N THR E 88 -14.08 -38.45 46.63
CA THR E 88 -14.63 -37.22 47.16
C THR E 88 -15.71 -36.77 46.19
N ALA E 89 -16.53 -35.81 46.61
CA ALA E 89 -17.55 -35.28 45.70
C ALA E 89 -16.94 -34.57 44.51
N ALA E 90 -15.63 -34.30 44.53
CA ALA E 90 -14.94 -33.83 43.34
C ALA E 90 -14.95 -34.89 42.24
N ASP E 91 -14.91 -36.16 42.64
CA ASP E 91 -14.75 -37.23 41.69
C ASP E 91 -16.05 -37.62 40.99
N THR E 92 -17.17 -37.05 41.43
CA THR E 92 -18.44 -37.22 40.73
C THR E 92 -18.30 -36.85 39.27
N ALA E 93 -18.37 -37.84 38.38
CA ALA E 93 -18.17 -37.62 36.96
C ALA E 93 -18.70 -38.81 36.18
N VAL E 94 -18.75 -38.65 34.85
CA VAL E 94 -19.02 -39.74 33.93
C VAL E 94 -17.69 -40.32 33.47
N TYR E 95 -17.37 -41.50 33.95
CA TYR E 95 -16.04 -42.11 33.65
C TYR E 95 -16.12 -42.90 32.35
N TYR E 96 -15.19 -42.64 31.43
CA TYR E 96 -15.23 -43.29 30.10
C TYR E 96 -13.96 -44.09 29.86
N CYS E 97 -14.08 -45.28 29.25
CA CYS E 97 -12.88 -46.05 28.86
C CYS E 97 -12.72 -45.85 27.36
N ALA E 98 -11.49 -45.77 26.85
CA ALA E 98 -11.33 -45.47 25.41
C ALA E 98 -10.04 -46.04 24.81
N ARG E 99 -10.01 -46.17 23.48
CA ARG E 99 -8.82 -46.74 22.79
C ARG E 99 -7.91 -45.60 22.33
N GLY E 100 -6.66 -45.59 22.79
CA GLY E 100 -5.70 -44.54 22.41
C GLY E 100 -4.81 -45.04 21.30
N ARG E 101 -4.69 -44.26 20.22
CA ARG E 101 -3.80 -44.65 19.11
C ARG E 101 -2.40 -44.16 19.47
N GLY E 102 -1.76 -44.86 20.42
CA GLY E 102 -0.43 -44.45 20.89
C GLY E 102 -0.52 -43.89 22.28
N SER E 103 0.60 -43.88 23.01
CA SER E 103 0.60 -43.26 24.33
C SER E 103 0.02 -41.85 24.28
N SER E 104 -0.86 -41.53 25.24
CA SER E 104 -1.43 -40.19 25.42
C SER E 104 -1.74 -39.53 24.08
N SER E 105 -2.67 -40.16 23.36
CA SER E 105 -2.93 -39.77 21.98
C SER E 105 -4.37 -39.37 21.79
N SER E 106 -4.84 -39.39 20.53
CA SER E 106 -6.26 -39.26 20.21
C SER E 106 -7.00 -40.59 20.46
N PHE E 107 -8.31 -40.48 20.69
CA PHE E 107 -9.16 -41.61 21.06
C PHE E 107 -10.27 -41.79 20.01
N ASP E 108 -10.28 -42.97 19.35
CA ASP E 108 -11.29 -43.29 18.33
C ASP E 108 -12.48 -44.07 18.87
N TYR E 109 -12.26 -45.22 19.51
CA TYR E 109 -13.32 -46.05 20.08
C TYR E 109 -13.47 -45.76 21.58
N TRP E 110 -14.72 -45.58 22.02
CA TRP E 110 -15.03 -45.16 23.39
C TRP E 110 -16.08 -46.07 24.03
N GLY E 111 -15.92 -46.31 25.33
CA GLY E 111 -16.96 -46.96 26.11
C GLY E 111 -18.23 -46.13 26.19
N GLN E 112 -19.30 -46.74 26.68
CA GLN E 112 -20.57 -46.03 26.75
C GLN E 112 -20.61 -45.02 27.89
N GLY E 113 -19.67 -45.06 28.82
CA GLY E 113 -19.70 -44.16 29.97
C GLY E 113 -20.39 -44.73 31.20
N THR E 114 -19.75 -44.57 32.37
CA THR E 114 -20.30 -44.98 33.66
C THR E 114 -20.43 -43.75 34.55
N LEU E 115 -21.67 -43.37 34.89
CA LEU E 115 -21.87 -42.27 35.84
C LEU E 115 -21.45 -42.72 37.24
N VAL E 116 -20.50 -42.01 37.83
CA VAL E 116 -19.97 -42.35 39.14
C VAL E 116 -20.31 -41.18 40.08
N THR E 117 -21.18 -41.44 41.05
CA THR E 117 -21.66 -40.37 41.93
C THR E 117 -21.18 -40.62 43.36
N VAL E 118 -20.36 -39.70 43.88
CA VAL E 118 -19.83 -39.83 45.22
C VAL E 118 -20.65 -38.89 46.09
N SER E 119 -21.48 -39.48 46.96
CA SER E 119 -22.30 -38.75 47.91
C SER E 119 -22.22 -39.46 49.25
N SER E 120 -22.93 -38.90 50.26
CA SER E 120 -23.08 -39.54 51.56
C SER E 120 -24.54 -39.35 51.99
N ALA E 121 -25.44 -40.03 51.30
CA ALA E 121 -26.87 -39.86 51.53
C ALA E 121 -27.51 -41.23 51.35
N SER E 122 -27.95 -41.82 52.46
CA SER E 122 -28.70 -43.07 52.39
C SER E 122 -29.95 -42.86 51.55
N THR E 123 -30.31 -43.89 50.78
CA THR E 123 -31.34 -43.73 49.76
C THR E 123 -32.69 -43.37 50.37
N LYS E 124 -33.11 -42.13 50.17
CA LYS E 124 -34.39 -41.61 50.63
C LYS E 124 -35.36 -41.63 49.44
N GLY E 125 -36.63 -41.38 49.70
CA GLY E 125 -37.63 -41.46 48.66
C GLY E 125 -38.40 -40.16 48.50
N PRO E 126 -38.90 -39.90 47.29
CA PRO E 126 -39.41 -38.56 46.99
C PRO E 126 -40.64 -38.20 47.81
N SER E 127 -40.85 -36.91 48.00
CA SER E 127 -42.10 -36.36 48.52
C SER E 127 -42.69 -35.48 47.41
N VAL E 128 -43.86 -35.88 46.89
CA VAL E 128 -44.49 -35.23 45.73
C VAL E 128 -45.62 -34.31 46.19
N PHE E 129 -45.53 -33.02 45.84
CA PHE E 129 -46.50 -31.99 46.21
C PHE E 129 -47.08 -31.32 44.97
N TYR E 152 -35.17 -36.92 47.20
CA TYR E 152 -35.09 -38.29 46.64
C TYR E 152 -33.64 -38.60 46.27
N PHE E 153 -33.18 -39.82 46.58
CA PHE E 153 -31.78 -40.21 46.27
C PHE E 153 -31.73 -41.75 46.27
N PRO E 154 -30.89 -42.41 45.43
CA PRO E 154 -30.22 -41.78 44.28
C PRO E 154 -31.13 -41.02 43.31
N GLU E 155 -30.62 -40.68 42.11
CA GLU E 155 -31.40 -39.81 41.20
C GLU E 155 -31.82 -40.48 39.90
N PRO E 156 -32.62 -41.55 39.89
CA PRO E 156 -33.18 -42.08 38.66
C PRO E 156 -34.71 -41.97 38.79
N VAL E 157 -35.19 -40.81 39.25
CA VAL E 157 -36.67 -40.60 39.45
C VAL E 157 -37.34 -40.33 38.10
N THR E 158 -38.55 -40.85 37.90
CA THR E 158 -39.27 -40.69 36.62
C THR E 158 -40.67 -40.15 36.90
N VAL E 159 -41.21 -39.32 36.00
CA VAL E 159 -42.59 -38.80 36.16
C VAL E 159 -43.30 -38.84 34.80
N HIS E 171 -42.65 -30.84 30.15
CA HIS E 171 -41.35 -30.30 30.54
C HIS E 171 -40.96 -30.79 31.93
N THR E 172 -40.39 -32.00 32.02
CA THR E 172 -39.81 -32.48 33.27
C THR E 172 -38.39 -31.95 33.39
N PHE E 173 -38.17 -31.07 34.35
CA PHE E 173 -36.87 -30.44 34.48
C PHE E 173 -35.82 -31.43 34.96
N PRO E 174 -34.56 -31.23 34.59
CA PRO E 174 -33.48 -31.97 35.23
C PRO E 174 -33.47 -31.67 36.73
N ALA E 175 -33.11 -32.70 37.49
CA ALA E 175 -33.03 -32.58 38.94
C ALA E 175 -31.97 -31.54 39.33
N VAL E 176 -31.93 -31.23 40.61
CA VAL E 176 -30.98 -30.26 41.16
C VAL E 176 -30.73 -30.63 42.60
N LEU E 177 -29.47 -30.57 43.01
CA LEU E 177 -29.05 -30.98 44.34
C LEU E 177 -29.20 -29.83 45.32
N GLN E 178 -29.82 -30.12 46.47
CA GLN E 178 -29.89 -29.17 47.57
C GLN E 178 -28.71 -29.33 48.50
N SER E 179 -28.52 -28.35 49.39
CA SER E 179 -27.50 -28.47 50.42
C SER E 179 -27.75 -29.68 51.30
N SER E 180 -29.02 -30.06 51.47
CA SER E 180 -29.34 -31.27 52.22
C SER E 180 -28.67 -32.51 51.62
N GLY E 181 -28.50 -32.55 50.30
CA GLY E 181 -27.96 -33.71 49.64
C GLY E 181 -28.96 -34.48 48.82
N LEU E 182 -30.19 -33.98 48.75
CA LEU E 182 -31.29 -34.69 48.11
C LEU E 182 -31.74 -33.93 46.87
N TYR E 183 -31.99 -34.66 45.80
CA TYR E 183 -32.41 -34.03 44.55
C TYR E 183 -33.86 -33.55 44.66
N SER E 184 -34.12 -32.42 43.99
CA SER E 184 -35.51 -31.93 43.89
C SER E 184 -35.80 -31.77 42.40
N LEU E 185 -37.04 -32.02 41.98
CA LEU E 185 -37.35 -31.96 40.52
C LEU E 185 -38.61 -31.12 40.29
N CYS E 203 -49.86 -37.56 37.71
CA CYS E 203 -48.43 -37.73 37.48
C CYS E 203 -47.95 -38.98 38.20
N ASN E 204 -47.25 -39.84 37.48
CA ASN E 204 -46.83 -41.16 37.98
C ASN E 204 -45.35 -41.12 38.36
N VAL E 205 -45.06 -40.43 39.47
CA VAL E 205 -43.71 -40.43 40.01
C VAL E 205 -43.32 -41.87 40.36
N ASN E 206 -42.07 -42.23 40.10
CA ASN E 206 -41.62 -43.60 40.35
C ASN E 206 -40.14 -43.54 40.70
N HIS E 207 -39.82 -43.66 41.99
CA HIS E 207 -38.44 -43.73 42.45
C HIS E 207 -38.09 -45.20 42.59
N LYS E 208 -37.44 -45.73 41.56
CA LYS E 208 -36.94 -47.09 41.59
C LYS E 208 -36.16 -47.35 42.88
N PRO E 209 -35.00 -46.68 43.15
CA PRO E 209 -34.12 -47.16 44.22
C PRO E 209 -34.73 -47.14 45.62
N SER E 210 -35.98 -46.66 45.70
CA SER E 210 -36.66 -46.55 47.02
C SER E 210 -38.03 -47.22 46.92
N ASN E 211 -38.26 -47.96 45.83
CA ASN E 211 -39.56 -48.64 45.64
C ASN E 211 -40.67 -47.67 46.06
N THR E 212 -40.72 -46.51 45.41
CA THR E 212 -41.76 -45.50 45.73
C THR E 212 -42.51 -45.14 44.44
N LYS E 213 -43.81 -44.89 44.54
CA LYS E 213 -44.63 -44.53 43.35
C LYS E 213 -45.84 -43.73 43.80
N VAL E 214 -45.64 -42.45 44.17
CA VAL E 214 -46.75 -41.61 44.69
C VAL E 214 -47.93 -41.64 43.72
N ASP E 215 -47.65 -41.69 42.42
CA ASP E 215 -48.73 -41.69 41.39
C ASP E 215 -49.87 -40.75 41.83
N LYS E 216 -49.52 -39.52 42.20
CA LYS E 216 -50.55 -38.56 42.70
C LYS E 216 -50.79 -37.48 41.64
N LYS E 217 -51.95 -36.84 41.65
CA LYS E 217 -52.25 -35.75 40.70
C LYS E 217 -53.24 -34.78 41.36
N GLU F 17 0.09 -27.86 33.56
CA GLU F 17 -0.74 -28.43 32.47
C GLU F 17 -1.02 -27.37 31.40
N THR F 18 -1.09 -27.77 30.14
CA THR F 18 -1.42 -26.83 29.04
C THR F 18 -2.93 -26.59 29.04
N THR F 19 -3.36 -25.35 28.86
CA THR F 19 -4.81 -25.03 28.94
C THR F 19 -5.38 -24.79 27.55
N LEU F 20 -6.56 -25.33 27.27
CA LEU F 20 -7.23 -25.10 25.97
C LEU F 20 -8.47 -24.26 26.21
N THR F 21 -8.54 -23.08 25.61
CA THR F 21 -9.71 -22.18 25.77
C THR F 21 -10.47 -22.15 24.45
N GLN F 22 -11.70 -22.65 24.43
CA GLN F 22 -12.49 -22.71 23.22
C GLN F 22 -13.29 -21.43 23.05
N SER F 23 -13.66 -21.16 21.81
CA SER F 23 -14.34 -19.93 21.52
C SER F 23 -15.20 -20.14 20.27
N PRO F 24 -16.44 -19.62 20.26
CA PRO F 24 -17.11 -18.87 21.34
C PRO F 24 -17.67 -19.78 22.43
N GLY F 25 -18.25 -19.22 23.48
CA GLY F 25 -18.97 -20.05 24.42
C GLY F 25 -19.98 -20.92 23.70
N THR F 26 -21.02 -20.31 23.14
CA THR F 26 -22.06 -21.11 22.49
C THR F 26 -22.47 -20.42 21.19
N LEU F 27 -21.88 -20.87 20.10
CA LEU F 27 -22.22 -20.35 18.79
C LEU F 27 -23.60 -20.86 18.37
N SER F 28 -24.56 -19.95 18.18
CA SER F 28 -25.85 -20.33 17.62
C SER F 28 -25.90 -19.99 16.13
N LEU F 29 -26.48 -20.89 15.35
CA LEU F 29 -26.74 -20.73 13.92
C LEU F 29 -27.90 -21.66 13.55
N SER F 30 -28.14 -21.80 12.25
CA SER F 30 -29.24 -22.60 11.72
C SER F 30 -28.71 -23.57 10.67
N PRO F 31 -29.51 -24.58 10.31
CA PRO F 31 -29.02 -25.59 9.35
C PRO F 31 -28.65 -24.96 8.01
N GLY F 32 -27.47 -25.32 7.52
CA GLY F 32 -26.95 -24.76 6.28
C GLY F 32 -25.82 -23.79 6.50
N GLU F 33 -25.91 -22.97 7.55
CA GLU F 33 -24.88 -21.98 7.83
C GLU F 33 -23.51 -22.65 8.07
N ARG F 34 -22.46 -21.84 8.01
CA ARG F 34 -21.10 -22.32 8.21
C ARG F 34 -20.66 -21.98 9.63
N ALA F 35 -20.31 -23.03 10.40
CA ALA F 35 -19.90 -22.88 11.80
C ALA F 35 -18.38 -22.97 11.91
N THR F 36 -17.78 -21.96 12.55
CA THR F 36 -16.34 -21.87 12.71
C THR F 36 -16.02 -21.89 14.20
N LEU F 37 -15.43 -22.99 14.66
CA LEU F 37 -15.16 -23.23 16.08
C LEU F 37 -13.67 -23.11 16.33
N SER F 38 -13.31 -22.29 17.30
CA SER F 38 -11.91 -21.95 17.54
C SER F 38 -11.45 -22.46 18.90
N CYS F 39 -10.13 -22.51 19.08
CA CYS F 39 -9.53 -23.17 20.24
C CYS F 39 -8.13 -22.61 20.42
N ARG F 40 -7.86 -21.96 21.56
CA ARG F 40 -6.57 -21.34 21.82
C ARG F 40 -5.84 -22.06 22.94
N ALA F 41 -4.60 -22.48 22.67
CA ALA F 41 -3.80 -23.13 23.69
C ALA F 41 -2.94 -22.13 24.45
N SER F 42 -2.67 -22.46 25.73
CA SER F 42 -1.86 -21.66 26.63
C SER F 42 -0.38 -21.62 26.24
N GLN F 43 0.00 -22.35 25.22
CA GLN F 43 1.37 -22.42 24.74
C GLN F 43 1.32 -23.12 23.40
N SER F 44 2.41 -23.02 22.64
CA SER F 44 2.40 -23.59 21.31
C SER F 44 2.43 -25.11 21.39
N VAL F 45 1.66 -25.77 20.53
CA VAL F 45 1.66 -27.22 20.44
C VAL F 45 1.79 -27.61 18.97
N SER F 46 2.67 -28.59 18.72
CA SER F 46 2.82 -29.17 17.38
C SER F 46 1.46 -29.52 16.80
N SER F 47 1.30 -29.34 15.50
CA SER F 47 0.00 -29.63 14.91
C SER F 47 -0.32 -31.10 14.94
N TYR F 48 0.70 -31.96 15.06
CA TYR F 48 0.50 -33.41 15.06
C TYR F 48 -0.30 -33.92 16.26
N TYR F 49 -0.39 -33.12 17.33
CA TYR F 49 -0.98 -33.47 18.60
C TYR F 49 -2.15 -32.57 18.95
N LEU F 50 -3.03 -32.28 18.00
CA LEU F 50 -4.29 -31.63 18.34
C LEU F 50 -5.45 -32.44 17.76
N ALA F 51 -6.61 -32.42 18.44
CA ALA F 51 -7.76 -33.23 18.02
C ALA F 51 -9.09 -32.55 18.35
N TRP F 52 -10.12 -32.91 17.58
CA TRP F 52 -11.48 -32.38 17.71
C TRP F 52 -12.50 -33.51 17.89
N TYR F 53 -13.43 -33.32 18.83
CA TYR F 53 -14.44 -34.32 19.11
C TYR F 53 -15.82 -33.70 19.10
N GLN F 54 -16.79 -34.51 18.69
CA GLN F 54 -18.21 -34.21 18.80
C GLN F 54 -18.79 -35.05 19.94
N GLN F 55 -19.76 -34.49 20.66
CA GLN F 55 -20.41 -35.22 21.75
C GLN F 55 -21.90 -34.94 21.70
N LYS F 56 -22.66 -35.81 21.05
CA LYS F 56 -24.11 -35.74 21.18
C LYS F 56 -24.48 -36.00 22.64
N PRO F 57 -25.64 -35.50 23.11
CA PRO F 57 -25.87 -35.43 24.57
C PRO F 57 -26.12 -36.81 25.17
N GLY F 58 -25.53 -37.05 26.35
CA GLY F 58 -25.67 -38.32 27.03
C GLY F 58 -25.04 -39.48 26.30
N GLN F 59 -24.25 -39.21 25.26
CA GLN F 59 -23.38 -40.20 24.63
C GLN F 59 -21.92 -39.85 24.92
N ALA F 60 -21.05 -40.69 24.38
CA ALA F 60 -19.61 -40.54 24.46
C ALA F 60 -19.10 -39.59 23.37
N PRO F 61 -17.89 -39.09 23.51
CA PRO F 61 -17.28 -38.30 22.44
C PRO F 61 -16.98 -39.14 21.21
N ARG F 62 -17.10 -38.51 20.05
CA ARG F 62 -16.77 -39.12 18.76
C ARG F 62 -15.67 -38.32 18.09
N LEU F 63 -14.57 -39.00 17.76
CA LEU F 63 -13.40 -38.36 17.17
C LEU F 63 -13.73 -37.82 15.78
N LEU F 64 -13.41 -36.55 15.54
CA LEU F 64 -13.61 -35.92 14.23
C LEU F 64 -12.29 -35.62 13.52
N MET F 65 -11.39 -34.87 14.17
CA MET F 65 -10.09 -34.48 13.65
C MET F 65 -9.01 -35.09 14.54
N TYR F 66 -7.95 -35.66 13.96
CA TYR F 66 -6.72 -35.90 14.71
C TYR F 66 -5.56 -35.23 13.97
N GLY F 67 -4.46 -34.97 14.69
CA GLY F 67 -3.34 -34.23 14.12
C GLY F 67 -3.76 -32.92 13.46
N ALA F 68 -4.62 -32.17 14.16
CA ALA F 68 -5.10 -30.85 13.76
C ALA F 68 -6.01 -30.90 12.56
N SER F 69 -5.62 -31.59 11.49
CA SER F 69 -6.27 -31.40 10.20
C SER F 69 -6.71 -32.70 9.54
N ASN F 70 -6.39 -33.86 10.11
CA ASN F 70 -6.69 -35.13 9.47
C ASN F 70 -8.06 -35.65 9.87
N ARG F 71 -8.92 -35.87 8.89
CA ARG F 71 -10.27 -36.31 9.15
C ARG F 71 -10.28 -37.77 9.53
N ALA F 72 -11.02 -38.09 10.60
CA ALA F 72 -11.15 -39.48 11.01
C ALA F 72 -12.04 -40.23 10.02
N THR F 73 -11.73 -41.52 9.86
CA THR F 73 -12.50 -42.36 8.92
C THR F 73 -13.99 -42.31 9.26
N GLY F 74 -14.82 -42.12 8.25
CA GLY F 74 -16.26 -42.05 8.42
C GLY F 74 -16.82 -40.67 8.71
N ILE F 75 -15.99 -39.64 8.80
CA ILE F 75 -16.45 -38.31 9.15
C ILE F 75 -16.74 -37.57 7.84
N PRO F 76 -17.94 -37.01 7.67
CA PRO F 76 -18.27 -36.30 6.41
C PRO F 76 -17.23 -35.23 6.08
N ASP F 77 -17.00 -35.01 4.79
CA ASP F 77 -15.94 -34.10 4.41
C ASP F 77 -16.23 -32.63 4.75
N ARG F 78 -17.42 -32.31 5.26
CA ARG F 78 -17.73 -30.91 5.55
C ARG F 78 -17.02 -30.42 6.81
N PHE F 79 -16.59 -31.37 7.63
CA PHE F 79 -15.83 -31.00 8.84
C PHE F 79 -14.39 -30.73 8.40
N SER F 80 -13.91 -29.51 8.63
CA SER F 80 -12.53 -29.14 8.26
C SER F 80 -11.77 -28.68 9.49
N GLY F 81 -10.53 -29.16 9.66
CA GLY F 81 -9.71 -28.72 10.79
C GLY F 81 -8.48 -27.98 10.30
N SER F 82 -8.05 -26.97 11.05
CA SER F 82 -6.87 -26.16 10.65
C SER F 82 -6.28 -25.48 11.88
N GLY F 83 -5.22 -24.69 11.69
CA GLY F 83 -4.66 -23.94 12.81
C GLY F 83 -3.22 -24.33 13.09
N SER F 84 -2.51 -23.48 13.84
CA SER F 84 -1.12 -23.80 14.21
C SER F 84 -0.82 -23.22 15.59
N GLY F 85 0.36 -23.51 16.15
CA GLY F 85 0.77 -23.02 17.49
C GLY F 85 -0.24 -22.11 18.18
N THR F 86 -0.80 -22.56 19.31
CA THR F 86 -1.74 -21.73 20.13
C THR F 86 -3.14 -21.66 19.51
N ASP F 87 -3.26 -21.28 18.25
CA ASP F 87 -4.63 -21.08 17.72
C ASP F 87 -4.96 -22.15 16.67
N PHE F 88 -5.95 -22.99 16.96
CA PHE F 88 -6.37 -24.03 15.99
C PHE F 88 -7.88 -23.85 15.78
N THR F 89 -8.40 -24.34 14.65
CA THR F 89 -9.83 -24.08 14.34
C THR F 89 -10.52 -25.28 13.69
N LEU F 90 -11.78 -25.54 14.07
CA LEU F 90 -12.56 -26.63 13.42
C LEU F 90 -13.68 -25.94 12.62
N THR F 91 -13.88 -26.34 11.37
CA THR F 91 -14.87 -25.61 10.53
C THR F 91 -15.81 -26.58 9.81
N ILE F 92 -17.12 -26.39 9.98
CA ILE F 92 -18.12 -27.19 9.27
C ILE F 92 -18.62 -26.34 8.10
N ALA F 93 -18.58 -26.90 6.90
CA ALA F 93 -19.10 -26.19 5.73
C ALA F 93 -20.60 -25.94 5.87
N ARG F 94 -21.40 -26.99 5.90
CA ARG F 94 -22.87 -26.82 5.94
C ARG F 94 -23.46 -27.51 7.17
N LEU F 95 -23.98 -26.73 8.11
CA LEU F 95 -24.54 -27.32 9.35
C LEU F 95 -25.73 -28.20 9.00
N GLU F 96 -25.59 -29.52 9.12
CA GLU F 96 -26.75 -30.42 8.91
C GLU F 96 -27.36 -30.68 10.29
N PRO F 97 -28.59 -31.22 10.40
CA PRO F 97 -29.22 -31.36 11.73
C PRO F 97 -28.35 -32.10 12.75
N GLU F 98 -27.83 -33.27 12.39
CA GLU F 98 -27.11 -34.10 13.37
C GLU F 98 -25.80 -33.48 13.81
N ASP F 99 -25.37 -32.36 13.21
CA ASP F 99 -24.15 -31.69 13.66
C ASP F 99 -24.37 -30.83 14.89
N PHE F 100 -25.60 -30.41 15.18
CA PHE F 100 -25.80 -29.56 16.36
C PHE F 100 -25.50 -30.37 17.60
N ALA F 101 -24.44 -30.00 18.30
CA ALA F 101 -23.91 -30.78 19.41
C ALA F 101 -22.89 -29.94 20.17
N VAL F 102 -22.07 -30.57 21.01
CA VAL F 102 -20.97 -29.86 21.66
C VAL F 102 -19.67 -30.38 21.07
N TYR F 103 -18.69 -29.48 20.95
CA TYR F 103 -17.40 -29.79 20.37
C TYR F 103 -16.28 -29.51 21.35
N PHE F 104 -15.30 -30.40 21.39
CA PHE F 104 -14.18 -30.29 22.30
C PHE F 104 -12.88 -30.41 21.54
N CYS F 105 -11.94 -29.51 21.83
CA CYS F 105 -10.58 -29.74 21.36
C CYS F 105 -9.78 -30.50 22.42
N GLN F 106 -8.67 -31.08 21.97
CA GLN F 106 -7.79 -31.87 22.82
C GLN F 106 -6.37 -31.70 22.30
N GLN F 107 -5.46 -31.22 23.16
CA GLN F 107 -4.04 -31.25 22.87
C GLN F 107 -3.45 -32.46 23.55
N TYR F 108 -2.52 -33.12 22.85
CA TYR F 108 -1.86 -34.32 23.43
C TYR F 108 -0.36 -34.24 23.13
N GLY F 109 0.20 -33.02 23.21
CA GLY F 109 1.66 -32.86 23.01
C GLY F 109 2.32 -32.54 24.34
N THR F 110 1.62 -31.86 25.23
CA THR F 110 2.17 -31.55 26.58
C THR F 110 1.90 -32.77 27.48
N SER F 111 2.88 -33.16 28.30
CA SER F 111 2.73 -34.39 29.14
C SER F 111 1.29 -34.55 29.60
N PRO F 112 0.70 -33.64 30.43
CA PRO F 112 -0.70 -33.76 30.82
C PRO F 112 -1.60 -33.56 29.58
N GLN F 113 -2.16 -34.65 29.05
CA GLN F 113 -3.10 -34.49 27.91
C GLN F 113 -4.29 -33.69 28.42
N THR F 114 -4.76 -32.70 27.66
CA THR F 114 -5.80 -31.82 28.18
C THR F 114 -6.87 -31.56 27.12
N PHE F 115 -8.05 -31.11 27.57
CA PHE F 115 -9.22 -30.93 26.71
C PHE F 115 -9.80 -29.53 26.84
N GLY F 116 -10.46 -29.07 25.76
CA GLY F 116 -11.22 -27.85 25.84
C GLY F 116 -12.38 -27.94 26.82
N GLN F 117 -12.86 -26.78 27.27
CA GLN F 117 -14.07 -26.75 28.11
C GLN F 117 -15.33 -26.97 27.30
N GLY F 118 -15.27 -26.77 25.99
CA GLY F 118 -16.38 -27.12 25.12
C GLY F 118 -17.00 -25.90 24.49
N THR F 119 -17.60 -26.10 23.31
CA THR F 119 -18.44 -25.10 22.67
C THR F 119 -19.75 -25.75 22.25
N ASN F 120 -20.86 -25.16 22.67
CA ASN F 120 -22.17 -25.58 22.22
C ASN F 120 -22.43 -25.05 20.81
N VAL F 121 -23.25 -25.77 20.03
CA VAL F 121 -23.64 -25.35 18.68
C VAL F 121 -25.15 -25.57 18.58
N GLU F 122 -25.93 -24.55 18.98
CA GLU F 122 -27.37 -24.65 19.19
C GLU F 122 -28.15 -24.23 17.94
N ILE F 123 -29.44 -24.53 17.95
CA ILE F 123 -30.34 -24.05 16.90
C ILE F 123 -30.62 -22.56 17.12
N LYS F 124 -30.51 -21.78 16.05
CA LYS F 124 -30.99 -20.40 16.04
C LYS F 124 -32.42 -20.38 15.51
N ARG F 125 -33.28 -19.65 16.21
CA ARG F 125 -34.67 -19.50 15.81
C ARG F 125 -35.10 -18.07 16.12
N THR F 126 -36.27 -17.69 15.59
CA THR F 126 -36.84 -16.40 15.90
C THR F 126 -37.12 -16.28 17.39
N VAL F 127 -36.70 -15.14 17.97
CA VAL F 127 -36.88 -14.90 19.40
C VAL F 127 -38.34 -15.11 19.77
N ALA F 128 -38.55 -15.93 20.81
CA ALA F 128 -39.91 -16.14 21.35
C ALA F 128 -39.96 -15.56 22.76
N ALA F 129 -41.00 -15.86 23.52
CA ALA F 129 -41.15 -15.23 24.85
C ALA F 129 -41.34 -16.29 25.94
N PRO F 130 -40.92 -16.01 27.20
CA PRO F 130 -40.99 -16.99 28.28
C PRO F 130 -42.40 -17.46 28.67
N SER F 131 -43.46 -16.73 28.29
CA SER F 131 -44.81 -17.13 28.76
C SER F 131 -44.69 -17.54 30.23
N CYS F 151 -41.32 -20.67 39.86
CA CYS F 151 -41.80 -19.80 38.75
C CYS F 151 -41.38 -20.38 37.40
N LEU F 152 -42.35 -20.75 36.56
CA LEU F 152 -42.03 -21.38 35.26
C LEU F 152 -41.57 -20.31 34.27
N LEU F 153 -40.89 -20.72 33.19
CA LEU F 153 -40.47 -19.75 32.14
C LEU F 153 -40.92 -20.30 30.79
N ASN F 154 -41.86 -21.24 30.79
CA ASN F 154 -42.44 -21.84 29.55
C ASN F 154 -41.39 -22.01 28.44
N ASN F 155 -41.84 -22.09 27.20
CA ASN F 155 -40.91 -22.33 26.06
C ASN F 155 -40.35 -20.98 25.60
N PHE F 156 -39.03 -20.82 25.61
CA PHE F 156 -38.48 -19.47 25.29
C PHE F 156 -37.18 -19.53 24.50
N TYR F 157 -36.84 -18.43 23.82
CA TYR F 157 -35.58 -18.33 23.05
C TYR F 157 -35.28 -16.85 22.83
N PRO F 158 -34.14 -16.33 23.31
CA PRO F 158 -32.98 -17.16 23.59
C PRO F 158 -33.04 -17.75 25.01
N ARG F 159 -32.08 -18.63 25.34
CA ARG F 159 -32.08 -19.27 26.67
C ARG F 159 -31.63 -18.23 27.71
N GLU F 160 -30.83 -17.27 27.26
CA GLU F 160 -30.35 -16.20 28.17
C GLU F 160 -31.54 -15.72 29.01
N ALA F 161 -31.36 -15.61 30.33
CA ALA F 161 -32.47 -15.19 31.21
C ALA F 161 -31.92 -14.74 32.57
N LYS F 162 -32.67 -13.89 33.28
CA LYS F 162 -32.24 -13.40 34.60
C LYS F 162 -33.39 -13.58 35.60
N GLU F 178 -31.66 -22.66 39.54
CA GLU F 178 -32.89 -22.95 38.77
C GLU F 178 -32.70 -24.22 37.94
N SER F 179 -33.61 -24.50 37.01
CA SER F 179 -33.49 -25.69 36.14
C SER F 179 -34.08 -25.39 34.75
N VAL F 180 -33.24 -25.38 33.72
CA VAL F 180 -33.73 -25.10 32.34
C VAL F 180 -33.86 -26.43 31.58
N THR F 181 -34.71 -26.47 30.54
CA THR F 181 -34.90 -27.70 29.74
C THR F 181 -34.04 -27.63 28.48
N GLU F 182 -33.55 -28.77 27.99
CA GLU F 182 -32.78 -28.78 26.77
C GLU F 182 -33.60 -28.20 25.62
N GLN F 183 -32.90 -27.79 24.55
CA GLN F 183 -33.57 -27.24 23.39
C GLN F 183 -34.50 -28.30 22.80
N ASP F 184 -35.80 -27.99 22.78
CA ASP F 184 -36.81 -28.93 22.30
C ASP F 184 -36.53 -29.35 20.85
N SER F 185 -37.14 -30.47 20.44
CA SER F 185 -36.87 -31.04 19.13
C SER F 185 -37.68 -30.38 18.02
N LYS F 186 -38.90 -29.91 18.32
CA LYS F 186 -39.73 -29.32 17.29
C LYS F 186 -39.79 -27.79 17.36
N ASP F 187 -39.68 -27.21 18.57
CA ASP F 187 -39.83 -25.73 18.74
C ASP F 187 -38.49 -25.04 19.00
N SER F 188 -37.47 -25.79 19.39
CA SER F 188 -36.14 -25.26 19.68
C SER F 188 -36.17 -24.06 20.65
N THR F 189 -36.99 -24.19 21.70
CA THR F 189 -37.00 -23.21 22.78
C THR F 189 -36.67 -23.92 24.10
N TYR F 190 -36.52 -23.10 25.15
CA TYR F 190 -36.05 -23.55 26.45
C TYR F 190 -37.13 -23.34 27.51
N SER F 191 -36.83 -23.73 28.74
CA SER F 191 -37.81 -23.60 29.85
C SER F 191 -37.08 -23.68 31.19
N LEU F 192 -36.99 -22.55 31.91
CA LEU F 192 -36.24 -22.53 33.19
C LEU F 192 -37.23 -22.70 34.35
N SER F 193 -36.73 -23.12 35.51
CA SER F 193 -37.58 -23.29 36.71
C SER F 193 -36.79 -22.86 37.94
N SER F 194 -37.11 -21.68 38.49
CA SER F 194 -36.43 -21.20 39.72
C SER F 194 -37.24 -21.63 40.95
#